data_5SJN
#
_entry.id   5SJN
#
_cell.length_a   135.272
_cell.length_b   135.272
_cell.length_c   235.070
_cell.angle_alpha   90.000
_cell.angle_beta   90.000
_cell.angle_gamma   120.000
#
_symmetry.space_group_name_H-M   'H 3'
#
loop_
_entity.id
_entity.type
_entity.pdbx_description
1 polymer "cAMP and cAMP-inhibited cGMP 3',5'-cyclic phosphodiesterase 10A"
2 non-polymer 'ZINC ION'
3 non-polymer 'MAGNESIUM ION'
4 non-polymer (4R)-6,8-dichloro-2-[2-(6,7-dimethyl-1H-benzimidazol-2-yl)ethyl]-5-methyl[1,2,4]triazolo[1,5-a]pyridine
5 water water
#
_entity_poly.entity_id   1
_entity_poly.type   'polypeptide(L)'
_entity_poly.pdbx_seq_one_letter_code
;GSSICTSEEWQGLMQFTLPVRLCKEIELFHFDIGPFENMWPGIFVYMVHRSCGTSCFELEKL(CME)RFIMSVKKNYRRV
PYHNWKHAVTVAHCMYAILQNNHTLFTDLERKGLLIACLCHDLDHRGFSNSYLQKFDHPLAALYSTSTMEQHHFSQTVSI
LQLEGHNIFSTLSSSEYEQVLEIIRKAIIATDLALYFGNRKQLEEMYQTGSLNLNNQSHRDRVIGLMMTACDLCSVTKLW
PVTKLTANDIYAEFWAEGDEMKKLGIQPIPMMDRDKKDEVPQGQLGFYNAVAIPCYTTLTQILPPTEPLLKACRDNLSQW
EKVIRGEETATWISSPSVAQKAAASED
;
_entity_poly.pdbx_strand_id   A,B,C,D
#
loop_
_chem_comp.id
_chem_comp.type
_chem_comp.name
_chem_comp.formula
K7O non-polymer (4R)-6,8-dichloro-2-[2-(6,7-dimethyl-1H-benzimidazol-2-yl)ethyl]-5-methyl[1,2,4]triazolo[1,5-a]pyridine 'C18 H17 Cl2 N5'
MG non-polymer 'MAGNESIUM ION' 'Mg 2'
ZN non-polymer 'ZINC ION' 'Zn 2'
#
# COMPACT_ATOMS: atom_id res chain seq x y z
N LEU A 13 -2.42 -45.98 18.37
CA LEU A 13 -1.65 -44.95 17.62
C LEU A 13 -2.51 -43.77 17.17
N MET A 14 -1.87 -42.90 16.39
CA MET A 14 -2.40 -41.61 16.01
C MET A 14 -3.02 -41.63 14.61
N GLN A 15 -4.33 -41.77 14.60
CA GLN A 15 -5.13 -41.62 13.39
C GLN A 15 -5.29 -40.13 13.01
N PHE A 16 -5.18 -39.85 11.71
CA PHE A 16 -5.62 -38.56 11.20
C PHE A 16 -7.13 -38.69 10.95
N THR A 17 -7.90 -37.67 11.35
CA THR A 17 -9.34 -37.61 10.98
C THR A 17 -9.72 -36.24 10.42
N LEU A 18 -10.85 -36.17 9.75
CA LEU A 18 -11.26 -34.95 9.11
C LEU A 18 -12.66 -34.61 9.59
N PRO A 19 -13.00 -33.31 9.56
CA PRO A 19 -14.38 -32.91 9.80
C PRO A 19 -15.35 -33.73 8.96
N VAL A 20 -16.57 -33.89 9.48
CA VAL A 20 -17.57 -34.77 8.84
C VAL A 20 -17.80 -34.53 7.34
N ARG A 21 -18.07 -33.30 6.91
CA ARG A 21 -18.28 -33.11 5.48
C ARG A 21 -17.09 -33.64 4.68
N LEU A 22 -15.86 -33.41 5.14
CA LEU A 22 -14.66 -33.83 4.40
C LEU A 22 -14.48 -35.34 4.47
N CYS A 23 -14.73 -35.88 5.65
CA CYS A 23 -14.59 -37.30 5.85
C CYS A 23 -15.46 -38.06 4.84
N LYS A 24 -16.69 -37.60 4.63
CA LYS A 24 -17.62 -38.24 3.68
C LYS A 24 -17.31 -37.90 2.22
N GLU A 25 -17.12 -36.62 1.91
CA GLU A 25 -16.93 -36.20 0.53
CA GLU A 25 -16.93 -36.25 0.51
C GLU A 25 -15.54 -36.59 -0.06
N ILE A 26 -14.54 -36.83 0.80
CA ILE A 26 -13.19 -37.18 0.30
C ILE A 26 -13.18 -38.55 -0.40
N GLU A 27 -14.11 -39.43 -0.01
CA GLU A 27 -14.33 -40.72 -0.69
C GLU A 27 -14.82 -40.60 -2.11
N LEU A 28 -15.40 -39.46 -2.47
CA LEU A 28 -15.98 -39.33 -3.82
C LEU A 28 -15.01 -38.81 -4.86
N PHE A 29 -15.19 -39.18 -6.12
CA PHE A 29 -14.27 -38.77 -7.16
C PHE A 29 -14.22 -37.26 -7.38
N HIS A 30 -15.35 -36.59 -7.16
CA HIS A 30 -15.46 -35.15 -7.50
C HIS A 30 -15.05 -34.23 -6.32
N PHE A 31 -14.56 -34.78 -5.21
CA PHE A 31 -14.09 -33.98 -4.07
C PHE A 31 -13.11 -32.90 -4.49
N ASP A 32 -13.27 -31.71 -3.92
CA ASP A 32 -12.41 -30.57 -4.19
C ASP A 32 -11.73 -30.35 -2.87
N ILE A 33 -10.40 -30.22 -2.85
CA ILE A 33 -9.66 -30.20 -1.56
C ILE A 33 -9.76 -28.87 -0.79
N GLY A 34 -10.39 -27.87 -1.40
CA GLY A 34 -10.69 -26.66 -0.67
C GLY A 34 -9.60 -25.63 -0.75
N PRO A 35 -9.90 -24.39 -0.29
CA PRO A 35 -8.97 -23.30 -0.41
C PRO A 35 -8.01 -23.19 0.76
N PHE A 36 -8.07 -24.08 1.74
CA PHE A 36 -7.23 -23.94 2.92
C PHE A 36 -5.98 -24.79 2.77
N GLU A 37 -4.92 -24.14 2.28
CA GLU A 37 -3.66 -24.78 2.01
C GLU A 37 -3.20 -25.62 3.15
N ASN A 38 -3.26 -25.06 4.38
CA ASN A 38 -2.77 -25.75 5.58
C ASN A 38 -3.48 -27.05 5.88
N MET A 39 -4.63 -27.30 5.29
CA MET A 39 -5.19 -28.63 5.49
C MET A 39 -4.80 -29.69 4.48
N TRP A 40 -4.07 -29.31 3.43
CA TRP A 40 -3.77 -30.28 2.37
C TRP A 40 -2.83 -31.38 2.82
N PRO A 41 -1.74 -31.05 3.60
CA PRO A 41 -0.88 -32.14 4.06
C PRO A 41 -1.66 -33.15 4.88
N GLY A 42 -2.56 -32.68 5.74
CA GLY A 42 -3.34 -33.57 6.62
C GLY A 42 -4.27 -34.41 5.75
N ILE A 43 -4.83 -33.79 4.70
CA ILE A 43 -5.69 -34.53 3.76
C ILE A 43 -4.90 -35.65 3.05
N PHE A 44 -3.70 -35.33 2.61
CA PHE A 44 -2.85 -36.34 2.00
C PHE A 44 -2.54 -37.49 2.95
N VAL A 45 -2.14 -37.18 4.19
CA VAL A 45 -1.78 -38.24 5.15
C VAL A 45 -3.00 -39.12 5.43
N TYR A 46 -4.15 -38.50 5.66
CA TYR A 46 -5.41 -39.24 5.79
C TYR A 46 -5.59 -40.25 4.68
N MET A 47 -5.29 -39.82 3.44
CA MET A 47 -5.43 -40.70 2.27
C MET A 47 -4.38 -41.83 2.20
N VAL A 48 -3.12 -41.51 2.42
CA VAL A 48 -2.12 -42.53 2.56
C VAL A 48 -2.57 -43.56 3.62
N HIS A 49 -3.02 -43.09 4.77
CA HIS A 49 -3.40 -44.02 5.83
C HIS A 49 -4.50 -44.99 5.48
N ARG A 50 -5.56 -44.49 4.83
CA ARG A 50 -6.68 -45.38 4.47
C ARG A 50 -6.44 -46.22 3.22
N SER A 51 -5.64 -45.73 2.27
CA SER A 51 -5.43 -46.48 1.04
C SER A 51 -4.22 -47.42 1.13
N CYS A 52 -3.34 -47.18 2.09
CA CYS A 52 -2.08 -47.92 2.23
C CYS A 52 -1.97 -48.56 3.61
N GLY A 53 -2.35 -47.81 4.65
CA GLY A 53 -2.37 -48.33 6.02
C GLY A 53 -1.58 -47.37 6.89
N THR A 54 -1.85 -47.36 8.19
CA THR A 54 -1.06 -46.51 9.12
C THR A 54 0.41 -46.94 9.30
N SER A 55 0.72 -48.12 8.78
CA SER A 55 2.04 -48.75 8.90
C SER A 55 2.93 -48.55 7.67
N CYS A 56 2.37 -47.99 6.60
CA CYS A 56 3.12 -47.83 5.36
C CYS A 56 4.35 -46.95 5.53
N PHE A 57 4.20 -45.83 6.23
CA PHE A 57 5.30 -44.87 6.34
C PHE A 57 5.47 -44.48 7.79
N GLU A 58 6.69 -44.17 8.17
CA GLU A 58 6.94 -43.60 9.49
C GLU A 58 6.40 -42.16 9.44
N LEU A 59 5.44 -41.84 10.30
CA LEU A 59 4.76 -40.55 10.31
C LEU A 59 5.68 -39.32 10.22
N GLU A 60 6.73 -39.28 11.03
CA GLU A 60 7.67 -38.16 11.07
C GLU A 60 8.40 -37.97 9.71
N LYS A 61 8.83 -39.09 9.12
CA LYS A 61 9.50 -39.08 7.82
C LYS A 61 8.52 -38.58 6.73
N LEU A 62 7.31 -39.12 6.76
CA LEU A 62 6.32 -38.81 5.75
C LEU A 62 5.97 -37.31 5.79
N CME A 63 5.72 -36.80 6.99
CA CME A 63 5.42 -35.37 7.18
CB CME A 63 5.11 -35.02 8.65
SG CME A 63 3.50 -35.65 9.14
SD CME A 63 2.22 -34.20 8.51
CE CME A 63 1.64 -33.46 10.02
CZ CME A 63 0.20 -32.95 9.86
OH CME A 63 0.02 -32.12 8.69
C CME A 63 6.55 -34.55 6.64
O CME A 63 6.32 -33.55 5.97
N ARG A 64 7.79 -34.99 6.89
CA ARG A 64 8.97 -34.24 6.47
C ARG A 64 9.11 -34.29 4.93
N PHE A 65 8.82 -35.46 4.36
CA PHE A 65 8.77 -35.62 2.90
C PHE A 65 7.74 -34.68 2.25
N ILE A 66 6.50 -34.74 2.72
CA ILE A 66 5.40 -33.86 2.24
C ILE A 66 5.79 -32.36 2.23
N MET A 67 6.38 -31.91 3.33
CA MET A 67 6.71 -30.50 3.45
C MET A 67 7.85 -30.10 2.51
N SER A 68 8.80 -31.00 2.26
CA SER A 68 9.82 -30.71 1.26
C SER A 68 9.25 -30.75 -0.14
N VAL A 69 8.32 -31.66 -0.38
CA VAL A 69 7.65 -31.67 -1.68
C VAL A 69 6.97 -30.33 -1.90
N LYS A 70 6.20 -29.88 -0.90
CA LYS A 70 5.44 -28.66 -1.02
C LYS A 70 6.38 -27.48 -1.31
N LYS A 71 7.46 -27.39 -0.54
CA LYS A 71 8.45 -26.34 -0.75
C LYS A 71 9.00 -26.32 -2.18
N ASN A 72 8.99 -27.46 -2.86
CA ASN A 72 9.53 -27.54 -4.21
C ASN A 72 8.56 -27.41 -5.37
N TYR A 73 7.29 -27.19 -5.08
CA TYR A 73 6.38 -26.65 -6.09
C TYR A 73 6.45 -25.13 -6.06
N ARG A 74 6.25 -24.50 -7.19
CA ARG A 74 6.36 -23.07 -7.30
C ARG A 74 4.98 -22.43 -7.35
N ARG A 75 4.95 -21.11 -7.20
CA ARG A 75 3.67 -20.42 -7.13
C ARG A 75 3.25 -20.01 -8.54
N VAL A 76 2.83 -20.98 -9.33
CA VAL A 76 2.35 -20.75 -10.69
C VAL A 76 0.82 -20.96 -10.67
N PRO A 77 0.11 -20.45 -11.69
CA PRO A 77 -1.35 -20.49 -11.63
C PRO A 77 -1.98 -21.90 -11.56
N TYR A 78 -1.40 -22.88 -12.25
CA TYR A 78 -2.05 -24.18 -12.32
C TYR A 78 -1.17 -25.32 -11.81
N HIS A 79 0.07 -25.37 -12.28
CA HIS A 79 0.95 -26.49 -11.94
C HIS A 79 1.65 -26.34 -10.58
N ASN A 80 0.85 -26.22 -9.55
CA ASN A 80 1.23 -25.91 -8.19
C ASN A 80 0.85 -27.03 -7.22
N TRP A 81 1.15 -26.76 -5.96
CA TRP A 81 0.95 -27.68 -4.87
C TRP A 81 -0.50 -28.15 -4.74
N LYS A 82 -1.47 -27.24 -4.90
CA LYS A 82 -2.89 -27.66 -4.94
C LYS A 82 -3.14 -28.70 -6.07
N HIS A 83 -2.56 -28.48 -7.27
CA HIS A 83 -2.73 -29.47 -8.34
C HIS A 83 -2.16 -30.84 -7.92
N ALA A 84 -1.01 -30.85 -7.25
CA ALA A 84 -0.42 -32.13 -6.84
C ALA A 84 -1.33 -32.88 -5.88
N VAL A 85 -1.90 -32.15 -4.94
CA VAL A 85 -2.70 -32.81 -3.92
C VAL A 85 -4.03 -33.31 -4.56
N THR A 86 -4.59 -32.51 -5.47
CA THR A 86 -5.79 -32.88 -6.23
C THR A 86 -5.60 -34.19 -7.04
N VAL A 87 -4.47 -34.27 -7.74
CA VAL A 87 -4.16 -35.41 -8.60
C VAL A 87 -3.98 -36.63 -7.67
N ALA A 88 -3.38 -36.43 -6.49
CA ALA A 88 -3.23 -37.53 -5.52
C ALA A 88 -4.60 -37.98 -4.99
N HIS A 89 -5.50 -37.04 -4.77
CA HIS A 89 -6.84 -37.43 -4.31
C HIS A 89 -7.58 -38.26 -5.35
N CYS A 90 -7.54 -37.88 -6.61
CA CYS A 90 -8.19 -38.70 -7.63
C CYS A 90 -7.57 -40.11 -7.62
N MET A 91 -6.25 -40.20 -7.49
CA MET A 91 -5.61 -41.55 -7.42
C MET A 91 -6.12 -42.33 -6.19
N TYR A 92 -6.30 -41.61 -5.09
CA TYR A 92 -6.84 -42.20 -3.88
C TYR A 92 -8.21 -42.82 -4.18
N ALA A 93 -9.07 -42.03 -4.83
CA ALA A 93 -10.43 -42.47 -5.13
C ALA A 93 -10.42 -43.73 -6.00
N ILE A 94 -9.57 -43.72 -7.04
CA ILE A 94 -9.39 -44.89 -7.90
C ILE A 94 -8.95 -46.14 -7.12
N LEU A 95 -7.93 -45.96 -6.27
CA LEU A 95 -7.39 -47.07 -5.47
C LEU A 95 -8.41 -47.59 -4.48
N GLN A 96 -9.19 -46.70 -3.89
CA GLN A 96 -10.19 -47.12 -2.92
C GLN A 96 -11.36 -47.81 -3.56
N ASN A 97 -11.61 -47.53 -4.83
CA ASN A 97 -12.76 -48.12 -5.52
C ASN A 97 -12.39 -49.44 -6.20
N ASN A 98 -11.10 -49.77 -6.27
CA ASN A 98 -10.58 -51.01 -6.85
C ASN A 98 -9.56 -51.66 -5.92
N HIS A 99 -9.92 -51.85 -4.66
CA HIS A 99 -8.88 -52.00 -3.64
C HIS A 99 -8.03 -53.28 -3.84
N THR A 100 -8.70 -54.35 -4.26
CA THR A 100 -8.04 -55.65 -4.46
C THR A 100 -7.23 -55.80 -5.76
N LEU A 101 -7.29 -54.85 -6.68
CA LEU A 101 -6.50 -55.01 -7.91
C LEU A 101 -5.05 -54.56 -7.80
N PHE A 102 -4.64 -54.03 -6.67
CA PHE A 102 -3.31 -53.45 -6.64
C PHE A 102 -2.43 -54.02 -5.56
N THR A 103 -1.17 -54.22 -5.94
CA THR A 103 -0.15 -54.71 -5.02
C THR A 103 0.14 -53.66 -3.97
N ASP A 104 0.93 -54.03 -2.98
CA ASP A 104 1.19 -53.18 -1.79
C ASP A 104 2.21 -52.10 -2.14
N LEU A 105 3.15 -52.46 -3.00
CA LEU A 105 4.10 -51.50 -3.51
C LEU A 105 3.39 -50.47 -4.36
N GLU A 106 2.38 -50.91 -5.13
CA GLU A 106 1.66 -49.97 -5.99
C GLU A 106 0.90 -48.93 -5.17
N ARG A 107 0.21 -49.37 -4.13
CA ARG A 107 -0.52 -48.47 -3.25
C ARG A 107 0.44 -47.44 -2.64
N LYS A 108 1.50 -47.94 -2.02
CA LYS A 108 2.66 -47.14 -1.58
C LYS A 108 3.19 -46.13 -2.60
N GLY A 109 3.46 -46.58 -3.83
CA GLY A 109 4.18 -45.74 -4.77
C GLY A 109 3.32 -44.72 -5.50
N LEU A 110 2.10 -45.11 -5.84
CA LEU A 110 1.26 -44.28 -6.69
C LEU A 110 0.77 -42.96 -6.06
N LEU A 111 0.43 -42.94 -4.78
CA LEU A 111 -0.01 -41.65 -4.22
C LEU A 111 1.18 -40.73 -4.13
N ILE A 112 2.34 -41.30 -3.81
CA ILE A 112 3.60 -40.57 -3.77
C ILE A 112 3.91 -40.02 -5.16
N ALA A 113 3.72 -40.86 -6.19
CA ALA A 113 4.01 -40.42 -7.56
C ALA A 113 3.14 -39.23 -7.96
N CYS A 114 1.88 -39.31 -7.59
CA CYS A 114 0.92 -38.27 -7.88
C CYS A 114 1.30 -36.98 -7.17
N LEU A 115 1.61 -37.06 -5.87
CA LEU A 115 2.04 -35.86 -5.15
C LEU A 115 3.29 -35.23 -5.78
N CYS A 116 4.17 -36.10 -6.29
CA CYS A 116 5.43 -35.64 -6.90
C CYS A 116 5.44 -35.30 -8.39
N HIS A 117 4.33 -35.52 -9.10
CA HIS A 117 4.42 -35.67 -10.56
C HIS A 117 4.72 -34.39 -11.33
N ASP A 118 4.59 -33.24 -10.67
CA ASP A 118 4.88 -31.97 -11.38
C ASP A 118 5.89 -31.12 -10.57
N LEU A 119 6.67 -31.78 -9.70
CA LEU A 119 7.64 -31.07 -8.81
C LEU A 119 8.47 -30.04 -9.58
N ASP A 120 8.54 -28.82 -9.08
CA ASP A 120 9.41 -27.79 -9.67
C ASP A 120 8.95 -27.40 -11.07
N HIS A 121 7.66 -27.59 -11.36
CA HIS A 121 7.14 -27.12 -12.63
C HIS A 121 7.29 -25.63 -12.68
N ARG A 122 7.60 -25.09 -13.85
CA ARG A 122 7.70 -23.62 -13.98
C ARG A 122 6.52 -23.01 -14.70
N GLY A 123 5.54 -23.84 -15.06
CA GLY A 123 4.40 -23.31 -15.85
C GLY A 123 4.62 -23.24 -17.36
N PHE A 124 5.71 -23.86 -17.87
CA PHE A 124 5.95 -23.90 -19.31
C PHE A 124 5.95 -25.34 -19.80
N SER A 125 5.52 -25.53 -21.03
CA SER A 125 5.46 -26.86 -21.65
C SER A 125 6.87 -27.34 -22.09
N ASN A 126 7.00 -28.66 -22.30
CA ASN A 126 8.20 -29.21 -22.91
C ASN A 126 8.60 -28.46 -24.18
N SER A 127 7.60 -28.15 -25.00
CA SER A 127 7.86 -27.53 -26.29
C SER A 127 8.47 -26.15 -26.08
N TYR A 128 8.03 -25.43 -25.04
CA TYR A 128 8.63 -24.11 -24.81
C TYR A 128 10.09 -24.22 -24.29
N LEU A 129 10.34 -25.21 -23.42
CA LEU A 129 11.69 -25.47 -22.96
C LEU A 129 12.64 -25.75 -24.16
N GLN A 130 12.13 -26.47 -25.16
CA GLN A 130 12.94 -26.82 -26.31
C GLN A 130 13.22 -25.60 -27.17
N LYS A 131 12.25 -24.74 -27.37
CA LYS A 131 12.46 -23.56 -28.16
C LYS A 131 13.28 -22.49 -27.46
N PHE A 132 13.13 -22.38 -26.14
CA PHE A 132 13.94 -21.46 -25.38
C PHE A 132 15.38 -21.96 -25.35
N ASP A 133 15.54 -23.28 -25.42
CA ASP A 133 16.83 -23.98 -25.34
C ASP A 133 17.26 -23.93 -23.87
N HIS A 134 16.33 -24.28 -22.98
CA HIS A 134 16.60 -24.36 -21.57
C HIS A 134 17.56 -25.51 -21.38
N PRO A 135 18.51 -25.43 -20.43
CA PRO A 135 19.43 -26.54 -20.14
C PRO A 135 18.74 -27.89 -19.88
N LEU A 136 17.53 -27.88 -19.30
CA LEU A 136 16.81 -29.16 -19.09
C LEU A 136 16.52 -29.88 -20.41
N ALA A 137 16.40 -29.13 -21.51
CA ALA A 137 16.06 -29.77 -22.79
C ALA A 137 17.27 -30.45 -23.43
N ALA A 138 18.48 -30.10 -23.00
CA ALA A 138 19.66 -30.84 -23.46
C ALA A 138 19.89 -32.06 -22.57
N LEU A 139 19.56 -31.95 -21.30
CA LEU A 139 19.68 -33.05 -20.35
C LEU A 139 18.64 -34.17 -20.63
N TYR A 140 17.42 -33.78 -21.04
CA TYR A 140 16.33 -34.72 -21.36
C TYR A 140 15.67 -34.34 -22.66
N SER A 141 15.89 -35.14 -23.70
CA SER A 141 15.42 -34.79 -25.04
C SER A 141 13.92 -34.97 -25.23
N THR A 142 13.33 -35.97 -24.58
CA THR A 142 11.87 -36.09 -24.56
C THR A 142 11.34 -36.19 -23.15
N SER A 143 10.04 -35.93 -23.01
CA SER A 143 9.37 -35.86 -21.70
C SER A 143 10.25 -35.04 -20.75
N THR A 144 10.69 -33.87 -21.22
CA THR A 144 11.70 -33.08 -20.52
C THR A 144 11.28 -32.78 -19.09
N MET A 145 10.08 -32.22 -18.90
CA MET A 145 9.69 -31.80 -17.55
C MET A 145 9.49 -33.03 -16.69
N GLU A 146 8.99 -34.11 -17.31
CA GLU A 146 8.61 -35.29 -16.52
C GLU A 146 9.85 -36.01 -16.00
N GLN A 147 10.92 -35.99 -16.78
CA GLN A 147 12.18 -36.59 -16.27
C GLN A 147 12.71 -35.68 -15.18
N HIS A 148 12.56 -34.37 -15.35
CA HIS A 148 12.91 -33.47 -14.26
C HIS A 148 12.15 -33.72 -12.97
N HIS A 149 10.81 -33.87 -13.03
CA HIS A 149 9.98 -34.19 -11.84
C HIS A 149 10.42 -35.47 -11.11
N PHE A 150 10.71 -36.54 -11.86
CA PHE A 150 11.15 -37.79 -11.20
C PHE A 150 12.53 -37.53 -10.53
N SER A 151 13.38 -36.80 -11.23
CA SER A 151 14.70 -36.43 -10.73
C SER A 151 14.61 -35.67 -9.38
N GLN A 152 13.73 -34.66 -9.32
CA GLN A 152 13.45 -33.93 -8.08
C GLN A 152 12.92 -34.84 -6.98
N THR A 153 12.11 -35.82 -7.36
CA THR A 153 11.52 -36.77 -6.44
C THR A 153 12.62 -37.59 -5.76
N VAL A 154 13.56 -38.09 -6.56
CA VAL A 154 14.71 -38.83 -6.07
C VAL A 154 15.55 -37.95 -5.12
N SER A 155 15.78 -36.70 -5.49
CA SER A 155 16.50 -35.76 -4.63
C SER A 155 15.92 -35.65 -3.26
N ILE A 156 14.59 -35.54 -3.21
CA ILE A 156 13.94 -35.27 -1.97
C ILE A 156 13.98 -36.55 -1.17
N LEU A 157 13.76 -37.69 -1.84
CA LEU A 157 13.83 -38.99 -1.15
C LEU A 157 15.19 -39.22 -0.46
N GLN A 158 16.22 -38.57 -0.99
CA GLN A 158 17.60 -38.75 -0.51
C GLN A 158 18.07 -37.72 0.52
N LEU A 159 17.20 -36.78 0.89
CA LEU A 159 17.53 -35.84 1.95
C LEU A 159 17.49 -36.61 3.28
N GLU A 160 18.32 -36.19 4.25
CA GLU A 160 18.35 -36.81 5.55
C GLU A 160 16.96 -36.84 6.18
N GLY A 161 16.56 -37.99 6.70
CA GLY A 161 15.26 -38.12 7.39
C GLY A 161 14.04 -38.12 6.46
N HIS A 162 14.29 -38.15 5.15
CA HIS A 162 13.24 -38.09 4.13
C HIS A 162 13.01 -39.43 3.45
N ASN A 163 13.73 -40.47 3.84
CA ASN A 163 13.48 -41.73 3.18
C ASN A 163 12.30 -42.52 3.70
N ILE A 164 11.16 -42.26 3.08
CA ILE A 164 9.91 -42.85 3.51
C ILE A 164 9.82 -44.32 3.15
N PHE A 165 10.73 -44.78 2.30
CA PHE A 165 10.74 -46.19 1.87
C PHE A 165 11.82 -47.03 2.58
N SER A 166 12.38 -46.48 3.64
CA SER A 166 13.45 -47.12 4.42
C SER A 166 13.15 -48.58 4.83
N THR A 167 11.88 -48.93 5.03
CA THR A 167 11.51 -50.26 5.53
C THR A 167 11.48 -51.34 4.43
N LEU A 168 11.76 -50.95 3.19
CA LEU A 168 11.70 -51.88 2.05
C LEU A 168 13.06 -52.48 1.72
N SER A 169 13.08 -53.66 1.12
CA SER A 169 14.35 -54.29 0.72
C SER A 169 14.97 -53.51 -0.44
N SER A 170 16.23 -53.81 -0.77
CA SER A 170 16.88 -53.18 -1.91
C SER A 170 16.04 -53.31 -3.18
N SER A 171 15.38 -54.45 -3.31
CA SER A 171 14.74 -54.80 -4.57
C SER A 171 13.30 -54.26 -4.65
N GLU A 172 12.59 -54.34 -3.53
CA GLU A 172 11.29 -53.68 -3.35
C GLU A 172 11.45 -52.18 -3.52
N TYR A 173 12.46 -51.60 -2.89
CA TYR A 173 12.80 -50.20 -3.08
C TYR A 173 12.98 -49.86 -4.56
N GLU A 174 13.71 -50.70 -5.29
CA GLU A 174 13.95 -50.43 -6.71
C GLU A 174 12.64 -50.58 -7.54
N GLN A 175 11.82 -51.52 -7.11
CA GLN A 175 10.53 -51.69 -7.73
C GLN A 175 9.61 -50.48 -7.53
N VAL A 176 9.51 -49.99 -6.29
CA VAL A 176 8.68 -48.80 -6.01
C VAL A 176 9.16 -47.56 -6.79
N LEU A 177 10.48 -47.35 -6.88
CA LEU A 177 11.01 -46.18 -7.57
C LEU A 177 10.78 -46.33 -9.04
N GLU A 178 10.72 -47.57 -9.49
CA GLU A 178 10.44 -47.83 -10.90
C GLU A 178 8.95 -47.66 -11.24
N ILE A 179 8.06 -48.09 -10.35
CA ILE A 179 6.64 -47.68 -10.43
C ILE A 179 6.48 -46.14 -10.50
N ILE A 180 7.15 -45.43 -9.58
CA ILE A 180 7.11 -43.97 -9.54
C ILE A 180 7.65 -43.38 -10.83
N ARG A 181 8.81 -43.85 -11.30
CA ARG A 181 9.38 -43.27 -12.49
C ARG A 181 8.38 -43.41 -13.62
N LYS A 182 7.90 -44.62 -13.82
CA LYS A 182 7.01 -44.84 -14.98
C LYS A 182 5.72 -44.02 -14.83
N ALA A 183 5.16 -43.95 -13.60
CA ALA A 183 3.89 -43.22 -13.41
C ALA A 183 4.10 -41.76 -13.78
N ILE A 184 5.28 -41.22 -13.44
CA ILE A 184 5.53 -39.80 -13.64
C ILE A 184 5.75 -39.51 -15.12
N ILE A 185 6.54 -40.32 -15.80
CA ILE A 185 6.77 -40.18 -17.23
C ILE A 185 5.42 -40.22 -17.97
N ALA A 186 4.51 -41.10 -17.50
CA ALA A 186 3.20 -41.30 -18.17
C ALA A 186 2.36 -40.02 -18.22
N THR A 187 2.64 -39.10 -17.30
CA THR A 187 1.89 -37.80 -17.22
C THR A 187 2.31 -36.90 -18.35
N ASP A 188 3.26 -37.34 -19.17
CA ASP A 188 3.54 -36.58 -20.40
C ASP A 188 2.40 -36.86 -21.39
N LEU A 189 1.53 -35.89 -21.61
CA LEU A 189 0.37 -36.08 -22.47
C LEU A 189 0.71 -36.52 -23.91
N ALA A 190 1.83 -36.07 -24.47
CA ALA A 190 2.30 -36.60 -25.76
C ALA A 190 2.33 -38.13 -25.76
N LEU A 191 2.58 -38.76 -24.61
CA LEU A 191 2.67 -40.21 -24.59
C LEU A 191 1.32 -40.88 -24.39
N TYR A 192 0.32 -40.10 -24.04
CA TYR A 192 -0.95 -40.67 -23.58
C TYR A 192 -1.72 -41.34 -24.75
N PHE A 193 -1.79 -40.63 -25.87
CA PHE A 193 -2.48 -41.08 -27.10
C PHE A 193 -2.10 -42.51 -27.51
N GLY A 194 -0.81 -42.75 -27.74
CA GLY A 194 -0.37 -44.07 -28.08
C GLY A 194 -0.70 -45.06 -27.01
N ASN A 195 -0.58 -44.65 -25.75
CA ASN A 195 -0.81 -45.58 -24.67
C ASN A 195 -2.28 -46.00 -24.60
N ARG A 196 -3.18 -45.02 -24.75
CA ARG A 196 -4.61 -45.34 -24.72
C ARG A 196 -5.03 -46.24 -25.92
N LYS A 197 -4.49 -45.98 -27.12
CA LYS A 197 -4.73 -46.87 -28.30
C LYS A 197 -4.35 -48.31 -28.04
N GLN A 198 -3.13 -48.52 -27.53
CA GLN A 198 -2.69 -49.87 -27.21
C GLN A 198 -3.65 -50.49 -26.26
N LEU A 199 -4.01 -49.76 -25.22
CA LEU A 199 -4.90 -50.32 -24.20
C LEU A 199 -6.29 -50.65 -24.76
N GLU A 200 -6.78 -49.78 -25.64
CA GLU A 200 -8.05 -49.97 -26.29
C GLU A 200 -7.99 -51.29 -27.07
N GLU A 201 -6.98 -51.44 -27.91
CA GLU A 201 -6.81 -52.64 -28.74
C GLU A 201 -6.75 -53.90 -27.91
N MET A 202 -5.98 -53.89 -26.82
CA MET A 202 -5.81 -55.06 -25.98
C MET A 202 -7.06 -55.45 -25.22
N TYR A 203 -7.83 -54.46 -24.79
CA TYR A 203 -9.10 -54.74 -24.10
C TYR A 203 -10.09 -55.37 -25.08
N GLN A 204 -10.18 -54.79 -26.27
CA GLN A 204 -11.11 -55.22 -27.32
C GLN A 204 -10.78 -56.55 -27.99
N THR A 205 -9.50 -56.86 -28.12
CA THR A 205 -9.07 -58.18 -28.61
C THR A 205 -8.90 -59.16 -27.45
N GLY A 206 -9.36 -58.81 -26.25
CA GLY A 206 -9.30 -59.69 -25.09
C GLY A 206 -7.91 -60.12 -24.59
N SER A 207 -6.86 -59.51 -25.14
CA SER A 207 -5.48 -59.83 -24.78
C SER A 207 -4.95 -59.07 -23.54
N LEU A 208 -5.72 -58.12 -23.01
CA LEU A 208 -5.33 -57.38 -21.81
C LEU A 208 -5.18 -58.32 -20.64
N ASN A 209 -3.99 -58.32 -20.05
CA ASN A 209 -3.68 -59.26 -18.97
C ASN A 209 -2.92 -58.61 -17.81
N LEU A 210 -3.60 -58.44 -16.68
CA LEU A 210 -3.01 -57.69 -15.54
C LEU A 210 -1.94 -58.47 -14.78
N ASN A 211 -1.63 -59.67 -15.23
CA ASN A 211 -0.49 -60.37 -14.68
C ASN A 211 0.76 -60.08 -15.51
N ASN A 212 0.57 -59.41 -16.62
CA ASN A 212 1.65 -59.04 -17.47
C ASN A 212 2.09 -57.68 -16.98
N GLN A 213 3.32 -57.60 -16.48
CA GLN A 213 3.87 -56.36 -15.95
C GLN A 213 3.78 -55.19 -16.93
N SER A 214 4.04 -55.42 -18.21
CA SER A 214 4.00 -54.30 -19.16
C SER A 214 2.56 -53.86 -19.47
N HIS A 215 1.62 -54.71 -19.11
CA HIS A 215 0.21 -54.38 -19.25
C HIS A 215 -0.19 -53.54 -18.06
N ARG A 216 0.17 -53.98 -16.86
CA ARG A 216 -0.03 -53.19 -15.67
C ARG A 216 0.54 -51.79 -15.88
N ASP A 217 1.74 -51.70 -16.45
CA ASP A 217 2.38 -50.41 -16.62
C ASP A 217 1.51 -49.48 -17.42
N ARG A 218 0.97 -50.00 -18.53
CA ARG A 218 0.08 -49.21 -19.38
C ARG A 218 -1.18 -48.73 -18.63
N VAL A 219 -1.78 -49.66 -17.87
CA VAL A 219 -2.98 -49.38 -17.09
C VAL A 219 -2.67 -48.26 -16.05
N ILE A 220 -1.54 -48.40 -15.35
CA ILE A 220 -1.10 -47.35 -14.43
C ILE A 220 -0.82 -46.01 -15.13
N GLY A 221 -0.18 -46.04 -16.29
CA GLY A 221 -0.05 -44.81 -17.08
C GLY A 221 -1.37 -44.12 -17.37
N LEU A 222 -2.40 -44.89 -17.69
CA LEU A 222 -3.71 -44.30 -18.03
C LEU A 222 -4.41 -43.74 -16.76
N MET A 223 -4.27 -44.45 -15.66
CA MET A 223 -4.65 -43.93 -14.35
C MET A 223 -4.02 -42.55 -14.13
N MET A 224 -2.72 -42.41 -14.40
CA MET A 224 -2.02 -41.16 -14.19
C MET A 224 -2.59 -40.06 -15.05
N THR A 225 -2.90 -40.37 -16.31
CA THR A 225 -3.47 -39.35 -17.15
C THR A 225 -4.86 -39.00 -16.60
N ALA A 226 -5.62 -40.01 -16.20
CA ALA A 226 -6.94 -39.76 -15.64
C ALA A 226 -6.87 -38.85 -14.39
N CYS A 227 -5.95 -39.15 -13.48
CA CYS A 227 -5.80 -38.32 -12.28
C CYS A 227 -5.34 -36.90 -12.65
N ASP A 228 -4.38 -36.82 -13.56
CA ASP A 228 -3.82 -35.53 -13.94
C ASP A 228 -4.83 -34.61 -14.64
N LEU A 229 -5.79 -35.18 -15.35
CA LEU A 229 -6.85 -34.42 -16.05
C LEU A 229 -8.10 -34.17 -15.18
N CYS A 230 -8.10 -34.63 -13.92
CA CYS A 230 -9.35 -34.79 -13.12
C CYS A 230 -10.09 -33.46 -12.84
N SER A 231 -9.51 -32.33 -13.22
CA SER A 231 -10.25 -31.09 -13.07
C SER A 231 -11.50 -31.09 -13.97
N VAL A 232 -11.49 -31.89 -15.05
CA VAL A 232 -12.67 -32.01 -15.93
C VAL A 232 -13.75 -32.94 -15.35
N THR A 233 -13.52 -33.50 -14.16
CA THR A 233 -14.45 -34.43 -13.54
C THR A 233 -15.08 -33.85 -12.25
N LYS A 234 -14.89 -32.55 -12.04
CA LYS A 234 -15.37 -31.89 -10.82
C LYS A 234 -16.72 -31.25 -11.04
N LEU A 235 -17.31 -30.75 -9.97
CA LEU A 235 -18.49 -29.90 -10.11
C LEU A 235 -18.16 -28.80 -11.10
N TRP A 236 -19.16 -28.39 -11.88
CA TRP A 236 -18.94 -27.38 -12.95
C TRP A 236 -18.21 -26.08 -12.51
N PRO A 237 -18.61 -25.47 -11.38
CA PRO A 237 -17.86 -24.25 -10.99
C PRO A 237 -16.36 -24.50 -10.72
N VAL A 238 -16.01 -25.66 -10.16
CA VAL A 238 -14.59 -26.05 -9.95
C VAL A 238 -13.87 -26.19 -11.31
N THR A 239 -14.53 -26.92 -12.20
CA THR A 239 -14.03 -27.14 -13.54
C THR A 239 -13.82 -25.83 -14.27
N LYS A 240 -14.85 -25.01 -14.25
CA LYS A 240 -14.80 -23.75 -14.99
C LYS A 240 -13.68 -22.84 -14.44
N LEU A 241 -13.61 -22.73 -13.11
CA LEU A 241 -12.60 -21.88 -12.43
C LEU A 241 -11.17 -22.37 -12.59
N THR A 242 -10.97 -23.67 -12.48
CA THR A 242 -9.68 -24.28 -12.81
C THR A 242 -9.25 -23.99 -14.24
N ALA A 243 -10.17 -24.04 -15.20
CA ALA A 243 -9.82 -23.75 -16.60
C ALA A 243 -9.17 -22.37 -16.71
N ASN A 244 -9.65 -21.41 -15.93
CA ASN A 244 -9.03 -20.08 -15.85
C ASN A 244 -7.56 -20.14 -15.44
N ASP A 245 -7.23 -20.95 -14.43
CA ASP A 245 -5.82 -21.10 -14.06
C ASP A 245 -5.00 -21.73 -15.20
N ILE A 246 -5.61 -22.71 -15.86
CA ILE A 246 -4.95 -23.46 -16.92
C ILE A 246 -4.57 -22.52 -18.04
N TYR A 247 -5.50 -21.68 -18.47
CA TYR A 247 -5.21 -20.72 -19.55
C TYR A 247 -4.28 -19.60 -19.15
N ALA A 248 -4.34 -19.18 -17.87
CA ALA A 248 -3.40 -18.17 -17.35
C ALA A 248 -1.95 -18.62 -17.58
N GLU A 249 -1.64 -19.89 -17.32
CA GLU A 249 -0.33 -20.45 -17.70
C GLU A 249 -0.10 -20.48 -19.20
N PHE A 250 -1.03 -21.09 -19.93
CA PHE A 250 -0.84 -21.27 -21.38
C PHE A 250 -0.63 -19.90 -22.05
N TRP A 251 -1.33 -18.87 -21.61
CA TRP A 251 -1.21 -17.55 -22.27
C TRP A 251 0.10 -16.82 -21.94
N ALA A 252 0.59 -17.01 -20.69
CA ALA A 252 1.92 -16.55 -20.33
C ALA A 252 2.96 -17.27 -21.18
N GLU A 253 2.78 -18.57 -21.43
CA GLU A 253 3.68 -19.26 -22.36
C GLU A 253 3.55 -18.64 -23.76
N GLY A 254 2.31 -18.44 -24.21
CA GLY A 254 2.12 -17.79 -25.51
C GLY A 254 2.89 -16.49 -25.62
N ASP A 255 2.76 -15.60 -24.61
CA ASP A 255 3.49 -14.30 -24.61
C ASP A 255 5.00 -14.56 -24.74
N GLU A 256 5.50 -15.54 -23.98
CA GLU A 256 6.92 -15.89 -24.02
C GLU A 256 7.35 -16.38 -25.39
N MET A 257 6.47 -17.13 -26.07
CA MET A 257 6.73 -17.57 -27.46
C MET A 257 6.88 -16.33 -28.34
N LYS A 258 5.96 -15.37 -28.20
CA LYS A 258 6.01 -14.15 -29.01
C LYS A 258 7.29 -13.36 -28.74
N LYS A 259 7.75 -13.39 -27.50
CA LYS A 259 9.03 -12.78 -27.14
C LYS A 259 10.21 -13.41 -27.88
N LEU A 260 10.14 -14.70 -28.14
CA LEU A 260 11.18 -15.35 -28.92
C LEU A 260 10.97 -15.18 -30.41
N GLY A 261 9.96 -14.42 -30.82
CA GLY A 261 9.65 -14.22 -32.25
C GLY A 261 9.00 -15.41 -32.92
N ILE A 262 8.15 -16.14 -32.20
CA ILE A 262 7.47 -17.34 -32.72
C ILE A 262 5.99 -17.16 -32.42
N GLN A 263 5.15 -17.37 -33.43
CA GLN A 263 3.71 -17.32 -33.25
C GLN A 263 3.31 -18.57 -32.43
N PRO A 264 2.74 -18.38 -31.23
CA PRO A 264 2.36 -19.55 -30.43
C PRO A 264 1.17 -20.30 -31.04
N ILE A 265 1.00 -21.58 -30.73
CA ILE A 265 -0.23 -22.30 -31.15
C ILE A 265 -1.48 -21.59 -30.63
N PRO A 266 -2.65 -21.78 -31.30
CA PRO A 266 -3.81 -21.00 -30.85
C PRO A 266 -4.19 -21.18 -29.36
N MET A 267 -4.00 -22.40 -28.82
CA MET A 267 -4.26 -22.70 -27.41
C MET A 267 -3.62 -21.70 -26.45
N MET A 268 -2.48 -21.15 -26.85
CA MET A 268 -1.64 -20.37 -25.94
C MET A 268 -1.67 -18.89 -26.29
N ASP A 269 -2.53 -18.53 -27.22
CA ASP A 269 -2.54 -17.17 -27.69
C ASP A 269 -3.74 -16.49 -27.03
N ARG A 270 -3.47 -15.52 -26.16
CA ARG A 270 -4.55 -14.86 -25.40
C ARG A 270 -5.46 -14.07 -26.32
N ASP A 271 -4.98 -13.75 -27.52
CA ASP A 271 -5.83 -13.04 -28.49
C ASP A 271 -7.01 -13.90 -28.94
N LYS A 272 -6.95 -15.20 -28.65
CA LYS A 272 -8.01 -16.16 -28.98
C LYS A 272 -8.78 -16.66 -27.77
N LYS A 273 -8.85 -15.81 -26.73
CA LYS A 273 -9.74 -15.96 -25.58
C LYS A 273 -11.14 -16.48 -25.96
N ASP A 274 -11.71 -15.87 -26.99
CA ASP A 274 -13.04 -16.18 -27.48
C ASP A 274 -13.28 -17.63 -27.80
N GLU A 275 -12.24 -18.30 -28.28
CA GLU A 275 -12.38 -19.69 -28.72
C GLU A 275 -12.23 -20.71 -27.57
N VAL A 276 -12.17 -20.24 -26.34
CA VAL A 276 -11.96 -21.18 -25.22
C VAL A 276 -13.00 -22.29 -25.15
N PRO A 277 -14.30 -21.91 -25.17
CA PRO A 277 -15.36 -22.92 -25.08
C PRO A 277 -15.18 -23.99 -26.17
N GLN A 278 -14.81 -23.55 -27.37
CA GLN A 278 -14.54 -24.46 -28.49
C GLN A 278 -13.28 -25.35 -28.28
N GLY A 279 -12.18 -24.76 -27.79
CA GLY A 279 -10.97 -25.54 -27.40
C GLY A 279 -11.22 -26.58 -26.33
N GLN A 280 -12.09 -26.24 -25.38
CA GLN A 280 -12.49 -27.20 -24.36
C GLN A 280 -13.21 -28.41 -24.95
N LEU A 281 -14.23 -28.16 -25.79
CA LEU A 281 -14.87 -29.22 -26.61
C LEU A 281 -13.89 -30.14 -27.33
N GLY A 282 -12.95 -29.57 -28.11
CA GLY A 282 -11.94 -30.41 -28.79
C GLY A 282 -11.22 -31.28 -27.79
N PHE A 283 -10.83 -30.63 -26.68
CA PHE A 283 -10.05 -31.28 -25.64
C PHE A 283 -10.86 -32.39 -24.95
N TYR A 284 -12.14 -32.14 -24.66
CA TYR A 284 -12.92 -33.22 -24.03
C TYR A 284 -13.08 -34.40 -24.99
N ASN A 285 -13.35 -34.06 -26.24
CA ASN A 285 -13.55 -35.09 -27.29
C ASN A 285 -12.27 -35.83 -27.67
N ALA A 286 -11.17 -35.11 -27.88
CA ALA A 286 -9.91 -35.78 -28.28
C ALA A 286 -9.16 -36.44 -27.12
N VAL A 287 -9.32 -35.92 -25.91
CA VAL A 287 -8.43 -36.33 -24.82
C VAL A 287 -9.11 -36.90 -23.63
N ALA A 288 -9.94 -36.07 -22.98
CA ALA A 288 -10.60 -36.43 -21.73
C ALA A 288 -11.57 -37.62 -21.81
N ILE A 289 -12.58 -37.50 -22.66
CA ILE A 289 -13.61 -38.57 -22.79
C ILE A 289 -12.99 -39.92 -23.15
N PRO A 290 -12.15 -39.94 -24.19
CA PRO A 290 -11.49 -41.24 -24.50
C PRO A 290 -10.69 -41.82 -23.33
N CYS A 291 -10.00 -40.92 -22.60
CA CYS A 291 -9.24 -41.31 -21.43
C CYS A 291 -10.14 -42.01 -20.40
N TYR A 292 -11.20 -41.33 -19.96
CA TYR A 292 -12.10 -41.94 -18.98
C TYR A 292 -12.96 -43.13 -19.49
N THR A 293 -13.30 -43.10 -20.77
CA THR A 293 -13.96 -44.27 -21.39
C THR A 293 -13.14 -45.58 -21.24
N THR A 294 -11.89 -45.54 -21.72
CA THR A 294 -11.00 -46.72 -21.65
C THR A 294 -10.74 -47.09 -20.21
N LEU A 295 -10.62 -46.08 -19.33
CA LEU A 295 -10.39 -46.34 -17.92
C LEU A 295 -11.58 -47.07 -17.31
N THR A 296 -12.77 -46.65 -17.71
CA THR A 296 -13.96 -47.28 -17.20
C THR A 296 -14.12 -48.72 -17.72
N GLN A 297 -13.75 -48.94 -19.00
CA GLN A 297 -13.78 -50.31 -19.56
C GLN A 297 -12.83 -51.21 -18.80
N ILE A 298 -11.64 -50.70 -18.48
CA ILE A 298 -10.66 -51.50 -17.76
C ILE A 298 -10.98 -51.63 -16.28
N LEU A 299 -11.46 -50.54 -15.67
CA LEU A 299 -11.75 -50.52 -14.23
C LEU A 299 -13.16 -49.99 -13.99
N PRO A 300 -14.15 -50.89 -14.01
CA PRO A 300 -15.53 -50.41 -14.00
C PRO A 300 -15.89 -49.41 -12.90
N PRO A 301 -15.46 -49.64 -11.64
CA PRO A 301 -15.83 -48.69 -10.58
C PRO A 301 -15.35 -47.21 -10.78
N THR A 302 -14.60 -46.89 -11.83
CA THR A 302 -14.17 -45.51 -12.09
C THR A 302 -15.10 -44.76 -13.04
N GLU A 303 -16.22 -45.38 -13.34
CA GLU A 303 -17.24 -44.78 -14.21
C GLU A 303 -17.74 -43.38 -13.76
N PRO A 304 -17.75 -43.11 -12.44
CA PRO A 304 -18.17 -41.75 -12.06
C PRO A 304 -17.30 -40.65 -12.69
N LEU A 305 -16.02 -40.94 -12.96
CA LEU A 305 -15.16 -39.97 -13.62
C LEU A 305 -15.63 -39.67 -15.04
N LEU A 306 -16.00 -40.73 -15.78
CA LEU A 306 -16.51 -40.61 -17.15
C LEU A 306 -17.83 -39.83 -17.12
N LYS A 307 -18.68 -40.21 -16.20
CA LYS A 307 -19.99 -39.59 -16.06
C LYS A 307 -19.84 -38.06 -15.80
N ALA A 308 -18.95 -37.69 -14.88
CA ALA A 308 -18.70 -36.26 -14.60
C ALA A 308 -18.07 -35.53 -15.79
N CYS A 309 -17.16 -36.19 -16.49
CA CYS A 309 -16.53 -35.57 -17.65
C CYS A 309 -17.59 -35.22 -18.71
N ARG A 310 -18.48 -36.19 -18.96
CA ARG A 310 -19.55 -35.98 -19.92
CA ARG A 310 -19.60 -36.03 -19.87
C ARG A 310 -20.45 -34.85 -19.46
N ASP A 311 -20.73 -34.77 -18.14
CA ASP A 311 -21.55 -33.63 -17.63
C ASP A 311 -20.90 -32.29 -17.94
N ASN A 312 -19.59 -32.22 -17.70
CA ASN A 312 -18.82 -31.00 -18.01
C ASN A 312 -18.70 -30.68 -19.49
N LEU A 313 -18.57 -31.70 -20.33
CA LEU A 313 -18.59 -31.43 -21.79
C LEU A 313 -19.94 -30.78 -22.10
N SER A 314 -20.99 -31.34 -21.54
CA SER A 314 -22.31 -30.81 -21.79
C SER A 314 -22.38 -29.34 -21.32
N GLN A 315 -21.68 -28.97 -20.24
CA GLN A 315 -21.68 -27.57 -19.77
C GLN A 315 -20.95 -26.62 -20.74
N TRP A 316 -19.85 -27.11 -21.32
CA TRP A 316 -19.11 -26.32 -22.31
C TRP A 316 -20.01 -26.19 -23.54
N GLU A 317 -20.73 -27.25 -23.87
CA GLU A 317 -21.70 -27.12 -24.98
C GLU A 317 -22.69 -25.98 -24.72
N LYS A 318 -23.24 -25.93 -23.50
CA LYS A 318 -24.12 -24.82 -23.12
C LYS A 318 -23.45 -23.47 -23.20
N VAL A 319 -22.18 -23.38 -22.84
CA VAL A 319 -21.53 -22.09 -22.93
C VAL A 319 -21.49 -21.65 -24.40
N ILE A 320 -21.23 -22.58 -25.32
CA ILE A 320 -21.19 -22.18 -26.73
C ILE A 320 -22.57 -21.70 -27.18
N ARG A 321 -23.62 -22.44 -26.83
CA ARG A 321 -25.00 -22.11 -27.27
C ARG A 321 -25.53 -20.79 -26.71
N GLY A 322 -24.70 -20.10 -25.93
CA GLY A 322 -25.09 -18.86 -25.31
C GLY A 322 -26.02 -19.02 -24.11
N GLU A 323 -26.37 -20.27 -23.76
CA GLU A 323 -27.17 -20.57 -22.54
C GLU A 323 -26.34 -20.45 -21.23
N GLU A 324 -25.06 -20.08 -21.39
CA GLU A 324 -24.14 -19.71 -20.30
C GLU A 324 -22.91 -18.93 -20.82
N GLN B 11 18.21 4.51 27.67
CA GLN B 11 17.38 3.92 26.59
C GLN B 11 15.85 3.89 26.90
N GLY B 12 15.35 4.91 27.58
CA GLY B 12 13.91 5.03 27.88
C GLY B 12 13.44 6.44 27.51
N LEU B 13 14.43 7.33 27.38
CA LEU B 13 14.28 8.70 26.85
C LEU B 13 14.16 8.69 25.31
N MET B 14 13.81 7.53 24.76
CA MET B 14 13.61 7.39 23.32
C MET B 14 12.16 7.62 23.01
N GLN B 15 11.89 8.55 22.13
CA GLN B 15 10.55 8.71 21.64
C GLN B 15 10.55 8.44 20.15
N PHE B 16 9.63 7.60 19.73
CA PHE B 16 9.38 7.41 18.33
C PHE B 16 8.85 8.68 17.76
N THR B 17 9.34 9.03 16.58
CA THR B 17 8.90 10.22 15.93
C THR B 17 8.53 9.89 14.47
N LEU B 18 7.82 10.78 13.80
CA LEU B 18 7.43 10.49 12.44
C LEU B 18 7.83 11.64 11.52
N PRO B 19 7.93 11.36 10.22
CA PRO B 19 8.11 12.48 9.30
C PRO B 19 7.00 13.53 9.48
N VAL B 20 7.34 14.80 9.32
CA VAL B 20 6.42 15.94 9.50
C VAL B 20 5.00 15.70 8.98
N ARG B 21 4.84 15.33 7.70
CA ARG B 21 3.51 15.09 7.15
C ARG B 21 2.69 14.02 7.90
N LEU B 22 3.35 12.97 8.38
CA LEU B 22 2.63 11.89 9.05
C LEU B 22 2.30 12.36 10.45
N CYS B 23 3.23 13.06 11.07
CA CYS B 23 3.05 13.61 12.38
C CYS B 23 1.79 14.48 12.45
N LYS B 24 1.62 15.40 11.51
CA LYS B 24 0.41 16.21 11.43
C LYS B 24 -0.87 15.42 11.05
N GLU B 25 -0.79 14.50 10.11
CA GLU B 25 -2.00 13.88 9.60
C GLU B 25 -2.49 12.69 10.44
N ILE B 26 -1.61 12.11 11.24
CA ILE B 26 -1.97 10.87 11.95
C ILE B 26 -3.03 11.21 13.00
N GLU B 27 -3.10 12.50 13.40
CA GLU B 27 -4.07 12.98 14.36
C GLU B 27 -5.47 13.04 13.77
N LEU B 28 -5.59 13.14 12.45
CA LEU B 28 -6.89 13.20 11.77
C LEU B 28 -7.53 11.80 11.64
N PHE B 29 -8.86 11.71 11.77
CA PHE B 29 -9.53 10.43 11.65
C PHE B 29 -9.36 9.84 10.23
N HIS B 30 -9.24 10.70 9.22
CA HIS B 30 -9.11 10.13 7.85
C HIS B 30 -7.69 9.79 7.38
N PHE B 31 -6.73 9.77 8.30
CA PHE B 31 -5.38 9.37 7.95
C PHE B 31 -5.35 7.99 7.28
N ASP B 32 -4.56 7.89 6.22
CA ASP B 32 -4.27 6.63 5.58
C ASP B 32 -2.80 6.32 5.87
N ILE B 33 -2.50 5.10 6.33
CA ILE B 33 -1.14 4.78 6.79
C ILE B 33 -0.10 4.59 5.66
N GLY B 34 -0.50 4.65 4.40
CA GLY B 34 0.46 4.56 3.32
C GLY B 34 0.87 3.16 2.86
N PRO B 35 1.55 3.09 1.70
CA PRO B 35 1.97 1.83 1.12
C PRO B 35 3.30 1.29 1.63
N PHE B 36 4.02 2.01 2.49
CA PHE B 36 5.30 1.54 2.97
C PHE B 36 5.14 0.67 4.21
N GLU B 37 5.05 -0.63 3.95
CA GLU B 37 4.85 -1.68 4.93
C GLU B 37 5.81 -1.57 6.12
N ASN B 38 7.04 -1.16 5.85
CA ASN B 38 8.08 -1.08 6.89
C ASN B 38 7.94 0.11 7.82
N MET B 39 7.06 1.06 7.49
CA MET B 39 6.71 2.15 8.39
C MET B 39 5.59 1.84 9.38
N TRP B 40 4.85 0.76 9.13
CA TRP B 40 3.65 0.50 9.93
C TRP B 40 3.93 0.18 11.42
N PRO B 41 4.96 -0.69 11.75
CA PRO B 41 5.25 -0.92 13.17
C PRO B 41 5.62 0.35 13.87
N GLY B 42 6.43 1.18 13.22
CA GLY B 42 6.84 2.47 13.79
C GLY B 42 5.67 3.39 14.01
N ILE B 43 4.72 3.38 13.08
CA ILE B 43 3.48 4.13 13.22
C ILE B 43 2.68 3.59 14.42
N PHE B 44 2.58 2.27 14.56
CA PHE B 44 1.90 1.71 15.72
C PHE B 44 2.54 2.12 17.07
N VAL B 45 3.87 2.00 17.18
CA VAL B 45 4.57 2.26 18.47
C VAL B 45 4.39 3.74 18.80
N TYR B 46 4.50 4.60 17.79
CA TYR B 46 4.24 6.04 17.97
C TYR B 46 2.88 6.24 18.58
N MET B 47 1.91 5.52 18.03
CA MET B 47 0.54 5.68 18.52
C MET B 47 0.42 5.21 19.96
N VAL B 48 1.02 4.09 20.27
CA VAL B 48 1.00 3.57 21.65
C VAL B 48 1.64 4.56 22.64
N HIS B 49 2.76 5.14 22.25
CA HIS B 49 3.48 6.04 23.12
C HIS B 49 2.68 7.26 23.50
N ARG B 50 1.85 7.76 22.59
CA ARG B 50 1.16 9.00 22.81
C ARG B 50 -0.19 8.80 23.44
N SER B 51 -0.77 7.63 23.29
CA SER B 51 -2.13 7.42 23.80
C SER B 51 -2.09 6.67 25.10
N CYS B 52 -0.99 5.96 25.31
CA CYS B 52 -0.82 5.12 26.47
C CYS B 52 0.30 5.69 27.33
N GLY B 53 1.46 5.96 26.72
CA GLY B 53 2.66 6.35 27.45
C GLY B 53 3.90 5.57 27.03
N THR B 54 5.05 6.25 27.09
CA THR B 54 6.39 5.68 26.83
C THR B 54 6.75 4.47 27.69
N SER B 55 6.12 4.36 28.84
CA SER B 55 6.48 3.33 29.78
C SER B 55 5.31 2.39 30.00
N CYS B 56 4.31 2.45 29.12
CA CYS B 56 3.20 1.49 29.13
C CYS B 56 3.73 0.09 28.83
N PHE B 57 4.71 0.02 27.93
CA PHE B 57 5.27 -1.24 27.49
C PHE B 57 6.79 -1.14 27.39
N GLU B 58 7.47 -2.23 27.70
CA GLU B 58 8.89 -2.31 27.53
C GLU B 58 9.11 -2.42 26.02
N LEU B 59 9.90 -1.50 25.46
CA LEU B 59 10.04 -1.34 24.05
C LEU B 59 10.50 -2.61 23.35
N GLU B 60 11.47 -3.30 23.94
CA GLU B 60 11.99 -4.52 23.35
C GLU B 60 10.89 -5.56 23.13
N LYS B 61 10.14 -5.88 24.19
CA LYS B 61 8.97 -6.80 24.17
C LYS B 61 7.92 -6.33 23.13
N LEU B 62 7.57 -5.04 23.18
CA LEU B 62 6.57 -4.48 22.27
C LEU B 62 6.91 -4.72 20.79
N CME B 63 8.15 -4.44 20.43
CA CME B 63 8.62 -4.62 19.05
CB CME B 63 10.00 -4.00 18.82
SG CME B 63 9.96 -2.20 18.83
SD CME B 63 9.55 -1.70 16.87
CE CME B 63 11.12 -1.24 16.18
CZ CME B 63 11.07 -1.33 14.65
OH CME B 63 10.16 -0.33 14.16
C CME B 63 8.62 -6.09 18.72
O CME B 63 8.24 -6.48 17.62
N ARG B 64 8.99 -6.92 19.67
CA ARG B 64 8.93 -8.36 19.45
C ARG B 64 7.50 -8.87 19.20
N PHE B 65 6.58 -8.47 20.08
CA PHE B 65 5.14 -8.73 19.93
C PHE B 65 4.61 -8.22 18.56
N ILE B 66 4.88 -6.97 18.23
CA ILE B 66 4.43 -6.41 16.95
C ILE B 66 4.88 -7.25 15.75
N MET B 67 6.13 -7.71 15.78
CA MET B 67 6.67 -8.47 14.66
C MET B 67 6.05 -9.86 14.57
N SER B 68 5.81 -10.52 15.70
CA SER B 68 5.14 -11.83 15.66
C SER B 68 3.69 -11.69 15.19
N VAL B 69 3.01 -10.61 15.59
CA VAL B 69 1.65 -10.36 15.13
C VAL B 69 1.65 -10.19 13.62
N LYS B 70 2.56 -9.38 13.10
CA LYS B 70 2.62 -9.14 11.64
C LYS B 70 2.81 -10.48 10.91
N LYS B 71 3.76 -11.25 11.40
CA LYS B 71 4.05 -12.58 10.90
C LYS B 71 2.81 -13.47 10.83
N ASN B 72 1.83 -13.22 11.67
CA ASN B 72 0.68 -14.13 11.71
C ASN B 72 -0.57 -13.62 11.00
N TYR B 73 -0.42 -12.51 10.27
CA TYR B 73 -1.42 -12.09 9.30
C TYR B 73 -1.05 -12.64 7.93
N ARG B 74 -2.04 -12.88 7.09
CA ARG B 74 -1.82 -13.51 5.81
C ARG B 74 -1.89 -12.52 4.70
N ARG B 75 -1.42 -12.92 3.53
CA ARG B 75 -1.42 -11.99 2.40
C ARG B 75 -2.72 -12.12 1.65
N VAL B 76 -3.81 -11.69 2.28
CA VAL B 76 -5.11 -11.73 1.68
C VAL B 76 -5.40 -10.31 1.17
N PRO B 77 -6.42 -10.15 0.33
CA PRO B 77 -6.56 -8.81 -0.25
C PRO B 77 -7.02 -7.72 0.75
N TYR B 78 -7.81 -8.07 1.77
CA TYR B 78 -8.35 -7.04 2.68
C TYR B 78 -7.99 -7.28 4.15
N HIS B 79 -8.25 -8.49 4.67
CA HIS B 79 -8.01 -8.80 6.09
C HIS B 79 -6.57 -9.12 6.37
N ASN B 80 -5.74 -8.13 6.09
CA ASN B 80 -4.30 -8.29 6.16
C ASN B 80 -3.68 -7.35 7.21
N TRP B 81 -2.35 -7.32 7.26
CA TRP B 81 -1.59 -6.52 8.21
C TRP B 81 -1.91 -5.03 8.07
N LYS B 82 -2.06 -4.53 6.84
CA LYS B 82 -2.45 -3.14 6.64
C LYS B 82 -3.78 -2.82 7.31
N HIS B 83 -4.74 -3.72 7.15
CA HIS B 83 -6.03 -3.55 7.80
C HIS B 83 -5.86 -3.49 9.32
N ALA B 84 -5.02 -4.37 9.91
CA ALA B 84 -4.84 -4.40 11.38
C ALA B 84 -4.36 -3.02 11.91
N VAL B 85 -3.38 -2.43 11.23
CA VAL B 85 -2.77 -1.20 11.69
C VAL B 85 -3.76 -0.05 11.42
N THR B 86 -4.51 -0.14 10.34
CA THR B 86 -5.49 0.87 10.00
C THR B 86 -6.60 0.98 11.05
N VAL B 87 -7.11 -0.15 11.50
CA VAL B 87 -8.13 -0.24 12.52
C VAL B 87 -7.53 0.29 13.85
N ALA B 88 -6.27 -0.08 14.14
CA ALA B 88 -5.59 0.45 15.32
C ALA B 88 -5.49 1.96 15.23
N HIS B 89 -5.17 2.50 14.05
CA HIS B 89 -5.06 3.95 13.91
C HIS B 89 -6.42 4.64 14.18
N CYS B 90 -7.53 4.00 13.78
CA CYS B 90 -8.82 4.60 14.03
C CYS B 90 -9.07 4.67 15.53
N MET B 91 -8.68 3.63 16.25
CA MET B 91 -8.86 3.58 17.68
C MET B 91 -8.00 4.62 18.38
N TYR B 92 -6.78 4.79 17.88
CA TYR B 92 -5.90 5.84 18.35
C TYR B 92 -6.64 7.17 18.32
N ALA B 93 -7.27 7.47 17.19
CA ALA B 93 -7.91 8.76 16.98
C ALA B 93 -9.12 8.92 17.93
N ILE B 94 -9.89 7.86 18.12
CA ILE B 94 -10.96 7.89 19.11
C ILE B 94 -10.43 8.19 20.50
N LEU B 95 -9.42 7.42 20.94
CA LEU B 95 -8.81 7.57 22.26
C LEU B 95 -8.20 8.96 22.48
N GLN B 96 -7.49 9.49 21.48
CA GLN B 96 -6.92 10.82 21.58
C GLN B 96 -7.94 11.95 21.72
N ASN B 97 -9.12 11.82 21.13
CA ASN B 97 -10.15 12.84 21.22
C ASN B 97 -11.19 12.58 22.33
N ASN B 98 -10.98 11.53 23.10
CA ASN B 98 -11.81 11.24 24.27
C ASN B 98 -10.96 10.73 25.43
N HIS B 99 -9.80 11.33 25.63
CA HIS B 99 -8.78 10.67 26.47
C HIS B 99 -9.17 10.53 27.95
N THR B 100 -9.98 11.47 28.42
CA THR B 100 -10.49 11.47 29.78
C THR B 100 -11.45 10.31 30.13
N LEU B 101 -12.14 9.76 29.13
CA LEU B 101 -13.17 8.73 29.39
C LEU B 101 -12.63 7.34 29.72
N PHE B 102 -11.36 7.10 29.41
CA PHE B 102 -10.86 5.73 29.45
C PHE B 102 -9.79 5.50 30.48
N THR B 103 -9.81 4.33 31.10
CA THR B 103 -8.81 3.94 32.05
C THR B 103 -7.53 3.54 31.32
N ASP B 104 -6.43 3.44 32.06
CA ASP B 104 -5.14 3.14 31.43
C ASP B 104 -5.09 1.69 30.98
N LEU B 105 -5.73 0.79 31.73
CA LEU B 105 -5.86 -0.57 31.28
C LEU B 105 -6.55 -0.59 29.92
N GLU B 106 -7.60 0.20 29.75
CA GLU B 106 -8.34 0.27 28.50
C GLU B 106 -7.46 0.77 27.38
N ARG B 107 -6.73 1.87 27.60
CA ARG B 107 -5.82 2.45 26.58
C ARG B 107 -4.74 1.45 26.09
N LYS B 108 -4.15 0.70 27.02
CA LYS B 108 -3.27 -0.44 26.73
C LYS B 108 -3.96 -1.53 25.89
N GLY B 109 -5.05 -2.06 26.45
CA GLY B 109 -5.85 -3.12 25.86
C GLY B 109 -6.35 -2.89 24.43
N LEU B 110 -6.84 -1.68 24.17
CA LEU B 110 -7.63 -1.44 22.98
C LEU B 110 -6.78 -1.31 21.70
N LEU B 111 -5.62 -0.68 21.79
CA LEU B 111 -4.76 -0.59 20.60
C LEU B 111 -4.23 -1.96 20.26
N ILE B 112 -3.87 -2.74 21.28
CA ILE B 112 -3.45 -4.14 21.11
C ILE B 112 -4.60 -4.96 20.51
N ALA B 113 -5.81 -4.82 21.07
CA ALA B 113 -6.93 -5.60 20.59
C ALA B 113 -7.11 -5.29 19.11
N CYS B 114 -7.03 -4.00 18.72
CA CYS B 114 -7.21 -3.66 17.30
C CYS B 114 -6.14 -4.25 16.38
N LEU B 115 -4.89 -4.23 16.84
CA LEU B 115 -3.80 -4.77 16.06
C LEU B 115 -4.00 -6.28 15.84
N CYS B 116 -4.49 -6.97 16.86
CA CYS B 116 -4.64 -8.44 16.83
C CYS B 116 -5.99 -8.94 16.38
N HIS B 117 -6.93 -8.02 16.07
CA HIS B 117 -8.35 -8.41 15.95
C HIS B 117 -8.67 -9.30 14.76
N ASP B 118 -7.83 -9.35 13.74
CA ASP B 118 -8.12 -10.25 12.61
C ASP B 118 -6.98 -11.27 12.43
N LEU B 119 -6.24 -11.56 13.50
CA LEU B 119 -5.06 -12.40 13.39
C LEU B 119 -5.35 -13.70 12.69
N ASP B 120 -4.54 -14.00 11.68
CA ASP B 120 -4.58 -15.28 10.97
C ASP B 120 -5.89 -15.47 10.18
N HIS B 121 -6.48 -14.34 9.75
CA HIS B 121 -7.64 -14.37 8.91
C HIS B 121 -7.28 -15.00 7.58
N ARG B 122 -8.14 -15.85 7.06
CA ARG B 122 -7.86 -16.52 5.75
C ARG B 122 -8.54 -15.87 4.58
N GLY B 123 -9.36 -14.85 4.84
CA GLY B 123 -10.06 -14.13 3.76
C GLY B 123 -11.49 -14.69 3.61
N PHE B 124 -11.93 -15.51 4.57
CA PHE B 124 -13.27 -16.11 4.49
C PHE B 124 -14.10 -15.83 5.72
N SER B 125 -15.40 -15.59 5.50
CA SER B 125 -16.38 -15.38 6.54
C SER B 125 -16.64 -16.61 7.42
N ASN B 126 -17.25 -16.38 8.59
CA ASN B 126 -17.70 -17.45 9.48
C ASN B 126 -18.64 -18.45 8.80
N SER B 127 -19.52 -17.91 8.00
CA SER B 127 -20.50 -18.69 7.30
C SER B 127 -19.80 -19.63 6.29
N TYR B 128 -18.77 -19.16 5.59
CA TYR B 128 -18.02 -20.07 4.73
C TYR B 128 -17.32 -21.21 5.54
N LEU B 129 -16.67 -20.87 6.65
CA LEU B 129 -16.03 -21.90 7.46
C LEU B 129 -17.06 -22.89 7.97
N GLN B 130 -18.26 -22.42 8.29
CA GLN B 130 -19.31 -23.32 8.73
C GLN B 130 -19.76 -24.26 7.59
N LYS B 131 -19.95 -23.72 6.39
CA LYS B 131 -20.35 -24.57 5.28
C LYS B 131 -19.27 -25.51 4.80
N PHE B 132 -18.02 -25.06 4.82
CA PHE B 132 -16.93 -25.89 4.39
C PHE B 132 -16.70 -27.03 5.39
N ASP B 133 -17.15 -26.80 6.63
CA ASP B 133 -16.85 -27.65 7.75
C ASP B 133 -15.34 -27.58 8.10
N HIS B 134 -14.80 -26.37 8.17
CA HIS B 134 -13.43 -26.16 8.67
C HIS B 134 -13.31 -26.59 10.15
N PRO B 135 -12.18 -27.21 10.57
CA PRO B 135 -11.95 -27.52 11.99
C PRO B 135 -12.30 -26.36 12.95
N LEU B 136 -12.00 -25.11 12.58
CA LEU B 136 -12.38 -23.97 13.44
C LEU B 136 -13.87 -23.88 13.75
N ALA B 137 -14.72 -24.33 12.83
CA ALA B 137 -16.17 -24.25 13.03
C ALA B 137 -16.66 -25.19 14.10
N ALA B 138 -15.91 -26.25 14.42
CA ALA B 138 -16.31 -27.18 15.50
C ALA B 138 -15.70 -26.75 16.83
N LEU B 139 -14.55 -26.13 16.77
CA LEU B 139 -13.94 -25.58 17.97
C LEU B 139 -14.82 -24.42 18.47
N TYR B 140 -15.34 -23.61 17.55
CA TYR B 140 -15.98 -22.35 17.91
C TYR B 140 -17.28 -22.24 17.15
N SER B 141 -18.40 -22.52 17.81
CA SER B 141 -19.64 -22.59 17.05
C SER B 141 -20.23 -21.27 16.63
N THR B 142 -19.98 -20.18 17.38
CA THR B 142 -20.40 -18.83 16.94
C THR B 142 -19.18 -17.91 16.96
N SER B 143 -19.20 -16.85 16.17
CA SER B 143 -18.08 -15.90 16.19
C SER B 143 -16.77 -16.70 15.97
N THR B 144 -16.84 -17.61 14.99
CA THR B 144 -15.77 -18.58 14.74
C THR B 144 -14.42 -17.91 14.54
N MET B 145 -14.32 -16.98 13.59
CA MET B 145 -13.03 -16.39 13.31
C MET B 145 -12.59 -15.54 14.48
N GLU B 146 -13.55 -14.86 15.12
CA GLU B 146 -13.19 -13.88 16.13
C GLU B 146 -12.63 -14.60 17.37
N GLN B 147 -13.19 -15.75 17.71
CA GLN B 147 -12.66 -16.53 18.82
C GLN B 147 -11.26 -17.06 18.46
N HIS B 148 -11.06 -17.40 17.18
CA HIS B 148 -9.71 -17.79 16.75
C HIS B 148 -8.72 -16.63 16.84
N HIS B 149 -9.13 -15.42 16.43
CA HIS B 149 -8.22 -14.27 16.50
C HIS B 149 -7.81 -14.07 17.94
N PHE B 150 -8.77 -14.19 18.87
CA PHE B 150 -8.41 -14.02 20.26
C PHE B 150 -7.41 -15.11 20.70
N SER B 151 -7.71 -16.36 20.37
CA SER B 151 -6.80 -17.45 20.64
C SER B 151 -5.36 -17.22 20.13
N GLN B 152 -5.23 -16.72 18.90
CA GLN B 152 -3.92 -16.39 18.34
C GLN B 152 -3.20 -15.33 19.15
N THR B 153 -3.94 -14.32 19.62
CA THR B 153 -3.42 -13.23 20.42
C THR B 153 -2.81 -13.79 21.69
N VAL B 154 -3.55 -14.69 22.32
CA VAL B 154 -3.04 -15.28 23.56
C VAL B 154 -1.77 -16.11 23.31
N SER B 155 -1.74 -16.88 22.23
CA SER B 155 -0.58 -17.68 21.88
C SER B 155 0.66 -16.81 21.69
N ILE B 156 0.47 -15.68 21.01
CA ILE B 156 1.58 -14.79 20.78
C ILE B 156 2.05 -14.20 22.13
N LEU B 157 1.10 -13.81 22.99
CA LEU B 157 1.46 -13.19 24.26
C LEU B 157 2.32 -14.11 25.10
N GLN B 158 2.09 -15.41 24.94
CA GLN B 158 2.76 -16.45 25.70
C GLN B 158 4.11 -16.96 25.14
N LEU B 159 4.57 -16.38 24.03
CA LEU B 159 5.86 -16.69 23.44
C LEU B 159 6.93 -16.04 24.30
N GLU B 160 8.06 -16.74 24.46
CA GLU B 160 9.16 -16.22 25.27
C GLU B 160 9.46 -14.81 24.81
N GLY B 161 9.57 -13.89 25.75
CA GLY B 161 9.93 -12.51 25.43
C GLY B 161 8.81 -11.66 24.86
N HIS B 162 7.59 -12.20 24.81
CA HIS B 162 6.48 -11.49 24.14
C HIS B 162 5.44 -10.92 25.09
N ASN B 163 5.54 -11.27 26.39
CA ASN B 163 4.59 -10.78 27.35
C ASN B 163 4.72 -9.31 27.63
N ILE B 164 4.07 -8.51 26.78
CA ILE B 164 4.07 -7.06 26.93
C ILE B 164 3.30 -6.56 28.14
N PHE B 165 2.56 -7.46 28.82
CA PHE B 165 1.81 -7.06 30.01
C PHE B 165 2.44 -7.56 31.30
N SER B 166 3.75 -7.79 31.31
CA SER B 166 4.36 -8.39 32.50
C SER B 166 4.52 -7.37 33.65
N THR B 167 4.39 -6.08 33.35
CA THR B 167 4.24 -5.05 34.39
C THR B 167 3.08 -5.33 35.37
N LEU B 168 1.95 -5.84 34.85
CA LEU B 168 0.66 -5.82 35.53
C LEU B 168 0.49 -6.94 36.58
N SER B 169 -0.35 -6.72 37.57
CA SER B 169 -0.72 -7.77 38.53
C SER B 169 -1.58 -8.85 37.90
N SER B 170 -1.51 -10.05 38.45
CA SER B 170 -2.37 -11.15 38.07
C SER B 170 -3.80 -10.65 37.75
N SER B 171 -4.30 -9.77 38.61
CA SER B 171 -5.63 -9.22 38.54
C SER B 171 -5.83 -8.30 37.34
N GLU B 172 -4.98 -7.27 37.22
CA GLU B 172 -5.00 -6.38 36.06
C GLU B 172 -4.71 -7.12 34.76
N TYR B 173 -3.85 -8.12 34.79
CA TYR B 173 -3.51 -8.85 33.60
C TYR B 173 -4.78 -9.53 33.12
N GLU B 174 -5.53 -10.15 34.04
CA GLU B 174 -6.80 -10.77 33.69
C GLU B 174 -7.81 -9.74 33.16
N GLN B 175 -7.86 -8.57 33.77
CA GLN B 175 -8.75 -7.54 33.29
C GLN B 175 -8.43 -7.10 31.87
N VAL B 176 -7.16 -6.90 31.56
CA VAL B 176 -6.77 -6.40 30.24
C VAL B 176 -7.05 -7.50 29.17
N LEU B 177 -6.88 -8.77 29.55
CA LEU B 177 -7.14 -9.84 28.61
C LEU B 177 -8.64 -9.95 28.38
N GLU B 178 -9.40 -9.56 29.39
CA GLU B 178 -10.86 -9.58 29.25
C GLU B 178 -11.36 -8.44 28.35
N ILE B 179 -10.75 -7.26 28.50
CA ILE B 179 -11.03 -6.15 27.62
C ILE B 179 -10.77 -6.58 26.18
N ILE B 180 -9.65 -7.28 25.96
CA ILE B 180 -9.17 -7.58 24.61
C ILE B 180 -10.10 -8.65 24.04
N ARG B 181 -10.43 -9.65 24.83
CA ARG B 181 -11.30 -10.68 24.34
C ARG B 181 -12.65 -10.09 23.92
N LYS B 182 -13.28 -9.31 24.81
CA LYS B 182 -14.61 -8.80 24.48
C LYS B 182 -14.49 -7.86 23.29
N ALA B 183 -13.42 -7.07 23.22
CA ALA B 183 -13.27 -6.18 22.07
C ALA B 183 -13.08 -6.94 20.77
N ILE B 184 -12.31 -8.03 20.77
CA ILE B 184 -12.14 -8.80 19.53
C ILE B 184 -13.44 -9.48 19.11
N ILE B 185 -14.14 -10.10 20.07
CA ILE B 185 -15.44 -10.73 19.80
C ILE B 185 -16.42 -9.73 19.17
N ALA B 186 -16.35 -8.48 19.60
CA ALA B 186 -17.26 -7.48 19.11
C ALA B 186 -17.05 -7.11 17.64
N THR B 187 -15.90 -7.47 17.05
CA THR B 187 -15.71 -7.17 15.64
C THR B 187 -16.50 -8.13 14.74
N ASP B 188 -17.12 -9.16 15.33
CA ASP B 188 -18.10 -9.99 14.59
C ASP B 188 -19.32 -9.13 14.26
N LEU B 189 -19.44 -8.77 12.99
CA LEU B 189 -20.48 -7.84 12.57
C LEU B 189 -21.90 -8.32 12.88
N ALA B 190 -22.13 -9.64 12.90
CA ALA B 190 -23.40 -10.20 13.31
C ALA B 190 -23.80 -9.74 14.73
N LEU B 191 -22.82 -9.43 15.58
CA LEU B 191 -23.14 -9.02 16.95
C LEU B 191 -23.37 -7.52 17.03
N TYR B 192 -22.96 -6.81 16.01
CA TYR B 192 -23.01 -5.37 16.08
C TYR B 192 -24.45 -4.86 16.11
N PHE B 193 -25.34 -5.45 15.31
CA PHE B 193 -26.72 -4.94 15.19
C PHE B 193 -27.43 -4.80 16.54
N GLY B 194 -27.40 -5.87 17.32
CA GLY B 194 -27.96 -5.94 18.67
C GLY B 194 -27.21 -4.99 19.60
N ASN B 195 -25.88 -4.93 19.48
CA ASN B 195 -25.12 -4.01 20.35
C ASN B 195 -25.49 -2.55 20.12
N ARG B 196 -25.43 -2.09 18.88
CA ARG B 196 -25.80 -0.73 18.58
C ARG B 196 -27.23 -0.37 18.99
N LYS B 197 -28.18 -1.27 18.77
CA LYS B 197 -29.57 -1.06 19.11
C LYS B 197 -29.77 -0.80 20.63
N GLN B 198 -29.20 -1.66 21.47
CA GLN B 198 -29.21 -1.43 22.93
C GLN B 198 -28.58 -0.11 23.32
N LEU B 199 -27.49 0.24 22.64
CA LEU B 199 -26.79 1.49 22.93
C LEU B 199 -27.61 2.68 22.53
N GLU B 200 -28.26 2.59 21.35
CA GLU B 200 -29.15 3.63 20.86
C GLU B 200 -30.26 3.87 21.87
N GLU B 201 -30.78 2.78 22.44
CA GLU B 201 -31.84 2.84 23.44
C GLU B 201 -31.41 3.48 24.72
N MET B 202 -30.36 2.93 25.37
CA MET B 202 -29.74 3.55 26.54
C MET B 202 -29.38 5.03 26.32
N TYR B 203 -28.80 5.38 25.18
CA TYR B 203 -28.47 6.77 24.98
C TYR B 203 -29.75 7.61 24.97
N GLN B 204 -30.69 7.26 24.08
CA GLN B 204 -31.90 8.06 23.82
C GLN B 204 -32.78 8.27 25.05
N THR B 205 -32.70 7.36 26.02
CA THR B 205 -33.45 7.46 27.25
C THR B 205 -32.59 7.94 28.44
N GLY B 206 -31.41 8.49 28.17
CA GLY B 206 -30.47 8.87 29.24
C GLY B 206 -30.14 7.85 30.32
N SER B 207 -30.28 6.56 30.05
CA SER B 207 -29.94 5.57 31.07
C SER B 207 -28.50 5.04 30.88
N LEU B 208 -27.81 5.56 29.86
CA LEU B 208 -26.45 5.10 29.57
C LEU B 208 -25.48 5.63 30.62
N ASN B 209 -24.75 4.72 31.21
CA ASN B 209 -23.93 4.99 32.38
C ASN B 209 -22.49 4.43 32.23
N LEU B 210 -21.54 5.27 31.83
CA LEU B 210 -20.15 4.83 31.69
C LEU B 210 -19.46 4.27 32.94
N ASN B 211 -20.11 4.33 34.10
CA ASN B 211 -19.56 3.68 35.29
C ASN B 211 -20.12 2.29 35.46
N ASN B 212 -21.04 1.92 34.58
CA ASN B 212 -21.53 0.55 34.57
C ASN B 212 -20.67 -0.29 33.62
N GLN B 213 -20.08 -1.37 34.11
CA GLN B 213 -19.10 -2.12 33.32
C GLN B 213 -19.76 -2.67 32.04
N SER B 214 -21.01 -3.10 32.20
CA SER B 214 -21.86 -3.61 31.12
CA SER B 214 -21.86 -3.60 31.11
C SER B 214 -22.01 -2.57 30.01
N HIS B 215 -22.23 -1.32 30.41
CA HIS B 215 -22.38 -0.25 29.46
C HIS B 215 -21.05 0.08 28.82
N ARG B 216 -19.97 0.08 29.62
CA ARG B 216 -18.63 0.35 29.06
C ARG B 216 -18.30 -0.71 28.01
N ASP B 217 -18.56 -1.97 28.33
CA ASP B 217 -18.35 -3.04 27.36
C ASP B 217 -19.08 -2.78 26.06
N ARG B 218 -20.30 -2.27 26.14
CA ARG B 218 -21.06 -2.09 24.91
C ARG B 218 -20.48 -0.91 24.11
N VAL B 219 -20.09 0.17 24.78
CA VAL B 219 -19.54 1.30 24.08
C VAL B 219 -18.21 0.87 23.44
N ILE B 220 -17.43 0.05 24.12
CA ILE B 220 -16.17 -0.40 23.55
C ILE B 220 -16.46 -1.29 22.31
N GLY B 221 -17.45 -2.17 22.42
CA GLY B 221 -17.85 -2.98 21.27
C GLY B 221 -18.16 -2.09 20.08
N LEU B 222 -18.85 -0.98 20.31
CA LEU B 222 -19.27 -0.17 19.18
C LEU B 222 -18.05 0.61 18.64
N MET B 223 -17.19 1.04 19.56
CA MET B 223 -15.90 1.56 19.15
C MET B 223 -15.16 0.61 18.22
N MET B 224 -15.14 -0.67 18.54
CA MET B 224 -14.49 -1.68 17.69
C MET B 224 -15.11 -1.83 16.31
N THR B 225 -16.45 -1.92 16.23
CA THR B 225 -17.13 -1.87 14.93
C THR B 225 -16.72 -0.61 14.14
N ALA B 226 -16.76 0.56 14.77
CA ALA B 226 -16.46 1.79 14.07
C ALA B 226 -15.04 1.76 13.48
N CYS B 227 -14.08 1.25 14.25
CA CYS B 227 -12.69 1.18 13.76
C CYS B 227 -12.59 0.15 12.63
N ASP B 228 -13.28 -0.98 12.84
CA ASP B 228 -13.28 -2.06 11.87
C ASP B 228 -13.89 -1.61 10.52
N LEU B 229 -14.87 -0.71 10.54
CA LEU B 229 -15.50 -0.27 9.30
C LEU B 229 -14.83 0.96 8.75
N CYS B 230 -13.75 1.40 9.37
CA CYS B 230 -13.25 2.78 9.12
C CYS B 230 -12.89 3.12 7.67
N SER B 231 -12.80 2.09 6.81
CA SER B 231 -12.61 2.31 5.37
CA SER B 231 -12.61 2.33 5.38
C SER B 231 -13.62 3.36 4.82
N VAL B 232 -14.85 3.30 5.32
CA VAL B 232 -15.93 4.16 4.83
CA VAL B 232 -15.92 4.16 4.84
C VAL B 232 -15.79 5.57 5.43
N THR B 233 -14.80 5.79 6.28
CA THR B 233 -14.63 7.13 6.91
C THR B 233 -13.41 7.85 6.38
N LYS B 234 -12.82 7.29 5.33
CA LYS B 234 -11.66 7.90 4.72
C LYS B 234 -12.15 8.82 3.62
N LEU B 235 -11.22 9.58 3.04
CA LEU B 235 -11.54 10.39 1.88
C LEU B 235 -11.90 9.48 0.74
N TRP B 236 -12.73 9.99 -0.17
CA TRP B 236 -13.25 9.18 -1.27
C TRP B 236 -12.23 8.28 -2.07
N PRO B 237 -11.08 8.84 -2.49
CA PRO B 237 -10.16 7.97 -3.24
C PRO B 237 -9.70 6.74 -2.46
N VAL B 238 -9.44 6.88 -1.16
CA VAL B 238 -9.09 5.74 -0.29
C VAL B 238 -10.24 4.76 -0.19
N THR B 239 -11.43 5.30 0.08
CA THR B 239 -12.65 4.51 0.29
C THR B 239 -12.94 3.70 -0.95
N LYS B 240 -12.80 4.34 -2.11
CA LYS B 240 -13.12 3.70 -3.39
C LYS B 240 -12.16 2.56 -3.72
N LEU B 241 -10.85 2.82 -3.57
CA LEU B 241 -9.84 1.77 -3.75
C LEU B 241 -9.97 0.63 -2.76
N THR B 242 -10.21 0.95 -1.48
CA THR B 242 -10.32 -0.12 -0.48
C THR B 242 -11.47 -1.07 -0.82
N ALA B 243 -12.59 -0.50 -1.30
CA ALA B 243 -13.74 -1.32 -1.75
C ALA B 243 -13.35 -2.43 -2.76
N ASN B 244 -12.38 -2.17 -3.63
CA ASN B 244 -11.85 -3.22 -4.54
C ASN B 244 -11.32 -4.41 -3.79
N ASP B 245 -10.56 -4.14 -2.73
CA ASP B 245 -9.98 -5.19 -1.90
C ASP B 245 -11.01 -5.97 -1.12
N ILE B 246 -11.98 -5.26 -0.58
CA ILE B 246 -13.11 -5.90 0.10
C ILE B 246 -13.81 -6.89 -0.83
N TYR B 247 -14.17 -6.44 -2.04
CA TYR B 247 -14.84 -7.33 -3.01
C TYR B 247 -13.99 -8.44 -3.57
N ALA B 248 -12.67 -8.18 -3.76
CA ALA B 248 -11.74 -9.24 -4.16
C ALA B 248 -11.84 -10.44 -3.18
N GLU B 249 -11.90 -10.17 -1.87
CA GLU B 249 -12.13 -11.25 -0.89
C GLU B 249 -13.50 -11.85 -1.01
N PHE B 250 -14.53 -11.02 -1.01
CA PHE B 250 -15.92 -11.53 -1.05
C PHE B 250 -16.16 -12.38 -2.27
N TRP B 251 -15.68 -11.93 -3.43
CA TRP B 251 -15.82 -12.69 -4.68
C TRP B 251 -15.07 -14.03 -4.70
N ALA B 252 -13.87 -14.03 -4.15
CA ALA B 252 -13.13 -15.31 -4.00
C ALA B 252 -13.97 -16.21 -3.11
N GLU B 253 -14.54 -15.68 -2.03
CA GLU B 253 -15.37 -16.51 -1.16
C GLU B 253 -16.63 -17.03 -1.88
N GLY B 254 -17.29 -16.14 -2.61
CA GLY B 254 -18.37 -16.52 -3.52
C GLY B 254 -18.01 -17.67 -4.46
N ASP B 255 -16.85 -17.56 -5.14
CA ASP B 255 -16.34 -18.61 -6.00
C ASP B 255 -16.27 -19.94 -5.19
N GLU B 256 -15.81 -19.87 -3.95
CA GLU B 256 -15.70 -21.08 -3.13
C GLU B 256 -17.02 -21.66 -2.67
N MET B 257 -18.02 -20.79 -2.47
CA MET B 257 -19.37 -21.27 -2.19
C MET B 257 -19.89 -22.08 -3.39
N LYS B 258 -19.72 -21.54 -4.60
CA LYS B 258 -20.11 -22.19 -5.83
C LYS B 258 -19.41 -23.54 -5.94
N LYS B 259 -18.11 -23.64 -5.58
CA LYS B 259 -17.40 -24.94 -5.61
C LYS B 259 -17.99 -25.99 -4.65
N LEU B 260 -18.63 -25.56 -3.56
CA LEU B 260 -19.39 -26.46 -2.65
C LEU B 260 -20.79 -26.75 -3.18
N GLY B 261 -21.14 -26.20 -4.35
CA GLY B 261 -22.48 -26.36 -4.89
C GLY B 261 -23.50 -25.47 -4.20
N ILE B 262 -23.08 -24.32 -3.67
CA ILE B 262 -24.02 -23.42 -2.99
C ILE B 262 -24.01 -22.07 -3.68
N GLN B 263 -25.18 -21.52 -3.98
CA GLN B 263 -25.24 -20.18 -4.58
C GLN B 263 -24.84 -19.19 -3.52
N PRO B 264 -23.80 -18.38 -3.78
CA PRO B 264 -23.45 -17.40 -2.76
C PRO B 264 -24.53 -16.30 -2.66
N ILE B 265 -24.58 -15.61 -1.52
CA ILE B 265 -25.44 -14.43 -1.38
C ILE B 265 -24.96 -13.39 -2.40
N PRO B 266 -25.84 -12.50 -2.87
CA PRO B 266 -25.43 -11.66 -4.03
C PRO B 266 -24.17 -10.81 -3.81
N MET B 267 -23.91 -10.44 -2.55
CA MET B 267 -22.75 -9.61 -2.18
C MET B 267 -21.41 -10.30 -2.55
N MET B 268 -21.41 -11.64 -2.52
CA MET B 268 -20.21 -12.44 -2.76
C MET B 268 -20.18 -12.96 -4.19
N ASP B 269 -21.14 -12.58 -5.00
CA ASP B 269 -21.22 -13.12 -6.33
C ASP B 269 -20.64 -12.14 -7.35
N ARG B 270 -19.53 -12.51 -7.97
CA ARG B 270 -18.81 -11.61 -8.90
C ARG B 270 -19.64 -11.32 -10.14
N ASP B 271 -20.60 -12.20 -10.44
CA ASP B 271 -21.55 -11.91 -11.52
C ASP B 271 -22.43 -10.71 -11.28
N LYS B 272 -22.62 -10.33 -10.00
CA LYS B 272 -23.39 -9.13 -9.63
C LYS B 272 -22.53 -7.89 -9.50
N LYS B 273 -21.30 -7.99 -9.98
CA LYS B 273 -20.34 -6.92 -9.98
C LYS B 273 -20.92 -5.55 -10.33
N ASP B 274 -21.86 -5.49 -11.28
CA ASP B 274 -22.45 -4.21 -11.70
CA ASP B 274 -22.42 -4.19 -11.68
C ASP B 274 -23.31 -3.55 -10.59
N GLU B 275 -23.74 -4.35 -9.61
CA GLU B 275 -24.58 -3.85 -8.53
C GLU B 275 -23.79 -3.34 -7.26
N VAL B 276 -22.46 -3.22 -7.38
CA VAL B 276 -21.62 -2.74 -6.28
C VAL B 276 -22.10 -1.38 -5.74
N PRO B 277 -22.31 -0.38 -6.62
CA PRO B 277 -22.68 0.94 -6.10
C PRO B 277 -23.95 0.89 -5.26
N GLN B 278 -24.95 0.12 -5.71
CA GLN B 278 -26.16 -0.09 -4.94
C GLN B 278 -25.95 -0.93 -3.68
N GLY B 279 -25.06 -1.92 -3.75
CA GLY B 279 -24.68 -2.68 -2.54
C GLY B 279 -24.02 -1.78 -1.50
N GLN B 280 -23.12 -0.91 -1.96
CA GLN B 280 -22.47 0.04 -1.07
C GLN B 280 -23.52 0.95 -0.41
N LEU B 281 -24.36 1.59 -1.22
CA LEU B 281 -25.47 2.43 -0.69
C LEU B 281 -26.29 1.68 0.40
N GLY B 282 -26.71 0.44 0.14
CA GLY B 282 -27.44 -0.37 1.13
C GLY B 282 -26.64 -0.56 2.41
N PHE B 283 -25.33 -0.75 2.23
CA PHE B 283 -24.48 -1.02 3.36
C PHE B 283 -24.29 0.23 4.24
N TYR B 284 -24.14 1.41 3.63
CA TYR B 284 -24.05 2.67 4.40
C TYR B 284 -25.37 2.93 5.17
N ASN B 285 -26.52 2.71 4.52
CA ASN B 285 -27.83 2.97 5.15
C ASN B 285 -28.13 1.99 6.26
N ALA B 286 -27.83 0.71 6.05
CA ALA B 286 -28.19 -0.34 7.00
C ALA B 286 -27.13 -0.51 8.08
N VAL B 287 -25.88 -0.13 7.81
CA VAL B 287 -24.80 -0.52 8.76
C VAL B 287 -23.91 0.66 9.18
N ALA B 288 -23.20 1.25 8.22
CA ALA B 288 -22.22 2.29 8.57
C ALA B 288 -22.80 3.60 9.17
N ILE B 289 -23.77 4.22 8.48
CA ILE B 289 -24.35 5.48 9.00
C ILE B 289 -24.91 5.30 10.45
N PRO B 290 -25.74 4.29 10.68
CA PRO B 290 -26.20 4.05 12.07
C PRO B 290 -25.06 3.84 13.06
N CYS B 291 -24.02 3.12 12.64
CA CYS B 291 -22.87 2.89 13.53
C CYS B 291 -22.23 4.23 13.96
N TYR B 292 -21.89 5.08 12.99
CA TYR B 292 -21.24 6.35 13.30
C TYR B 292 -22.17 7.43 13.91
N THR B 293 -23.47 7.29 13.68
CA THR B 293 -24.45 8.20 14.26
C THR B 293 -24.51 7.90 15.75
N THR B 294 -24.67 6.63 16.10
CA THR B 294 -24.75 6.26 17.50
C THR B 294 -23.43 6.57 18.19
N LEU B 295 -22.29 6.27 17.55
CA LEU B 295 -20.98 6.55 18.18
C LEU B 295 -20.86 8.06 18.48
N THR B 296 -21.22 8.90 17.50
CA THR B 296 -21.11 10.37 17.63
C THR B 296 -22.01 10.90 18.77
N GLN B 297 -23.22 10.36 18.90
CA GLN B 297 -24.05 10.69 20.03
C GLN B 297 -23.36 10.37 21.36
N ILE B 298 -22.67 9.24 21.43
CA ILE B 298 -22.12 8.83 22.70
C ILE B 298 -20.78 9.54 22.95
N LEU B 299 -20.00 9.69 21.89
CA LEU B 299 -18.67 10.27 21.95
C LEU B 299 -18.67 11.38 20.93
N PRO B 300 -19.22 12.54 21.32
CA PRO B 300 -19.32 13.62 20.31
C PRO B 300 -18.04 13.99 19.54
N PRO B 301 -16.85 13.89 20.17
CA PRO B 301 -15.66 14.18 19.31
C PRO B 301 -15.35 13.17 18.15
N THR B 302 -16.03 12.02 18.09
CA THR B 302 -15.93 11.13 16.91
C THR B 302 -16.75 11.56 15.66
N GLU B 303 -17.32 12.76 15.70
CA GLU B 303 -18.15 13.24 14.60
C GLU B 303 -17.51 13.23 13.20
N PRO B 304 -16.21 13.61 13.08
CA PRO B 304 -15.62 13.59 11.73
C PRO B 304 -15.74 12.22 11.05
N LEU B 305 -15.87 11.16 11.85
CA LEU B 305 -16.12 9.82 11.31
C LEU B 305 -17.47 9.79 10.61
N LEU B 306 -18.50 10.26 11.31
CA LEU B 306 -19.83 10.32 10.74
C LEU B 306 -19.83 11.27 9.54
N LYS B 307 -19.08 12.35 9.62
CA LYS B 307 -19.11 13.30 8.53
C LYS B 307 -18.50 12.72 7.24
N ALA B 308 -17.36 12.03 7.36
CA ALA B 308 -16.71 11.42 6.20
C ALA B 308 -17.59 10.28 5.62
N CYS B 309 -18.23 9.56 6.52
CA CYS B 309 -19.11 8.50 6.08
C CYS B 309 -20.31 9.03 5.25
N ARG B 310 -20.91 10.14 5.66
CA ARG B 310 -21.99 10.77 4.89
C ARG B 310 -21.47 11.26 3.56
N ASP B 311 -20.29 11.83 3.55
CA ASP B 311 -19.69 12.24 2.28
C ASP B 311 -19.50 11.06 1.35
N ASN B 312 -19.02 9.93 1.89
CA ASN B 312 -18.83 8.74 1.05
C ASN B 312 -20.15 8.17 0.49
N LEU B 313 -21.18 8.14 1.32
CA LEU B 313 -22.54 7.74 0.87
C LEU B 313 -23.02 8.60 -0.31
N SER B 314 -22.86 9.91 -0.15
CA SER B 314 -23.14 10.86 -1.21
C SER B 314 -22.31 10.55 -2.46
N GLN B 315 -21.04 10.16 -2.30
CA GLN B 315 -20.23 9.77 -3.45
C GLN B 315 -20.74 8.51 -4.15
N TRP B 316 -21.20 7.52 -3.38
CA TRP B 316 -21.78 6.33 -3.96
C TRP B 316 -23.09 6.67 -4.71
N GLU B 317 -23.87 7.59 -4.15
CA GLU B 317 -25.10 8.04 -4.83
C GLU B 317 -24.79 8.66 -6.19
N LYS B 318 -23.75 9.47 -6.22
CA LYS B 318 -23.21 9.97 -7.46
C LYS B 318 -22.89 8.86 -8.43
N VAL B 319 -22.15 7.84 -8.00
CA VAL B 319 -21.79 6.77 -8.92
C VAL B 319 -23.04 6.05 -9.51
N ILE B 320 -24.00 5.73 -8.65
CA ILE B 320 -25.26 5.17 -9.12
C ILE B 320 -25.95 6.04 -10.18
N ARG B 321 -25.92 7.35 -10.02
CA ARG B 321 -26.53 8.25 -10.99
C ARG B 321 -25.66 8.42 -12.25
N GLY B 322 -24.59 7.64 -12.35
CA GLY B 322 -23.65 7.78 -13.46
C GLY B 322 -22.91 9.11 -13.55
N GLU B 323 -22.85 9.87 -12.45
CA GLU B 323 -22.14 11.18 -12.40
C GLU B 323 -20.67 11.10 -11.92
N GLU B 324 -20.25 9.92 -11.46
CA GLU B 324 -18.86 9.64 -11.06
C GLU B 324 -18.38 8.34 -11.71
N THR B 325 -17.10 8.31 -12.10
CA THR B 325 -16.46 7.12 -12.70
C THR B 325 -16.27 6.03 -11.64
N LEU C 13 40.02 -23.80 -13.86
CA LEU C 13 39.03 -22.78 -13.37
C LEU C 13 37.68 -22.91 -14.08
N MET C 14 36.61 -22.57 -13.36
CA MET C 14 35.25 -22.80 -13.85
C MET C 14 34.72 -21.63 -14.64
N GLN C 15 34.39 -21.88 -15.89
CA GLN C 15 33.80 -20.86 -16.74
C GLN C 15 32.33 -21.17 -16.96
N PHE C 16 31.52 -20.13 -16.97
CA PHE C 16 30.11 -20.33 -17.24
C PHE C 16 29.93 -20.47 -18.73
N THR C 17 28.97 -21.31 -19.09
CA THR C 17 28.63 -21.58 -20.46
C THR C 17 27.09 -21.46 -20.60
N LEU C 18 26.60 -21.22 -21.80
CA LEU C 18 25.17 -20.99 -22.03
C LEU C 18 24.69 -21.98 -23.08
N PRO C 19 23.44 -22.44 -22.99
CA PRO C 19 22.96 -23.20 -24.14
C PRO C 19 23.25 -22.43 -25.40
N VAL C 20 23.37 -23.15 -26.50
CA VAL C 20 23.66 -22.60 -27.82
C VAL C 20 22.88 -21.34 -28.21
N ARG C 21 21.54 -21.40 -28.16
CA ARG C 21 20.72 -20.26 -28.59
C ARG C 21 21.06 -18.99 -27.79
N LEU C 22 21.26 -19.15 -26.47
CA LEU C 22 21.60 -18.03 -25.59
C LEU C 22 23.02 -17.52 -25.87
N CYS C 23 23.95 -18.44 -26.03
CA CYS C 23 25.35 -18.09 -26.33
C CYS C 23 25.43 -17.12 -27.52
N LYS C 24 24.59 -17.41 -28.49
CA LYS C 24 24.50 -16.70 -29.74
C LYS C 24 23.68 -15.38 -29.64
N GLU C 25 22.50 -15.46 -29.06
CA GLU C 25 21.56 -14.37 -28.99
C GLU C 25 22.00 -13.32 -27.94
N ILE C 26 22.70 -13.75 -26.89
CA ILE C 26 23.10 -12.79 -25.84
C ILE C 26 24.03 -11.69 -26.34
N GLU C 27 24.68 -11.94 -27.47
CA GLU C 27 25.57 -10.94 -28.06
C GLU C 27 24.81 -9.81 -28.72
N LEU C 28 23.51 -10.01 -28.98
CA LEU C 28 22.69 -8.96 -29.62
C LEU C 28 22.12 -7.94 -28.62
N PHE C 29 22.08 -6.68 -29.02
CA PHE C 29 21.45 -5.67 -28.20
C PHE C 29 20.01 -6.01 -27.77
N HIS C 30 19.22 -6.63 -28.65
CA HIS C 30 17.80 -6.88 -28.37
C HIS C 30 17.48 -8.16 -27.55
N PHE C 31 18.50 -8.92 -27.21
CA PHE C 31 18.30 -10.09 -26.39
C PHE C 31 17.39 -9.89 -25.18
N ASP C 32 16.56 -10.90 -24.90
CA ASP C 32 15.69 -10.88 -23.74
C ASP C 32 16.18 -12.02 -22.85
N ILE C 33 16.31 -11.79 -21.55
CA ILE C 33 16.94 -12.81 -20.67
C ILE C 33 16.03 -14.01 -20.35
N GLY C 34 14.75 -13.91 -20.73
CA GLY C 34 13.85 -15.05 -20.61
C GLY C 34 13.11 -15.11 -19.26
N PRO C 35 12.14 -16.03 -19.12
CA PRO C 35 11.31 -16.02 -17.92
C PRO C 35 11.83 -16.92 -16.81
N PHE C 36 12.97 -17.59 -17.01
CA PHE C 36 13.46 -18.47 -15.99
C PHE C 36 14.40 -17.76 -15.01
N GLU C 37 13.85 -17.32 -13.89
CA GLU C 37 14.61 -16.60 -12.86
C GLU C 37 15.93 -17.24 -12.50
N ASN C 38 15.94 -18.55 -12.32
CA ASN C 38 17.18 -19.22 -11.88
C ASN C 38 18.33 -19.25 -12.86
N MET C 39 18.09 -18.83 -14.10
CA MET C 39 19.16 -18.69 -15.10
C MET C 39 19.85 -17.34 -15.04
N TRP C 40 19.20 -16.37 -14.44
CA TRP C 40 19.68 -14.99 -14.57
C TRP C 40 21.02 -14.79 -13.88
N PRO C 41 21.24 -15.38 -12.68
CA PRO C 41 22.55 -15.21 -12.06
C PRO C 41 23.63 -15.76 -12.95
N GLY C 42 23.41 -16.95 -13.50
CA GLY C 42 24.40 -17.59 -14.38
C GLY C 42 24.70 -16.78 -15.63
N ILE C 43 23.66 -16.16 -16.22
CA ILE C 43 23.78 -15.26 -17.37
C ILE C 43 24.62 -14.03 -17.01
N PHE C 44 24.38 -13.49 -15.80
CA PHE C 44 25.15 -12.36 -15.34
C PHE C 44 26.64 -12.76 -15.18
N VAL C 45 26.91 -13.87 -14.52
CA VAL C 45 28.29 -14.32 -14.39
C VAL C 45 28.92 -14.54 -15.77
N TYR C 46 28.19 -15.17 -16.69
CA TYR C 46 28.72 -15.32 -18.05
C TYR C 46 29.17 -13.95 -18.64
N MET C 47 28.33 -12.93 -18.47
CA MET C 47 28.62 -11.62 -19.03
C MET C 47 29.82 -11.00 -18.37
N VAL C 48 29.91 -11.14 -17.07
CA VAL C 48 31.07 -10.67 -16.33
C VAL C 48 32.38 -11.37 -16.76
N HIS C 49 32.36 -12.70 -16.86
CA HIS C 49 33.53 -13.46 -17.33
C HIS C 49 33.98 -13.00 -18.72
N ARG C 50 33.03 -12.83 -19.63
CA ARG C 50 33.35 -12.40 -20.99
C ARG C 50 33.76 -10.94 -21.12
N SER C 51 33.28 -10.05 -20.27
CA SER C 51 33.51 -8.64 -20.55
C SER C 51 34.57 -8.04 -19.65
N CYS C 52 34.73 -8.61 -18.46
CA CYS C 52 35.78 -8.23 -17.52
C CYS C 52 36.95 -9.25 -17.59
N GLY C 53 36.62 -10.53 -17.56
CA GLY C 53 37.63 -11.61 -17.56
C GLY C 53 37.33 -12.55 -16.41
N THR C 54 37.72 -13.82 -16.58
CA THR C 54 37.42 -14.87 -15.58
C THR C 54 38.11 -14.65 -14.21
N SER C 55 39.19 -13.90 -14.19
CA SER C 55 39.91 -13.65 -12.95
C SER C 55 39.48 -12.34 -12.26
N CYS C 56 38.59 -11.58 -12.90
CA CYS C 56 38.14 -10.29 -12.38
C CYS C 56 37.57 -10.29 -10.96
N PHE C 57 36.82 -11.34 -10.62
CA PHE C 57 36.25 -11.47 -9.31
C PHE C 57 36.44 -12.91 -8.88
N GLU C 58 36.56 -13.14 -7.58
CA GLU C 58 36.58 -14.47 -7.07
C GLU C 58 35.15 -15.06 -7.19
N LEU C 59 35.04 -16.20 -7.89
CA LEU C 59 33.74 -16.83 -8.15
C LEU C 59 32.82 -16.96 -6.93
N GLU C 60 33.33 -17.55 -5.84
CA GLU C 60 32.53 -17.69 -4.61
C GLU C 60 31.99 -16.37 -4.07
N LYS C 61 32.82 -15.33 -4.06
CA LYS C 61 32.40 -14.01 -3.59
C LYS C 61 31.35 -13.40 -4.54
N LEU C 62 31.59 -13.54 -5.85
CA LEU C 62 30.68 -12.98 -6.82
C LEU C 62 29.30 -13.59 -6.57
N CME C 63 29.25 -14.92 -6.47
CA CME C 63 28.00 -15.65 -6.27
CB CME C 63 28.23 -17.17 -6.39
SG CME C 63 28.36 -17.63 -8.12
SD CME C 63 26.45 -17.60 -8.85
CE CME C 63 26.09 -19.30 -9.19
CZ CME C 63 25.06 -19.33 -10.31
OH CME C 63 23.98 -20.19 -9.94
C CME C 63 27.30 -15.20 -5.01
O CME C 63 26.09 -15.01 -5.01
N ARG C 64 28.05 -14.99 -3.93
CA ARG C 64 27.45 -14.52 -2.69
C ARG C 64 26.87 -13.11 -2.88
N PHE C 65 27.66 -12.23 -3.51
CA PHE C 65 27.24 -10.86 -3.75
C PHE C 65 25.96 -10.79 -4.60
N ILE C 66 25.93 -11.56 -5.68
CA ILE C 66 24.78 -11.65 -6.58
C ILE C 66 23.51 -12.10 -5.86
N MET C 67 23.62 -13.13 -5.04
CA MET C 67 22.47 -13.63 -4.34
C MET C 67 21.94 -12.65 -3.29
N SER C 68 22.84 -11.89 -2.64
CA SER C 68 22.40 -10.85 -1.69
C SER C 68 21.69 -9.68 -2.40
N VAL C 69 22.24 -9.28 -3.54
CA VAL C 69 21.61 -8.27 -4.41
C VAL C 69 20.19 -8.72 -4.82
N LYS C 70 20.05 -9.93 -5.37
CA LYS C 70 18.74 -10.45 -5.74
C LYS C 70 17.74 -10.34 -4.56
N LYS C 71 18.20 -10.76 -3.39
CA LYS C 71 17.37 -10.85 -2.18
C LYS C 71 16.87 -9.47 -1.77
N ASN C 72 17.58 -8.43 -2.20
CA ASN C 72 17.20 -7.05 -1.87
C ASN C 72 16.51 -6.30 -2.98
N TYR C 73 16.16 -7.01 -4.07
CA TYR C 73 15.16 -6.52 -5.02
C TYR C 73 13.80 -7.01 -4.57
N ARG C 74 12.75 -6.20 -4.77
CA ARG C 74 11.42 -6.54 -4.30
C ARG C 74 10.52 -7.06 -5.43
N ARG C 75 9.42 -7.71 -5.05
CA ARG C 75 8.51 -8.26 -6.03
C ARG C 75 7.53 -7.19 -6.48
N VAL C 76 8.04 -6.23 -7.25
CA VAL C 76 7.26 -5.15 -7.83
C VAL C 76 7.09 -5.43 -9.35
N PRO C 77 6.18 -4.73 -10.04
CA PRO C 77 5.94 -5.21 -11.41
C PRO C 77 7.10 -4.98 -12.37
N TYR C 78 7.85 -3.89 -12.17
CA TYR C 78 8.83 -3.49 -13.18
C TYR C 78 10.22 -3.34 -12.58
N HIS C 79 10.33 -2.61 -11.46
CA HIS C 79 11.68 -2.29 -10.93
C HIS C 79 12.16 -3.44 -10.05
N ASN C 80 12.29 -4.60 -10.67
CA ASN C 80 12.57 -5.86 -10.00
C ASN C 80 13.95 -6.46 -10.42
N TRP C 81 14.23 -7.67 -9.96
CA TRP C 81 15.43 -8.41 -10.26
C TRP C 81 15.64 -8.59 -11.77
N LYS C 82 14.55 -8.88 -12.48
CA LYS C 82 14.61 -9.07 -13.93
C LYS C 82 15.05 -7.78 -14.63
N HIS C 83 14.50 -6.65 -14.23
CA HIS C 83 14.96 -5.36 -14.74
C HIS C 83 16.47 -5.18 -14.54
N ALA C 84 16.91 -5.44 -13.32
CA ALA C 84 18.35 -5.33 -12.96
C ALA C 84 19.26 -6.10 -13.94
N VAL C 85 18.96 -7.37 -14.17
CA VAL C 85 19.78 -8.20 -15.07
C VAL C 85 19.61 -7.74 -16.54
N THR C 86 18.42 -7.27 -16.91
CA THR C 86 18.17 -6.80 -18.28
C THR C 86 19.04 -5.56 -18.54
N VAL C 87 19.15 -4.70 -17.53
CA VAL C 87 19.97 -3.48 -17.63
C VAL C 87 21.44 -3.86 -17.70
N ALA C 88 21.86 -4.81 -16.89
CA ALA C 88 23.25 -5.31 -16.95
C ALA C 88 23.60 -5.86 -18.34
N HIS C 89 22.63 -6.53 -18.97
CA HIS C 89 22.89 -7.17 -20.25
C HIS C 89 23.04 -6.09 -21.31
N CYS C 90 22.24 -5.03 -21.22
CA CYS C 90 22.44 -3.95 -22.16
C CYS C 90 23.86 -3.36 -22.04
N MET C 91 24.31 -3.15 -20.81
CA MET C 91 25.66 -2.67 -20.54
C MET C 91 26.72 -3.60 -21.11
N TYR C 92 26.54 -4.89 -20.86
CA TYR C 92 27.34 -5.95 -21.49
C TYR C 92 27.52 -5.72 -23.00
N ALA C 93 26.39 -5.53 -23.71
CA ALA C 93 26.43 -5.37 -25.14
C ALA C 93 27.13 -4.06 -25.51
N ILE C 94 26.89 -2.97 -24.81
CA ILE C 94 27.63 -1.73 -25.13
C ILE C 94 29.16 -1.94 -24.99
N LEU C 95 29.55 -2.53 -23.87
CA LEU C 95 30.95 -2.76 -23.52
C LEU C 95 31.65 -3.68 -24.53
N GLN C 96 30.99 -4.78 -24.92
CA GLN C 96 31.56 -5.74 -25.87
C GLN C 96 31.69 -5.12 -27.24
N ASN C 97 30.86 -4.14 -27.59
CA ASN C 97 30.93 -3.56 -28.93
C ASN C 97 31.79 -2.33 -29.03
N ASN C 98 32.36 -1.96 -27.89
CA ASN C 98 33.20 -0.78 -27.74
C ASN C 98 34.41 -1.14 -26.86
N HIS C 99 34.93 -2.35 -27.03
CA HIS C 99 35.81 -2.89 -26.00
C HIS C 99 37.13 -2.12 -25.79
N THR C 100 37.55 -1.33 -26.77
CA THR C 100 38.83 -0.65 -26.66
C THR C 100 38.77 0.64 -25.85
N LEU C 101 37.55 1.10 -25.55
CA LEU C 101 37.37 2.42 -24.93
C LEU C 101 37.33 2.46 -23.41
N PHE C 102 37.20 1.30 -22.74
CA PHE C 102 36.99 1.31 -21.30
C PHE C 102 38.12 0.71 -20.52
N THR C 103 38.35 1.29 -19.35
CA THR C 103 39.41 0.85 -18.47
C THR C 103 38.97 -0.43 -17.77
N ASP C 104 39.90 -1.02 -17.04
CA ASP C 104 39.61 -2.25 -16.35
C ASP C 104 38.72 -1.98 -15.14
N LEU C 105 38.94 -0.84 -14.50
CA LEU C 105 38.12 -0.46 -13.39
C LEU C 105 36.67 -0.26 -13.88
N GLU C 106 36.52 0.40 -15.04
CA GLU C 106 35.19 0.65 -15.61
C GLU C 106 34.51 -0.65 -15.98
N ARG C 107 35.25 -1.57 -16.58
CA ARG C 107 34.66 -2.83 -16.96
C ARG C 107 34.05 -3.53 -15.73
N LYS C 108 34.88 -3.80 -14.73
CA LYS C 108 34.47 -4.29 -13.39
C LYS C 108 33.27 -3.54 -12.79
N GLY C 109 33.35 -2.21 -12.78
CA GLY C 109 32.36 -1.37 -12.11
C GLY C 109 30.97 -1.31 -12.76
N LEU C 110 30.91 -1.30 -14.09
CA LEU C 110 29.66 -0.91 -14.76
C LEU C 110 28.65 -2.04 -14.71
N LEU C 111 29.10 -3.29 -14.79
CA LEU C 111 28.13 -4.39 -14.74
C LEU C 111 27.53 -4.50 -13.35
N ILE C 112 28.40 -4.32 -12.36
CA ILE C 112 28.00 -4.32 -10.96
C ILE C 112 27.04 -3.16 -10.72
N ALA C 113 27.35 -2.00 -11.27
CA ALA C 113 26.49 -0.83 -11.06
C ALA C 113 25.10 -1.07 -11.68
N CYS C 114 25.06 -1.63 -12.89
CA CYS C 114 23.77 -2.02 -13.52
C CYS C 114 23.01 -3.03 -12.71
N LEU C 115 23.69 -4.08 -12.26
CA LEU C 115 22.98 -5.07 -11.40
C LEU C 115 22.37 -4.43 -10.15
N CYS C 116 23.05 -3.44 -9.58
CA CYS C 116 22.63 -2.86 -8.29
C CYS C 116 21.80 -1.57 -8.36
N HIS C 117 21.50 -1.07 -9.56
CA HIS C 117 21.13 0.34 -9.73
C HIS C 117 19.74 0.67 -9.30
N ASP C 118 18.92 -0.37 -9.04
CA ASP C 118 17.55 -0.19 -8.52
C ASP C 118 17.32 -0.96 -7.20
N LEU C 119 18.40 -1.26 -6.47
CA LEU C 119 18.32 -2.03 -5.21
C LEU C 119 17.26 -1.48 -4.26
N ASP C 120 16.39 -2.37 -3.82
CA ASP C 120 15.40 -2.06 -2.82
C ASP C 120 14.36 -1.03 -3.29
N HIS C 121 14.12 -0.97 -4.61
CA HIS C 121 13.11 -0.05 -5.17
C HIS C 121 11.69 -0.47 -4.73
N ARG C 122 10.82 0.48 -4.42
CA ARG C 122 9.50 0.09 -3.90
C ARG C 122 8.45 0.19 -4.98
N GLY C 123 8.83 0.57 -6.18
CA GLY C 123 7.83 0.78 -7.19
C GLY C 123 7.29 2.21 -7.16
N PHE C 124 7.94 3.11 -6.43
CA PHE C 124 7.50 4.52 -6.41
C PHE C 124 8.59 5.50 -6.81
N SER C 125 8.22 6.54 -7.54
CA SER C 125 9.16 7.58 -8.01
C SER C 125 9.65 8.45 -6.86
N ASN C 126 10.69 9.23 -7.13
CA ASN C 126 11.21 10.15 -6.14
C ASN C 126 10.16 11.17 -5.76
N SER C 127 9.44 11.63 -6.77
CA SER C 127 8.34 12.55 -6.59
C SER C 127 7.35 12.00 -5.52
N TYR C 128 6.90 10.76 -5.65
CA TYR C 128 6.01 10.22 -4.61
C TYR C 128 6.66 10.18 -3.22
N LEU C 129 7.91 9.76 -3.13
CA LEU C 129 8.58 9.73 -1.83
C LEU C 129 8.63 11.13 -1.22
N GLN C 130 8.83 12.13 -2.06
CA GLN C 130 8.93 13.48 -1.58
C GLN C 130 7.59 13.95 -1.02
N LYS C 131 6.55 13.81 -1.82
CA LYS C 131 5.20 14.15 -1.38
C LYS C 131 4.69 13.32 -0.19
N PHE C 132 5.02 12.04 -0.15
CA PHE C 132 4.63 11.20 0.96
C PHE C 132 5.35 11.65 2.22
N ASP C 133 6.53 12.25 2.03
CA ASP C 133 7.44 12.66 3.09
C ASP C 133 8.08 11.41 3.73
N HIS C 134 8.55 10.50 2.88
CA HIS C 134 9.19 9.27 3.33
C HIS C 134 10.53 9.62 4.01
N PRO C 135 10.93 8.87 5.08
CA PRO C 135 12.22 9.16 5.70
C PRO C 135 13.39 9.32 4.69
N LEU C 136 13.41 8.52 3.62
CA LEU C 136 14.49 8.59 2.63
C LEU C 136 14.56 9.94 1.93
N ALA C 137 13.42 10.60 1.75
CA ALA C 137 13.38 11.94 1.15
C ALA C 137 13.94 13.01 2.04
N ALA C 138 14.05 12.73 3.34
CA ALA C 138 14.71 13.65 4.30
C ALA C 138 16.22 13.43 4.30
N LEU C 139 16.62 12.17 4.18
CA LEU C 139 18.03 11.81 4.19
C LEU C 139 18.73 12.12 2.84
N TYR C 140 17.98 12.04 1.74
CA TYR C 140 18.50 12.32 0.40
C TYR C 140 17.51 13.20 -0.30
N SER C 141 17.79 14.49 -0.35
CA SER C 141 16.80 15.43 -0.82
C SER C 141 16.63 15.47 -2.35
N THR C 142 17.64 15.06 -3.12
CA THR C 142 17.48 14.87 -4.59
C THR C 142 17.97 13.48 -5.00
N SER C 143 17.59 12.97 -6.19
CA SER C 143 17.99 11.61 -6.58
C SER C 143 17.82 10.70 -5.35
N THR C 144 16.67 10.81 -4.71
CA THR C 144 16.40 10.13 -3.47
C THR C 144 16.61 8.61 -3.57
N MET C 145 15.91 7.96 -4.52
CA MET C 145 15.94 6.49 -4.61
C MET C 145 17.33 6.05 -5.01
N GLU C 146 17.97 6.83 -5.90
CA GLU C 146 19.28 6.49 -6.48
C GLU C 146 20.41 6.59 -5.43
N GLN C 147 20.34 7.60 -4.58
CA GLN C 147 21.24 7.62 -3.43
C GLN C 147 20.98 6.39 -2.50
N HIS C 148 19.72 6.01 -2.34
CA HIS C 148 19.42 4.78 -1.57
C HIS C 148 19.99 3.52 -2.25
N HIS C 149 19.85 3.40 -3.58
CA HIS C 149 20.38 2.22 -4.28
C HIS C 149 21.88 2.11 -4.06
N PHE C 150 22.59 3.23 -4.18
CA PHE C 150 24.01 3.22 -3.97
C PHE C 150 24.33 2.85 -2.52
N SER C 151 23.58 3.42 -1.59
CA SER C 151 23.76 3.09 -0.18
C SER C 151 23.55 1.60 0.10
N GLN C 152 22.57 0.98 -0.54
CA GLN C 152 22.31 -0.46 -0.37
C GLN C 152 23.41 -1.28 -0.99
N THR C 153 23.93 -0.79 -2.13
CA THR C 153 25.06 -1.42 -2.78
C THR C 153 26.28 -1.56 -1.82
N VAL C 154 26.66 -0.43 -1.23
CA VAL C 154 27.75 -0.36 -0.21
C VAL C 154 27.46 -1.31 0.97
N SER C 155 26.24 -1.27 1.50
CA SER C 155 25.84 -2.22 2.55
C SER C 155 26.19 -3.64 2.21
N ILE C 156 25.87 -4.05 0.99
CA ILE C 156 26.05 -5.44 0.58
C ILE C 156 27.53 -5.79 0.45
N LEU C 157 28.30 -4.89 -0.15
CA LEU C 157 29.73 -5.09 -0.27
C LEU C 157 30.41 -5.25 1.08
N GLN C 158 29.85 -4.62 2.12
CA GLN C 158 30.46 -4.67 3.45
C GLN C 158 30.02 -5.88 4.27
N LEU C 159 29.08 -6.67 3.76
CA LEU C 159 28.68 -7.91 4.42
C LEU C 159 29.84 -8.90 4.36
N GLU C 160 29.95 -9.76 5.38
CA GLU C 160 31.06 -10.69 5.48
C GLU C 160 31.07 -11.56 4.25
N GLY C 161 32.24 -11.72 3.65
CA GLY C 161 32.40 -12.55 2.46
C GLY C 161 31.84 -11.98 1.15
N HIS C 162 31.34 -10.74 1.17
CA HIS C 162 30.71 -10.18 -0.03
C HIS C 162 31.60 -9.15 -0.73
N ASN C 163 32.80 -8.92 -0.21
CA ASN C 163 33.65 -7.87 -0.81
C ASN C 163 34.35 -8.34 -2.07
N ILE C 164 33.62 -8.27 -3.18
CA ILE C 164 34.11 -8.71 -4.48
C ILE C 164 35.27 -7.84 -5.00
N PHE C 165 35.51 -6.69 -4.38
CA PHE C 165 36.61 -5.85 -4.81
C PHE C 165 37.79 -5.96 -3.83
N SER C 166 37.84 -7.05 -3.07
CA SER C 166 38.85 -7.18 -1.99
C SER C 166 40.32 -7.22 -2.47
N THR C 167 40.58 -7.64 -3.70
CA THR C 167 41.94 -7.65 -4.23
C THR C 167 42.46 -6.26 -4.64
N LEU C 168 41.57 -5.28 -4.83
CA LEU C 168 41.97 -3.98 -5.37
C LEU C 168 42.76 -3.18 -4.37
N SER C 169 43.68 -2.33 -4.85
CA SER C 169 44.38 -1.39 -3.98
C SER C 169 43.36 -0.46 -3.34
N SER C 170 43.75 0.23 -2.29
CA SER C 170 42.82 1.13 -1.62
C SER C 170 42.33 2.27 -2.54
N SER C 171 43.20 2.65 -3.47
CA SER C 171 42.94 3.70 -4.42
C SER C 171 41.99 3.27 -5.50
N GLU C 172 42.26 2.10 -6.06
CA GLU C 172 41.42 1.49 -7.07
C GLU C 172 40.03 1.16 -6.52
N TYR C 173 39.97 0.86 -5.23
CA TYR C 173 38.70 0.57 -4.58
C TYR C 173 37.84 1.81 -4.50
N GLU C 174 38.42 2.92 -4.07
CA GLU C 174 37.69 4.16 -4.00
C GLU C 174 37.28 4.62 -5.42
N GLN C 175 38.09 4.29 -6.42
CA GLN C 175 37.75 4.67 -7.79
C GLN C 175 36.60 3.83 -8.31
N VAL C 176 36.64 2.54 -8.07
CA VAL C 176 35.61 1.67 -8.59
C VAL C 176 34.28 2.02 -7.89
N LEU C 177 34.36 2.33 -6.60
CA LEU C 177 33.18 2.79 -5.86
C LEU C 177 32.67 4.12 -6.34
N GLU C 178 33.55 4.97 -6.84
CA GLU C 178 33.14 6.23 -7.42
C GLU C 178 32.50 6.06 -8.81
N ILE C 179 33.05 5.18 -9.63
CA ILE C 179 32.42 4.86 -10.91
C ILE C 179 30.97 4.37 -10.66
N ILE C 180 30.81 3.50 -9.66
CA ILE C 180 29.53 2.89 -9.36
C ILE C 180 28.54 3.91 -8.86
N ARG C 181 28.97 4.75 -7.91
CA ARG C 181 28.11 5.82 -7.39
C ARG C 181 27.59 6.70 -8.51
N LYS C 182 28.49 7.23 -9.32
CA LYS C 182 28.11 8.14 -10.38
C LYS C 182 27.15 7.48 -11.38
N ALA C 183 27.49 6.25 -11.79
CA ALA C 183 26.65 5.46 -12.71
C ALA C 183 25.21 5.33 -12.16
N ILE C 184 25.09 5.00 -10.89
CA ILE C 184 23.78 4.79 -10.26
C ILE C 184 23.04 6.09 -10.12
N ILE C 185 23.75 7.16 -9.76
CA ILE C 185 23.09 8.47 -9.67
C ILE C 185 22.55 8.91 -11.04
N ALA C 186 23.29 8.57 -12.12
CA ALA C 186 22.94 8.91 -13.51
C ALA C 186 21.58 8.34 -13.93
N THR C 187 21.17 7.20 -13.33
CA THR C 187 19.90 6.56 -13.66
C THR C 187 18.68 7.39 -13.14
N ASP C 188 18.94 8.48 -12.45
CA ASP C 188 17.86 9.41 -12.12
C ASP C 188 17.52 10.17 -13.40
N LEU C 189 16.41 9.81 -14.02
CA LEU C 189 16.00 10.42 -15.29
C LEU C 189 15.97 11.96 -15.27
N ALA C 190 15.75 12.56 -14.09
CA ALA C 190 15.66 14.03 -14.00
C ALA C 190 17.02 14.64 -14.31
N LEU C 191 18.09 13.86 -14.13
CA LEU C 191 19.46 14.33 -14.42
C LEU C 191 19.87 14.04 -15.86
N TYR C 192 19.20 13.07 -16.48
CA TYR C 192 19.50 12.69 -17.88
C TYR C 192 19.40 13.89 -18.86
N PHE C 193 18.36 14.72 -18.74
CA PHE C 193 18.11 15.74 -19.78
C PHE C 193 19.25 16.75 -19.88
N GLY C 194 19.68 17.26 -18.72
CA GLY C 194 20.86 18.13 -18.62
C GLY C 194 22.13 17.41 -19.07
N ASN C 195 22.24 16.12 -18.71
CA ASN C 195 23.42 15.38 -19.05
C ASN C 195 23.51 15.19 -20.58
N ARG C 196 22.40 14.77 -21.20
CA ARG C 196 22.39 14.52 -22.65
C ARG C 196 22.67 15.80 -23.44
N LYS C 197 22.08 16.91 -22.99
CA LYS C 197 22.22 18.20 -23.64
C LYS C 197 23.68 18.73 -23.54
N GLN C 198 24.28 18.64 -22.37
CA GLN C 198 25.72 18.89 -22.23
C GLN C 198 26.56 17.99 -23.14
N LEU C 199 26.33 16.66 -23.11
CA LEU C 199 27.10 15.75 -23.96
C LEU C 199 26.97 16.05 -25.46
N GLU C 200 25.75 16.32 -25.90
CA GLU C 200 25.44 16.68 -27.28
C GLU C 200 26.23 17.93 -27.71
N GLU C 201 26.23 18.97 -26.91
CA GLU C 201 27.06 20.12 -27.22
C GLU C 201 28.57 19.80 -27.28
N MET C 202 29.07 18.99 -26.38
CA MET C 202 30.50 18.60 -26.41
C MET C 202 30.80 17.85 -27.69
N TYR C 203 29.93 16.90 -28.04
CA TYR C 203 30.08 16.13 -29.27
C TYR C 203 30.06 17.04 -30.52
N GLN C 204 29.04 17.90 -30.62
CA GLN C 204 28.85 18.77 -31.77
C GLN C 204 29.99 19.80 -31.98
N THR C 205 30.55 20.31 -30.87
CA THR C 205 31.65 21.29 -30.92
C THR C 205 33.00 20.59 -31.06
N GLY C 206 33.01 19.27 -31.02
CA GLY C 206 34.25 18.54 -31.11
C GLY C 206 35.11 18.66 -29.87
N SER C 207 34.61 19.28 -28.80
CA SER C 207 35.36 19.37 -27.54
C SER C 207 35.30 18.08 -26.66
N LEU C 208 34.48 17.11 -27.08
CA LEU C 208 34.32 15.88 -26.30
C LEU C 208 35.63 15.09 -26.23
N ASN C 209 36.09 14.73 -25.04
CA ASN C 209 37.41 14.15 -24.90
C ASN C 209 37.46 13.04 -23.85
N LEU C 210 37.61 11.79 -24.29
CA LEU C 210 37.59 10.65 -23.34
C LEU C 210 38.78 10.57 -22.35
N ASN C 211 39.80 11.42 -22.53
CA ASN C 211 40.86 11.50 -21.54
C ASN C 211 40.53 12.46 -20.42
N ASN C 212 39.48 13.25 -20.61
CA ASN C 212 39.00 14.09 -19.54
C ASN C 212 37.98 13.32 -18.64
N GLN C 213 38.22 13.24 -17.32
CA GLN C 213 37.44 12.34 -16.44
C GLN C 213 35.99 12.78 -16.37
N SER C 214 35.74 14.09 -16.32
CA SER C 214 34.38 14.59 -16.30
C SER C 214 33.55 14.32 -17.59
N HIS C 215 34.20 14.37 -18.77
CA HIS C 215 33.57 13.88 -19.99
C HIS C 215 33.26 12.40 -19.92
N ARG C 216 34.25 11.60 -19.52
CA ARG C 216 34.03 10.16 -19.34
C ARG C 216 32.80 9.93 -18.48
N ASP C 217 32.69 10.72 -17.40
CA ASP C 217 31.65 10.53 -16.40
C ASP C 217 30.30 10.73 -17.08
N ARG C 218 30.23 11.74 -17.93
CA ARG C 218 29.01 12.08 -18.64
C ARG C 218 28.64 11.01 -19.65
N VAL C 219 29.64 10.48 -20.37
CA VAL C 219 29.38 9.41 -21.34
C VAL C 219 28.84 8.13 -20.64
N ILE C 220 29.44 7.78 -19.51
CA ILE C 220 29.00 6.63 -18.71
C ILE C 220 27.57 6.88 -18.23
N GLY C 221 27.28 8.13 -17.88
CA GLY C 221 25.94 8.51 -17.41
C GLY C 221 24.90 8.27 -18.48
N LEU C 222 25.25 8.63 -19.72
CA LEU C 222 24.34 8.42 -20.83
C LEU C 222 24.16 6.93 -21.13
N MET C 223 25.25 6.19 -21.02
CA MET C 223 25.21 4.75 -21.20
C MET C 223 24.26 4.16 -20.18
N MET C 224 24.29 4.69 -18.95
CA MET C 224 23.39 4.20 -17.89
C MET C 224 21.91 4.43 -18.23
N THR C 225 21.59 5.65 -18.66
CA THR C 225 20.23 5.94 -19.09
C THR C 225 19.80 4.99 -20.21
N ALA C 226 20.70 4.79 -21.18
CA ALA C 226 20.43 3.99 -22.37
C ALA C 226 20.15 2.54 -21.96
N CYS C 227 20.95 2.04 -21.02
CA CYS C 227 20.68 0.69 -20.45
C CYS C 227 19.38 0.68 -19.64
N ASP C 228 19.17 1.72 -18.83
CA ASP C 228 17.97 1.80 -18.05
C ASP C 228 16.68 1.75 -18.91
N LEU C 229 16.71 2.38 -20.09
CA LEU C 229 15.53 2.46 -20.93
C LEU C 229 15.44 1.34 -21.92
N CYS C 230 16.29 0.32 -21.82
CA CYS C 230 16.47 -0.58 -22.99
C CYS C 230 15.24 -1.39 -23.37
N SER C 231 14.23 -1.44 -22.51
CA SER C 231 12.96 -2.12 -22.91
C SER C 231 12.35 -1.53 -24.21
N VAL C 232 12.67 -0.28 -24.51
CA VAL C 232 12.21 0.37 -25.75
C VAL C 232 13.01 -0.07 -27.01
N THR C 233 14.02 -0.92 -26.80
CA THR C 233 14.90 -1.39 -27.88
C THR C 233 14.81 -2.89 -28.09
N LYS C 234 13.83 -3.53 -27.47
CA LYS C 234 13.64 -4.95 -27.69
C LYS C 234 12.72 -5.16 -28.89
N LEU C 235 12.62 -6.42 -29.30
CA LEU C 235 11.57 -6.87 -30.21
C LEU C 235 10.21 -6.39 -29.72
N TRP C 236 9.31 -6.05 -30.64
CA TRP C 236 8.02 -5.45 -30.32
C TRP C 236 7.19 -6.18 -29.24
N PRO C 237 7.08 -7.52 -29.32
CA PRO C 237 6.27 -8.17 -28.29
C PRO C 237 6.88 -8.04 -26.90
N VAL C 238 8.23 -7.94 -26.82
CA VAL C 238 8.89 -7.70 -25.53
C VAL C 238 8.57 -6.27 -25.07
N THR C 239 8.78 -5.30 -25.96
CA THR C 239 8.50 -3.89 -25.68
C THR C 239 7.06 -3.63 -25.19
N LYS C 240 6.08 -4.23 -25.86
CA LYS C 240 4.67 -4.03 -25.53
C LYS C 240 4.33 -4.65 -24.19
N LEU C 241 4.82 -5.85 -23.95
CA LEU C 241 4.49 -6.51 -22.66
C LEU C 241 5.15 -5.83 -21.44
N THR C 242 6.38 -5.37 -21.59
CA THR C 242 7.08 -4.68 -20.53
C THR C 242 6.36 -3.37 -20.16
N ALA C 243 5.82 -2.67 -21.17
CA ALA C 243 5.07 -1.45 -20.96
C ALA C 243 3.88 -1.67 -20.02
N ASN C 244 3.28 -2.87 -20.04
CA ASN C 244 2.23 -3.21 -19.05
C ASN C 244 2.76 -3.21 -17.62
N ASP C 245 3.95 -3.77 -17.42
CA ASP C 245 4.57 -3.76 -16.11
C ASP C 245 4.92 -2.35 -15.69
N ILE C 246 5.38 -1.52 -16.64
CA ILE C 246 5.73 -0.14 -16.34
C ILE C 246 4.52 0.65 -15.86
N TYR C 247 3.41 0.53 -16.60
CA TYR C 247 2.18 1.18 -16.22
C TYR C 247 1.53 0.52 -14.98
N ALA C 248 1.73 -0.77 -14.76
CA ALA C 248 1.21 -1.36 -13.50
C ALA C 248 1.77 -0.60 -12.30
N GLU C 249 3.07 -0.32 -12.32
CA GLU C 249 3.71 0.51 -11.31
C GLU C 249 3.23 1.95 -11.29
N PHE C 250 3.24 2.62 -12.44
CA PHE C 250 2.85 4.00 -12.47
C PHE C 250 1.42 4.20 -11.98
N TRP C 251 0.54 3.27 -12.31
CA TRP C 251 -0.86 3.45 -11.95
C TRP C 251 -1.07 3.23 -10.46
N ALA C 252 -0.41 2.22 -9.87
CA ALA C 252 -0.43 2.05 -8.43
C ALA C 252 0.09 3.34 -7.75
N GLU C 253 1.15 3.96 -8.28
CA GLU C 253 1.62 5.22 -7.69
C GLU C 253 0.57 6.31 -7.85
N GLY C 254 -0.06 6.38 -9.01
CA GLY C 254 -1.14 7.37 -9.20
C GLY C 254 -2.27 7.14 -8.17
N ASP C 255 -2.51 5.88 -7.81
CA ASP C 255 -3.54 5.55 -6.84
C ASP C 255 -3.13 6.11 -5.50
N GLU C 256 -1.86 5.91 -5.14
CA GLU C 256 -1.34 6.40 -3.88
C GLU C 256 -1.33 7.93 -3.84
N MET C 257 -1.05 8.58 -4.97
CA MET C 257 -1.08 10.03 -5.04
C MET C 257 -2.48 10.52 -4.64
N LYS C 258 -3.48 9.86 -5.23
CA LYS C 258 -4.88 10.18 -4.99
C LYS C 258 -5.17 10.00 -3.54
N LYS C 259 -4.59 8.95 -2.93
CA LYS C 259 -4.74 8.75 -1.50
C LYS C 259 -4.12 9.85 -0.64
N LEU C 260 -3.09 10.53 -1.14
CA LEU C 260 -2.45 11.59 -0.37
C LEU C 260 -3.24 12.88 -0.49
N GLY C 261 -4.24 12.89 -1.37
CA GLY C 261 -5.00 14.11 -1.63
C GLY C 261 -4.49 14.87 -2.83
N ILE C 262 -3.64 14.24 -3.63
CA ILE C 262 -3.06 14.88 -4.83
C ILE C 262 -3.54 14.22 -6.11
N GLN C 263 -3.98 15.04 -7.05
CA GLN C 263 -4.31 14.59 -8.40
C GLN C 263 -2.96 14.19 -9.06
N PRO C 264 -2.81 12.91 -9.46
CA PRO C 264 -1.53 12.51 -10.06
C PRO C 264 -1.35 13.12 -11.46
N ILE C 265 -0.13 13.20 -11.97
CA ILE C 265 0.05 13.53 -13.39
C ILE C 265 -0.63 12.45 -14.27
N PRO C 266 -1.10 12.85 -15.47
CA PRO C 266 -1.83 11.94 -16.35
C PRO C 266 -1.13 10.59 -16.60
N MET C 267 0.19 10.60 -16.72
CA MET C 267 0.96 9.36 -16.96
C MET C 267 0.70 8.29 -15.88
N MET C 268 0.31 8.73 -14.69
CA MET C 268 0.16 7.81 -13.56
C MET C 268 -1.27 7.61 -13.17
N ASP C 269 -2.15 8.19 -13.98
CA ASP C 269 -3.58 8.12 -13.73
C ASP C 269 -4.18 6.99 -14.55
N ARG C 270 -4.65 5.93 -13.89
CA ARG C 270 -5.22 4.80 -14.66
C ARG C 270 -6.51 5.14 -15.39
N ASP C 271 -7.18 6.23 -15.00
CA ASP C 271 -8.39 6.66 -15.75
C ASP C 271 -8.03 7.11 -17.16
N LYS C 272 -6.74 7.36 -17.41
CA LYS C 272 -6.26 7.68 -18.75
C LYS C 272 -5.56 6.57 -19.51
N LYS C 273 -5.82 5.31 -19.15
CA LYS C 273 -5.31 4.11 -19.89
C LYS C 273 -5.35 4.27 -21.40
N ASP C 274 -6.39 4.90 -21.90
CA ASP C 274 -6.64 4.86 -23.35
C ASP C 274 -5.69 5.75 -24.11
N GLU C 275 -5.02 6.65 -23.38
CA GLU C 275 -4.05 7.58 -23.95
C GLU C 275 -2.60 7.03 -23.89
N VAL C 276 -2.47 5.74 -23.60
CA VAL C 276 -1.14 5.11 -23.47
C VAL C 276 -0.30 5.21 -24.76
N PRO C 277 -0.89 4.83 -25.93
CA PRO C 277 -0.09 4.89 -27.17
C PRO C 277 0.43 6.29 -27.46
N GLN C 278 -0.39 7.29 -27.19
CA GLN C 278 0.03 8.67 -27.35
C GLN C 278 1.09 9.04 -26.30
N GLY C 279 1.01 8.45 -25.12
CA GLY C 279 1.94 8.73 -24.06
C GLY C 279 3.28 8.15 -24.42
N GLN C 280 3.28 6.89 -24.85
CA GLN C 280 4.49 6.23 -25.34
C GLN C 280 5.11 7.05 -26.46
N LEU C 281 4.28 7.42 -27.44
CA LEU C 281 4.75 8.25 -28.56
C LEU C 281 5.52 9.48 -28.07
N GLY C 282 4.90 10.25 -27.17
CA GLY C 282 5.58 11.42 -26.61
C GLY C 282 6.84 10.99 -25.85
N PHE C 283 6.80 9.84 -25.18
CA PHE C 283 8.00 9.38 -24.43
C PHE C 283 9.17 9.12 -25.40
N TYR C 284 8.88 8.43 -26.50
CA TYR C 284 9.95 8.12 -27.47
C TYR C 284 10.50 9.41 -28.08
N ASN C 285 9.61 10.30 -28.48
CA ASN C 285 10.03 11.59 -29.06
C ASN C 285 10.86 12.48 -28.11
N ALA C 286 10.43 12.62 -26.87
CA ALA C 286 11.14 13.51 -25.95
C ALA C 286 12.31 12.87 -25.17
N VAL C 287 12.37 11.55 -25.09
CA VAL C 287 13.30 10.92 -24.14
C VAL C 287 14.13 9.84 -24.82
N ALA C 288 13.48 8.77 -25.26
CA ALA C 288 14.18 7.56 -25.77
C ALA C 288 15.02 7.85 -27.04
N ILE C 289 14.37 8.41 -28.08
CA ILE C 289 15.07 8.72 -29.35
C ILE C 289 16.27 9.66 -29.13
N PRO C 290 16.10 10.80 -28.43
CA PRO C 290 17.29 11.65 -28.28
C PRO C 290 18.43 10.93 -27.55
N CYS C 291 18.07 10.11 -26.55
CA CYS C 291 19.04 9.34 -25.79
C CYS C 291 19.87 8.45 -26.70
N TYR C 292 19.21 7.54 -27.42
CA TYR C 292 19.94 6.65 -28.30
C TYR C 292 20.55 7.37 -29.50
N THR C 293 20.04 8.55 -29.82
CA THR C 293 20.62 9.33 -30.91
C THR C 293 22.01 9.83 -30.51
N THR C 294 22.08 10.48 -29.35
CA THR C 294 23.30 10.98 -28.76
C THR C 294 24.30 9.82 -28.51
N LEU C 295 23.82 8.70 -27.98
CA LEU C 295 24.66 7.55 -27.69
C LEU C 295 25.33 6.98 -28.94
N THR C 296 24.58 6.89 -30.02
CA THR C 296 25.08 6.43 -31.29
C THR C 296 26.09 7.41 -31.88
N GLN C 297 25.89 8.72 -31.72
CA GLN C 297 26.88 9.68 -32.21
C GLN C 297 28.20 9.50 -31.47
N ILE C 298 28.13 9.28 -30.17
CA ILE C 298 29.36 9.08 -29.39
C ILE C 298 29.91 7.67 -29.56
N LEU C 299 29.05 6.65 -29.57
CA LEU C 299 29.51 5.28 -29.70
C LEU C 299 28.77 4.64 -30.89
N PRO C 300 29.33 4.74 -32.11
CA PRO C 300 28.56 4.24 -33.27
C PRO C 300 28.21 2.77 -33.24
N PRO C 301 29.05 1.90 -32.62
CA PRO C 301 28.56 0.51 -32.53
C PRO C 301 27.23 0.28 -31.76
N THR C 302 26.70 1.30 -31.08
CA THR C 302 25.45 1.11 -30.28
C THR C 302 24.24 1.35 -31.12
N GLU C 303 24.48 1.68 -32.38
CA GLU C 303 23.42 1.93 -33.39
C GLU C 303 22.18 0.99 -33.39
N PRO C 304 22.36 -0.32 -33.28
CA PRO C 304 21.16 -1.19 -33.18
C PRO C 304 20.12 -0.75 -32.12
N LEU C 305 20.55 -0.11 -31.03
CA LEU C 305 19.61 0.34 -30.01
C LEU C 305 18.72 1.43 -30.58
N LEU C 306 19.34 2.39 -31.28
CA LEU C 306 18.60 3.49 -31.93
C LEU C 306 17.64 2.94 -32.97
N LYS C 307 18.11 1.96 -33.74
CA LYS C 307 17.29 1.40 -34.82
C LYS C 307 16.10 0.69 -34.22
N ALA C 308 16.34 -0.10 -33.16
CA ALA C 308 15.25 -0.85 -32.51
C ALA C 308 14.26 0.13 -31.90
N CYS C 309 14.80 1.17 -31.27
CA CYS C 309 13.93 2.20 -30.71
C CYS C 309 13.04 2.86 -31.79
N ARG C 310 13.63 3.27 -32.93
CA ARG C 310 12.88 3.85 -34.06
CA ARG C 310 12.85 3.85 -34.04
C ARG C 310 11.81 2.86 -34.54
N ASP C 311 12.14 1.57 -34.56
CA ASP C 311 11.15 0.58 -34.96
C ASP C 311 9.97 0.50 -33.99
N ASN C 312 10.26 0.43 -32.69
CA ASN C 312 9.19 0.40 -31.69
C ASN C 312 8.37 1.69 -31.73
N LEU C 313 8.99 2.84 -31.98
CA LEU C 313 8.25 4.08 -32.24
C LEU C 313 7.19 3.87 -33.36
N SER C 314 7.57 3.23 -34.48
CA SER C 314 6.61 3.01 -35.57
CA SER C 314 6.63 2.96 -35.58
C SER C 314 5.51 2.04 -35.15
N GLN C 315 5.82 1.06 -34.32
CA GLN C 315 4.76 0.18 -33.81
C GLN C 315 3.72 0.97 -33.01
N TRP C 316 4.17 1.83 -32.12
CA TRP C 316 3.24 2.68 -31.36
C TRP C 316 2.43 3.63 -32.26
N GLU C 317 3.03 4.11 -33.34
CA GLU C 317 2.26 4.93 -34.31
C GLU C 317 1.15 4.12 -34.98
N LYS C 318 1.43 2.85 -35.27
CA LYS C 318 0.43 1.94 -35.79
C LYS C 318 -0.69 1.62 -34.81
N VAL C 319 -0.38 1.56 -33.52
CA VAL C 319 -1.43 1.40 -32.51
C VAL C 319 -2.31 2.65 -32.43
N ILE C 320 -1.68 3.83 -32.48
CA ILE C 320 -2.41 5.11 -32.50
C ILE C 320 -3.40 5.16 -33.67
N ARG C 321 -3.07 4.47 -34.76
CA ARG C 321 -3.91 4.53 -35.96
C ARG C 321 -4.88 3.35 -36.10
N GLY C 322 -5.25 2.72 -34.98
CA GLY C 322 -6.13 1.54 -35.02
C GLY C 322 -5.65 0.37 -35.86
N GLU C 323 -4.46 0.52 -36.47
CA GLU C 323 -3.82 -0.47 -37.37
C GLU C 323 -3.29 -1.73 -36.69
N GLU C 324 -3.12 -1.65 -35.37
CA GLU C 324 -2.45 -2.67 -34.56
C GLU C 324 -2.95 -2.54 -33.12
N LEU D 13 22.84 51.88 10.19
CA LEU D 13 21.37 52.02 10.41
C LEU D 13 20.94 51.36 11.72
N MET D 14 19.81 51.81 12.25
CA MET D 14 19.33 51.33 13.52
C MET D 14 18.53 50.07 13.35
N GLN D 15 18.75 49.13 14.26
CA GLN D 15 17.95 47.93 14.32
C GLN D 15 17.44 47.80 15.73
N PHE D 16 16.28 47.19 15.87
CA PHE D 16 15.73 47.00 17.18
C PHE D 16 16.24 45.69 17.68
N THR D 17 16.59 45.63 18.95
CA THR D 17 16.98 44.36 19.55
C THR D 17 16.14 44.19 20.82
N LEU D 18 15.94 42.95 21.22
CA LEU D 18 15.17 42.68 22.42
C LEU D 18 16.10 42.07 23.47
N PRO D 19 15.66 42.04 24.74
CA PRO D 19 16.46 41.29 25.69
C PRO D 19 16.56 39.81 25.30
N VAL D 20 17.69 39.17 25.63
CA VAL D 20 17.92 37.77 25.26
C VAL D 20 16.68 36.86 25.42
N ARG D 21 15.95 36.90 26.54
CA ARG D 21 14.81 35.97 26.67
C ARG D 21 13.71 36.20 25.61
N LEU D 22 13.45 37.48 25.31
CA LEU D 22 12.41 37.86 24.36
C LEU D 22 12.89 37.58 22.94
N CYS D 23 14.12 37.99 22.66
CA CYS D 23 14.72 37.72 21.37
C CYS D 23 14.64 36.21 21.07
N LYS D 24 14.92 35.39 22.07
CA LYS D 24 14.76 33.96 21.89
C LYS D 24 13.29 33.50 21.81
N GLU D 25 12.43 33.91 22.74
CA GLU D 25 11.08 33.32 22.82
C GLU D 25 10.02 33.91 21.89
N ILE D 26 10.33 35.08 21.31
CA ILE D 26 9.42 35.74 20.38
C ILE D 26 9.23 34.85 19.16
N GLU D 27 10.18 33.94 18.93
CA GLU D 27 10.08 33.02 17.80
C GLU D 27 9.08 31.88 18.06
N LEU D 28 8.75 31.60 19.33
CA LEU D 28 7.72 30.59 19.63
C LEU D 28 6.28 31.08 19.35
N PHE D 29 5.41 30.20 18.86
CA PHE D 29 4.02 30.58 18.65
C PHE D 29 3.30 31.00 19.95
N HIS D 30 3.62 30.38 21.08
CA HIS D 30 2.90 30.67 22.33
C HIS D 30 3.48 31.86 23.14
N PHE D 31 4.44 32.59 22.56
CA PHE D 31 5.02 33.74 23.24
C PHE D 31 3.92 34.73 23.66
N ASP D 32 4.06 35.25 24.88
CA ASP D 32 3.21 36.30 25.47
C ASP D 32 4.04 37.58 25.44
N ILE D 33 3.43 38.69 25.04
CA ILE D 33 4.18 39.91 24.86
C ILE D 33 4.43 40.65 26.18
N GLY D 34 3.86 40.13 27.27
CA GLY D 34 4.15 40.65 28.61
C GLY D 34 3.32 41.87 29.02
N PRO D 35 3.46 42.31 30.29
CA PRO D 35 2.62 43.39 30.84
C PRO D 35 3.16 44.81 30.65
N PHE D 36 4.35 44.97 30.07
CA PHE D 36 4.93 46.29 29.86
C PHE D 36 4.52 46.92 28.55
N GLU D 37 3.36 47.57 28.57
CA GLU D 37 2.80 48.35 27.47
C GLU D 37 3.87 49.05 26.65
N ASN D 38 4.85 49.64 27.31
CA ASN D 38 5.81 50.49 26.60
C ASN D 38 6.77 49.73 25.72
N MET D 39 6.80 48.41 25.84
CA MET D 39 7.71 47.61 25.03
C MET D 39 7.04 47.06 23.78
N TRP D 40 5.71 47.04 23.76
CA TRP D 40 4.95 46.53 22.60
C TRP D 40 5.31 47.22 21.27
N PRO D 41 5.37 48.57 21.20
CA PRO D 41 5.82 49.17 19.92
C PRO D 41 7.16 48.62 19.44
N GLY D 42 8.15 48.53 20.33
CA GLY D 42 9.50 48.10 19.91
C GLY D 42 9.45 46.64 19.47
N ILE D 43 8.65 45.84 20.19
CA ILE D 43 8.44 44.46 19.83
C ILE D 43 7.79 44.40 18.45
N PHE D 44 6.84 45.30 18.18
CA PHE D 44 6.19 45.30 16.88
C PHE D 44 7.17 45.64 15.78
N VAL D 45 8.00 46.68 15.97
CA VAL D 45 9.00 47.04 14.96
C VAL D 45 10.00 45.89 14.74
N TYR D 46 10.46 45.27 15.82
CA TYR D 46 11.35 44.12 15.72
C TYR D 46 10.75 43.11 14.73
N MET D 47 9.48 42.77 14.93
CA MET D 47 8.85 41.76 14.10
C MET D 47 8.80 42.20 12.62
N VAL D 48 8.53 43.49 12.40
CA VAL D 48 8.37 44.02 11.04
C VAL D 48 9.73 43.97 10.34
N HIS D 49 10.81 44.26 11.07
CA HIS D 49 12.15 44.17 10.52
C HIS D 49 12.57 42.76 10.11
N ARG D 50 12.33 41.79 10.99
CA ARG D 50 12.66 40.40 10.69
C ARG D 50 11.78 39.73 9.62
N SER D 51 10.50 40.05 9.57
CA SER D 51 9.62 39.32 8.63
C SER D 51 9.50 39.99 7.25
N CYS D 52 9.79 41.29 7.22
CA CYS D 52 9.59 42.10 6.03
C CYS D 52 10.95 42.57 5.55
N GLY D 53 11.76 43.11 6.45
CA GLY D 53 13.02 43.71 6.06
C GLY D 53 13.26 45.03 6.78
N THR D 54 14.54 45.34 6.96
CA THR D 54 14.95 46.51 7.72
C THR D 54 14.58 47.84 7.04
N SER D 55 14.12 47.76 5.79
CA SER D 55 13.73 48.94 5.05
C SER D 55 12.49 48.74 4.17
N CYS D 56 11.55 47.93 4.63
CA CYS D 56 10.18 48.00 4.13
C CYS D 56 9.53 49.34 4.45
N PHE D 57 9.90 49.91 5.59
CA PHE D 57 9.25 51.12 6.05
C PHE D 57 10.31 52.07 6.55
N GLU D 58 10.07 53.36 6.34
CA GLU D 58 10.90 54.40 6.91
C GLU D 58 10.60 54.46 8.39
N LEU D 59 11.62 54.33 9.24
CA LEU D 59 11.45 54.18 10.69
C LEU D 59 10.46 55.18 11.31
N GLU D 60 10.63 56.45 11.00
CA GLU D 60 9.83 57.52 11.63
C GLU D 60 8.38 57.51 11.21
N LYS D 61 8.11 57.24 9.93
CA LYS D 61 6.74 57.09 9.44
C LYS D 61 6.04 55.94 10.18
N LEU D 62 6.74 54.80 10.29
CA LEU D 62 6.24 53.60 11.01
C LEU D 62 6.01 53.88 12.49
N CME D 63 6.97 54.54 13.15
CA CME D 63 6.83 54.91 14.59
CB CME D 63 8.11 55.51 15.19
SG CME D 63 9.20 54.23 15.78
SD CME D 63 8.28 53.48 17.46
CE CME D 63 8.69 54.61 18.78
CZ CME D 63 9.89 54.10 19.64
OH CME D 63 10.28 55.17 20.56
C CME D 63 5.66 55.82 14.78
O CME D 63 4.85 55.61 15.69
N ARG D 64 5.53 56.82 13.91
CA ARG D 64 4.38 57.72 13.95
C ARG D 64 3.06 56.95 13.77
N PHE D 65 3.02 56.12 12.72
CA PHE D 65 1.84 55.28 12.42
C PHE D 65 1.44 54.42 13.63
N ILE D 66 2.40 53.71 14.22
CA ILE D 66 2.15 52.79 15.37
C ILE D 66 1.54 53.57 16.56
N MET D 67 2.10 54.74 16.82
CA MET D 67 1.62 55.58 17.90
C MET D 67 0.19 56.11 17.68
N SER D 68 -0.18 56.45 16.44
CA SER D 68 -1.57 56.79 16.13
C SER D 68 -2.53 55.59 16.19
N VAL D 69 -2.04 54.41 15.77
CA VAL D 69 -2.88 53.18 15.90
C VAL D 69 -3.19 52.99 17.38
N LYS D 70 -2.13 53.00 18.20
CA LYS D 70 -2.20 52.76 19.65
C LYS D 70 -3.22 53.68 20.29
N LYS D 71 -3.15 54.95 19.88
CA LYS D 71 -4.03 55.99 20.41
C LYS D 71 -5.49 55.78 20.01
N ASN D 72 -5.75 55.08 18.89
CA ASN D 72 -7.10 54.79 18.46
C ASN D 72 -7.63 53.41 18.86
N TYR D 73 -6.89 52.70 19.69
CA TYR D 73 -7.48 51.62 20.51
C TYR D 73 -8.04 52.17 21.84
N ARG D 74 -9.08 51.53 22.34
CA ARG D 74 -9.75 51.95 23.56
C ARG D 74 -9.37 51.08 24.73
N ARG D 75 -9.60 51.57 25.94
CA ARG D 75 -9.25 50.86 27.17
C ARG D 75 -10.38 49.95 27.56
N VAL D 76 -10.57 48.90 26.79
CA VAL D 76 -11.65 47.95 26.99
C VAL D 76 -10.95 46.69 27.51
N PRO D 77 -11.72 45.74 28.06
CA PRO D 77 -11.05 44.59 28.72
C PRO D 77 -10.28 43.64 27.76
N TYR D 78 -10.79 43.43 26.56
CA TYR D 78 -10.17 42.47 25.64
C TYR D 78 -9.74 43.08 24.31
N HIS D 79 -10.64 43.80 23.63
CA HIS D 79 -10.35 44.29 22.27
C HIS D 79 -9.48 45.54 22.30
N ASN D 80 -8.27 45.39 22.82
CA ASN D 80 -7.43 46.53 23.12
C ASN D 80 -6.09 46.44 22.46
N TRP D 81 -5.24 47.42 22.78
CA TRP D 81 -3.94 47.53 22.15
C TRP D 81 -3.11 46.28 22.37
N LYS D 82 -3.26 45.65 23.53
CA LYS D 82 -2.51 44.43 23.83
C LYS D 82 -2.93 43.27 22.88
N HIS D 83 -4.24 43.15 22.63
CA HIS D 83 -4.75 42.16 21.68
C HIS D 83 -4.22 42.42 20.24
N ALA D 84 -4.22 43.69 19.82
CA ALA D 84 -3.68 44.08 18.51
C ALA D 84 -2.26 43.51 18.25
N VAL D 85 -1.33 43.82 19.15
CA VAL D 85 0.06 43.36 19.09
C VAL D 85 0.18 41.83 19.26
N THR D 86 -0.63 41.25 20.14
CA THR D 86 -0.67 39.80 20.25
C THR D 86 -1.06 39.14 18.95
N VAL D 87 -2.11 39.64 18.31
CA VAL D 87 -2.56 39.09 17.03
C VAL D 87 -1.45 39.26 15.98
N ALA D 88 -0.79 40.41 15.99
CA ALA D 88 0.34 40.62 15.08
C ALA D 88 1.51 39.67 15.33
N HIS D 89 1.78 39.35 16.59
CA HIS D 89 2.88 38.48 16.89
C HIS D 89 2.62 37.06 16.34
N CYS D 90 1.39 36.57 16.50
CA CYS D 90 0.98 35.29 15.93
C CYS D 90 1.23 35.26 14.43
N MET D 91 0.86 36.34 13.74
CA MET D 91 1.05 36.41 12.31
C MET D 91 2.54 36.42 12.02
N TYR D 92 3.31 37.15 12.81
CA TYR D 92 4.78 37.11 12.67
C TYR D 92 5.32 35.66 12.75
N ALA D 93 4.85 34.92 13.75
CA ALA D 93 5.27 33.55 13.92
C ALA D 93 4.86 32.74 12.70
N ILE D 94 3.63 32.90 12.22
CA ILE D 94 3.21 32.21 11.00
C ILE D 94 4.14 32.58 9.82
N LEU D 95 4.27 33.87 9.53
CA LEU D 95 5.13 34.33 8.42
C LEU D 95 6.55 33.79 8.46
N GLN D 96 7.21 33.79 9.62
CA GLN D 96 8.60 33.36 9.69
C GLN D 96 8.75 31.88 9.37
N ASN D 97 7.74 31.09 9.73
CA ASN D 97 7.79 29.64 9.61
C ASN D 97 7.20 29.11 8.31
N ASN D 98 6.70 30.03 7.48
CA ASN D 98 6.27 29.74 6.12
C ASN D 98 6.81 30.77 5.16
N HIS D 99 8.08 31.11 5.31
CA HIS D 99 8.59 32.36 4.71
C HIS D 99 8.63 32.37 3.17
N THR D 100 8.78 31.21 2.54
CA THR D 100 8.81 31.11 1.07
C THR D 100 7.43 31.19 0.41
N LEU D 101 6.35 31.10 1.21
CA LEU D 101 4.99 31.04 0.66
C LEU D 101 4.34 32.40 0.33
N PHE D 102 4.93 33.50 0.82
CA PHE D 102 4.29 34.85 0.72
C PHE D 102 5.04 35.89 -0.12
N THR D 103 4.29 36.73 -0.82
CA THR D 103 4.86 37.81 -1.62
C THR D 103 5.39 38.90 -0.69
N ASP D 104 6.10 39.87 -1.26
CA ASP D 104 6.62 41.04 -0.52
C ASP D 104 5.48 41.88 0.04
N LEU D 105 4.48 42.14 -0.81
CA LEU D 105 3.29 42.91 -0.43
C LEU D 105 2.50 42.29 0.72
N GLU D 106 2.36 40.95 0.69
CA GLU D 106 1.70 40.23 1.77
C GLU D 106 2.46 40.38 3.09
N ARG D 107 3.79 40.20 3.06
CA ARG D 107 4.62 40.45 4.23
C ARG D 107 4.44 41.87 4.81
N LYS D 108 4.54 42.90 3.96
CA LYS D 108 4.27 44.31 4.33
C LYS D 108 2.86 44.50 4.92
N GLY D 109 1.86 44.01 4.20
CA GLY D 109 0.47 44.17 4.55
C GLY D 109 -0.09 43.46 5.78
N LEU D 110 0.35 42.23 6.05
CA LEU D 110 -0.32 41.38 7.05
C LEU D 110 -0.07 41.74 8.52
N LEU D 111 1.15 42.17 8.85
CA LEU D 111 1.43 42.64 10.20
C LEU D 111 0.63 43.88 10.47
N ILE D 112 0.68 44.83 9.53
CA ILE D 112 -0.11 46.06 9.66
C ILE D 112 -1.60 45.72 9.79
N ALA D 113 -2.08 44.78 8.98
CA ALA D 113 -3.49 44.38 9.05
C ALA D 113 -3.77 43.89 10.47
N CYS D 114 -2.86 43.11 11.05
CA CYS D 114 -3.08 42.58 12.41
C CYS D 114 -3.04 43.70 13.46
N LEU D 115 -2.11 44.64 13.30
CA LEU D 115 -2.02 45.76 14.23
C LEU D 115 -3.30 46.59 14.23
N CYS D 116 -3.91 46.72 13.04
CA CYS D 116 -5.04 47.59 12.84
C CYS D 116 -6.40 46.91 12.94
N HIS D 117 -6.42 45.57 13.04
CA HIS D 117 -7.66 44.79 12.76
C HIS D 117 -8.85 45.03 13.72
N ASP D 118 -8.61 45.60 14.90
CA ASP D 118 -9.72 45.94 15.78
C ASP D 118 -9.75 47.43 16.17
N LEU D 119 -9.18 48.31 15.33
CA LEU D 119 -9.15 49.74 15.63
C LEU D 119 -10.50 50.31 16.10
N ASP D 120 -10.47 50.96 17.27
CA ASP D 120 -11.62 51.72 17.76
C ASP D 120 -12.76 50.81 18.17
N HIS D 121 -12.41 49.57 18.49
CA HIS D 121 -13.40 48.64 19.00
C HIS D 121 -13.97 49.19 20.32
N ARG D 122 -15.27 49.08 20.51
CA ARG D 122 -15.89 49.57 21.75
C ARG D 122 -16.17 48.46 22.72
N GLY D 123 -15.81 47.23 22.37
CA GLY D 123 -16.08 46.11 23.26
C GLY D 123 -17.44 45.50 23.00
N PHE D 124 -18.09 45.87 21.90
CA PHE D 124 -19.39 45.32 21.57
C PHE D 124 -19.37 44.64 20.20
N SER D 125 -20.09 43.53 20.14
CA SER D 125 -20.19 42.71 18.93
C SER D 125 -21.06 43.44 17.90
N ASN D 126 -20.91 43.04 16.62
CA ASN D 126 -21.81 43.45 15.53
C ASN D 126 -23.30 43.37 15.84
N SER D 127 -23.76 42.29 16.49
CA SER D 127 -25.19 42.13 16.80
C SER D 127 -25.67 43.20 17.77
N TYR D 128 -24.86 43.50 18.80
CA TYR D 128 -25.31 44.50 19.77
C TYR D 128 -25.51 45.87 19.05
N LEU D 129 -24.59 46.23 18.16
CA LEU D 129 -24.68 47.46 17.41
C LEU D 129 -25.93 47.50 16.51
N GLN D 130 -26.27 46.35 15.93
CA GLN D 130 -27.48 46.24 15.13
C GLN D 130 -28.70 46.46 16.02
N LYS D 131 -28.71 45.79 17.17
CA LYS D 131 -29.85 45.87 18.08
C LYS D 131 -30.01 47.20 18.78
N PHE D 132 -28.87 47.85 19.05
CA PHE D 132 -28.85 49.20 19.60
C PHE D 132 -29.33 50.19 18.54
N ASP D 133 -29.03 49.86 17.28
CA ASP D 133 -29.32 50.72 16.14
C ASP D 133 -28.25 51.82 16.13
N HIS D 134 -27.01 51.41 16.44
CA HIS D 134 -25.88 52.33 16.41
C HIS D 134 -25.72 52.87 14.99
N PRO D 135 -25.33 54.15 14.85
CA PRO D 135 -25.12 54.72 13.51
C PRO D 135 -24.23 53.89 12.58
N LEU D 136 -23.16 53.30 13.10
CA LEU D 136 -22.28 52.42 12.30
C LEU D 136 -23.04 51.25 11.65
N ALA D 137 -24.03 50.70 12.35
CA ALA D 137 -24.91 49.66 11.77
C ALA D 137 -25.74 50.18 10.58
N ALA D 138 -25.98 51.49 10.51
CA ALA D 138 -26.57 52.07 9.29
C ALA D 138 -25.56 52.17 8.15
N LEU D 139 -24.30 52.44 8.48
CA LEU D 139 -23.29 52.67 7.44
C LEU D 139 -22.79 51.36 6.82
N TYR D 140 -22.77 50.30 7.64
CA TYR D 140 -22.12 49.03 7.33
C TYR D 140 -23.07 47.96 7.74
N SER D 141 -23.86 47.46 6.80
CA SER D 141 -24.94 46.52 7.12
C SER D 141 -24.42 45.18 7.59
N THR D 142 -23.25 44.76 7.10
CA THR D 142 -22.62 43.51 7.56
C THR D 142 -21.12 43.67 7.87
N SER D 143 -20.59 42.83 8.76
CA SER D 143 -19.22 43.01 9.27
C SER D 143 -19.04 44.47 9.71
N THR D 144 -19.98 44.89 10.56
CA THR D 144 -20.09 46.28 10.91
C THR D 144 -18.78 46.80 11.51
N MET D 145 -18.37 46.24 12.64
CA MET D 145 -17.15 46.69 13.29
C MET D 145 -15.97 46.55 12.35
N GLU D 146 -15.95 45.45 11.60
CA GLU D 146 -14.79 45.15 10.76
C GLU D 146 -14.58 46.18 9.64
N GLN D 147 -15.67 46.59 9.01
CA GLN D 147 -15.59 47.62 7.99
C GLN D 147 -15.15 48.95 8.65
N HIS D 148 -15.65 49.23 9.85
CA HIS D 148 -15.14 50.38 10.63
C HIS D 148 -13.64 50.28 10.88
N HIS D 149 -13.13 49.10 11.30
CA HIS D 149 -11.70 48.98 11.61
C HIS D 149 -10.90 49.33 10.39
N PHE D 150 -11.34 48.83 9.23
CA PHE D 150 -10.60 49.12 7.99
C PHE D 150 -10.62 50.60 7.64
N SER D 151 -11.80 51.23 7.84
CA SER D 151 -11.99 52.67 7.61
C SER D 151 -11.08 53.48 8.52
N GLN D 152 -11.04 53.11 9.82
CA GLN D 152 -10.07 53.73 10.76
C GLN D 152 -8.62 53.61 10.26
N THR D 153 -8.28 52.44 9.69
CA THR D 153 -6.93 52.16 9.20
C THR D 153 -6.57 53.16 8.08
N VAL D 154 -7.53 53.40 7.19
CA VAL D 154 -7.32 54.29 6.03
C VAL D 154 -7.14 55.71 6.54
N SER D 155 -8.00 56.13 7.47
CA SER D 155 -7.85 57.44 8.09
C SER D 155 -6.44 57.69 8.59
N ILE D 156 -5.93 56.74 9.39
CA ILE D 156 -4.60 56.89 9.95
C ILE D 156 -3.54 57.00 8.86
N LEU D 157 -3.61 56.12 7.87
CA LEU D 157 -2.61 56.10 6.78
C LEU D 157 -2.61 57.40 6.01
N GLN D 158 -3.70 58.14 6.12
CA GLN D 158 -3.86 59.38 5.42
C GLN D 158 -3.49 60.61 6.26
N LEU D 159 -3.06 60.38 7.51
CA LEU D 159 -2.56 61.47 8.36
C LEU D 159 -1.21 61.92 7.86
N GLU D 160 -0.90 63.20 8.02
CA GLU D 160 0.35 63.72 7.51
C GLU D 160 1.54 63.03 8.18
N GLY D 161 2.48 62.57 7.36
CA GLY D 161 3.65 61.84 7.84
C GLY D 161 3.40 60.39 8.29
N HIS D 162 2.23 59.84 7.98
CA HIS D 162 1.85 58.48 8.41
C HIS D 162 1.80 57.46 7.27
N ASN D 163 1.98 57.90 6.01
CA ASN D 163 1.88 56.96 4.88
C ASN D 163 3.11 56.08 4.74
N ILE D 164 3.08 54.99 5.51
CA ILE D 164 4.14 54.01 5.57
C ILE D 164 4.32 53.25 4.24
N PHE D 165 3.36 53.38 3.33
CA PHE D 165 3.45 52.73 2.03
C PHE D 165 3.80 53.72 0.92
N SER D 166 4.47 54.80 1.27
CA SER D 166 4.71 55.88 0.31
C SER D 166 5.66 55.47 -0.79
N THR D 167 6.51 54.48 -0.54
CA THR D 167 7.44 54.07 -1.59
C THR D 167 6.85 53.02 -2.56
N LEU D 168 5.53 52.84 -2.57
CA LEU D 168 4.91 51.88 -3.48
C LEU D 168 4.19 52.56 -4.66
N SER D 169 4.16 51.91 -5.82
CA SER D 169 3.38 52.41 -6.98
C SER D 169 1.90 52.56 -6.64
N SER D 170 1.15 53.31 -7.46
CA SER D 170 -0.29 53.52 -7.19
C SER D 170 -1.00 52.17 -7.12
N SER D 171 -0.51 51.22 -7.92
CA SER D 171 -1.16 49.92 -8.02
C SER D 171 -0.64 48.87 -7.03
N GLU D 172 0.63 48.97 -6.62
CA GLU D 172 1.14 48.16 -5.50
C GLU D 172 0.47 48.61 -4.23
N TYR D 173 0.32 49.93 -4.11
CA TYR D 173 -0.27 50.54 -2.94
C TYR D 173 -1.70 50.05 -2.81
N GLU D 174 -2.47 50.10 -3.89
CA GLU D 174 -3.86 49.67 -3.82
C GLU D 174 -3.99 48.15 -3.66
N GLN D 175 -2.94 47.44 -4.07
CA GLN D 175 -2.86 45.99 -3.85
C GLN D 175 -2.65 45.70 -2.36
N VAL D 176 -1.68 46.36 -1.72
CA VAL D 176 -1.50 46.17 -0.28
C VAL D 176 -2.77 46.56 0.48
N LEU D 177 -3.43 47.64 0.04
CA LEU D 177 -4.63 48.08 0.74
C LEU D 177 -5.73 47.03 0.64
N GLU D 178 -5.78 46.39 -0.54
CA GLU D 178 -6.66 45.26 -0.79
C GLU D 178 -6.37 44.04 0.11
N ILE D 179 -5.11 43.62 0.21
CA ILE D 179 -4.72 42.60 1.21
C ILE D 179 -5.25 42.99 2.61
N ILE D 180 -5.00 44.25 3.01
CA ILE D 180 -5.34 44.71 4.37
C ILE D 180 -6.84 44.65 4.61
N ARG D 181 -7.57 45.12 3.61
CA ARG D 181 -9.03 45.12 3.69
C ARG D 181 -9.61 43.71 3.86
N LYS D 182 -9.18 42.78 3.02
CA LYS D 182 -9.77 41.43 3.05
C LYS D 182 -9.39 40.77 4.37
N ALA D 183 -8.13 40.95 4.76
CA ALA D 183 -7.62 40.40 6.01
C ALA D 183 -8.45 40.92 7.20
N ILE D 184 -8.68 42.23 7.27
CA ILE D 184 -9.47 42.78 8.40
C ILE D 184 -10.90 42.31 8.34
N ILE D 185 -11.50 42.36 7.16
CA ILE D 185 -12.89 41.82 7.01
C ILE D 185 -13.00 40.36 7.47
N ALA D 186 -11.99 39.56 7.16
CA ALA D 186 -12.04 38.11 7.50
C ALA D 186 -12.05 37.84 9.00
N THR D 187 -11.68 38.83 9.83
CA THR D 187 -11.69 38.62 11.30
C THR D 187 -13.08 38.64 11.90
N ASP D 188 -14.07 38.94 11.07
CA ASP D 188 -15.48 38.72 11.41
C ASP D 188 -15.73 37.23 11.52
N LEU D 189 -15.85 36.76 12.76
CA LEU D 189 -15.95 35.33 13.01
C LEU D 189 -17.14 34.71 12.28
N ALA D 190 -18.17 35.49 12.02
CA ALA D 190 -19.33 34.94 11.35
C ALA D 190 -18.95 34.49 9.93
N LEU D 191 -17.90 35.08 9.37
CA LEU D 191 -17.49 34.74 8.01
C LEU D 191 -16.54 33.53 8.02
N TYR D 192 -15.90 33.29 9.17
CA TYR D 192 -14.90 32.24 9.28
C TYR D 192 -15.45 30.86 8.93
N PHE D 193 -16.62 30.53 9.49
CA PHE D 193 -17.22 29.20 9.32
C PHE D 193 -17.29 28.75 7.87
N GLY D 194 -17.89 29.59 7.02
CA GLY D 194 -17.99 29.35 5.58
C GLY D 194 -16.65 29.31 4.86
N ASN D 195 -15.69 30.15 5.31
CA ASN D 195 -14.34 30.17 4.74
C ASN D 195 -13.58 28.89 5.04
N ARG D 196 -13.66 28.41 6.28
CA ARG D 196 -12.95 27.19 6.68
C ARG D 196 -13.48 25.94 5.96
N LYS D 197 -14.80 25.77 5.94
CA LYS D 197 -15.49 24.73 5.20
C LYS D 197 -15.10 24.69 3.73
N GLN D 198 -15.09 25.84 3.05
CA GLN D 198 -14.54 25.96 1.68
C GLN D 198 -13.11 25.44 1.52
N LEU D 199 -12.21 25.91 2.38
CA LEU D 199 -10.80 25.58 2.30
C LEU D 199 -10.58 24.09 2.56
N GLU D 200 -11.35 23.54 3.50
CA GLU D 200 -11.18 22.18 3.89
C GLU D 200 -11.49 21.34 2.67
N GLU D 201 -12.63 21.62 2.02
CA GLU D 201 -13.06 20.92 0.83
C GLU D 201 -12.03 20.99 -0.31
N MET D 202 -11.60 22.21 -0.66
CA MET D 202 -10.54 22.40 -1.63
C MET D 202 -9.24 21.67 -1.29
N TYR D 203 -8.86 21.67 -0.01
CA TYR D 203 -7.58 21.07 0.36
C TYR D 203 -7.63 19.55 0.25
N GLN D 204 -8.68 18.97 0.82
CA GLN D 204 -8.88 17.54 0.87
C GLN D 204 -9.00 16.93 -0.53
N THR D 205 -9.78 17.58 -1.41
CA THR D 205 -9.93 17.13 -2.82
C THR D 205 -8.76 17.53 -3.75
N GLY D 206 -7.68 18.07 -3.17
CA GLY D 206 -6.51 18.49 -3.91
C GLY D 206 -6.67 19.61 -4.93
N SER D 207 -7.80 20.34 -4.89
CA SER D 207 -8.00 21.48 -5.79
C SER D 207 -7.44 22.83 -5.26
N LEU D 208 -6.90 22.84 -4.05
CA LEU D 208 -6.40 24.08 -3.47
C LEU D 208 -5.14 24.52 -4.21
N ASN D 209 -5.13 25.77 -4.70
CA ASN D 209 -4.02 26.27 -5.51
C ASN D 209 -3.59 27.70 -5.16
N LEU D 210 -2.41 27.81 -4.54
CA LEU D 210 -1.89 29.10 -4.05
C LEU D 210 -1.48 30.10 -5.16
N ASN D 211 -1.54 29.70 -6.42
CA ASN D 211 -1.39 30.64 -7.53
C ASN D 211 -2.73 31.25 -7.91
N ASN D 212 -3.81 30.79 -7.31
CA ASN D 212 -5.13 31.33 -7.58
C ASN D 212 -5.44 32.39 -6.50
N GLN D 213 -5.66 33.63 -6.93
CA GLN D 213 -5.83 34.74 -5.99
C GLN D 213 -6.95 34.52 -4.98
N SER D 214 -8.07 33.94 -5.43
CA SER D 214 -9.22 33.66 -4.58
C SER D 214 -8.85 32.72 -3.46
N HIS D 215 -8.03 31.73 -3.82
CA HIS D 215 -7.53 30.72 -2.91
C HIS D 215 -6.61 31.34 -1.87
N ARG D 216 -5.70 32.21 -2.31
CA ARG D 216 -4.82 32.94 -1.40
C ARG D 216 -5.66 33.77 -0.43
N ASP D 217 -6.64 34.51 -0.94
CA ASP D 217 -7.52 35.28 -0.07
C ASP D 217 -8.11 34.44 1.05
N ARG D 218 -8.58 33.24 0.69
CA ARG D 218 -9.18 32.33 1.68
C ARG D 218 -8.15 31.89 2.73
N VAL D 219 -6.95 31.55 2.27
CA VAL D 219 -5.88 31.13 3.17
C VAL D 219 -5.50 32.25 4.17
N ILE D 220 -5.23 33.44 3.65
CA ILE D 220 -5.01 34.62 4.50
C ILE D 220 -6.18 34.88 5.46
N GLY D 221 -7.41 34.70 4.97
CA GLY D 221 -8.61 34.73 5.83
C GLY D 221 -8.50 33.79 7.04
N LEU D 222 -8.22 32.51 6.78
CA LEU D 222 -8.04 31.54 7.85
C LEU D 222 -6.86 31.89 8.80
N MET D 223 -5.75 32.34 8.24
CA MET D 223 -4.65 32.85 9.07
C MET D 223 -5.10 33.96 10.05
N MET D 224 -5.88 34.92 9.52
CA MET D 224 -6.44 36.02 10.35
C MET D 224 -7.25 35.48 11.53
N THR D 225 -8.23 34.60 11.23
CA THR D 225 -8.98 33.94 12.30
C THR D 225 -8.03 33.28 13.29
N ALA D 226 -7.05 32.53 12.79
CA ALA D 226 -6.10 31.80 13.65
C ALA D 226 -5.35 32.77 14.55
N CYS D 227 -4.82 33.85 13.98
CA CYS D 227 -4.16 34.90 14.76
C CYS D 227 -5.11 35.56 15.75
N ASP D 228 -6.32 35.84 15.28
CA ASP D 228 -7.31 36.52 16.07
C ASP D 228 -7.73 35.67 17.29
N LEU D 229 -7.68 34.35 17.17
CA LEU D 229 -8.10 33.46 18.27
C LEU D 229 -6.93 32.99 19.13
N CYS D 230 -5.73 33.53 18.89
CA CYS D 230 -4.51 32.86 19.39
C CYS D 230 -4.34 32.85 20.91
N SER D 231 -5.24 33.49 21.64
CA SER D 231 -5.17 33.32 23.09
C SER D 231 -5.48 31.85 23.51
N VAL D 232 -6.24 31.09 22.73
CA VAL D 232 -6.43 29.63 23.03
C VAL D 232 -5.17 28.78 22.74
N THR D 233 -4.10 29.41 22.23
CA THR D 233 -2.89 28.69 21.83
C THR D 233 -1.70 29.05 22.73
N LYS D 234 -1.95 29.82 23.77
CA LYS D 234 -0.87 30.18 24.70
C LYS D 234 -0.74 29.14 25.80
N LEU D 235 0.30 29.27 26.64
CA LEU D 235 0.37 28.47 27.87
C LEU D 235 -0.90 28.66 28.72
N TRP D 236 -1.31 27.60 29.42
CA TRP D 236 -2.58 27.58 30.15
C TRP D 236 -2.85 28.79 31.08
N PRO D 237 -1.84 29.25 31.87
CA PRO D 237 -2.13 30.43 32.69
C PRO D 237 -2.51 31.67 31.87
N VAL D 238 -1.84 31.89 30.72
CA VAL D 238 -2.19 32.99 29.78
C VAL D 238 -3.58 32.79 29.23
N THR D 239 -3.87 31.58 28.75
CA THR D 239 -5.16 31.26 28.17
C THR D 239 -6.32 31.46 29.17
N LYS D 240 -6.14 30.96 30.39
CA LYS D 240 -7.17 31.04 31.42
C LYS D 240 -7.40 32.50 31.85
N LEU D 241 -6.33 33.25 32.05
CA LEU D 241 -6.45 34.66 32.40
C LEU D 241 -7.08 35.54 31.30
N THR D 242 -6.78 35.26 30.04
CA THR D 242 -7.39 36.03 28.93
C THR D 242 -8.90 35.75 28.81
N ALA D 243 -9.30 34.50 29.07
CA ALA D 243 -10.74 34.17 29.10
C ALA D 243 -11.53 35.18 29.96
N ASN D 244 -10.97 35.53 31.12
CA ASN D 244 -11.50 36.59 32.00
C ASN D 244 -11.71 37.97 31.33
N ASP D 245 -10.72 38.42 30.56
CA ASP D 245 -10.88 39.65 29.78
C ASP D 245 -12.01 39.51 28.74
N ILE D 246 -12.03 38.38 28.03
CA ILE D 246 -13.07 38.07 27.05
C ILE D 246 -14.46 38.07 27.68
N TYR D 247 -14.62 37.42 28.82
CA TYR D 247 -15.95 37.36 29.45
C TYR D 247 -16.36 38.70 30.05
N ALA D 248 -15.38 39.47 30.49
CA ALA D 248 -15.70 40.78 31.02
C ALA D 248 -16.38 41.61 29.92
N GLU D 249 -15.90 41.52 28.67
CA GLU D 249 -16.61 42.17 27.54
C GLU D 249 -17.98 41.56 27.25
N PHE D 250 -18.01 40.25 27.01
CA PHE D 250 -19.27 39.57 26.72
C PHE D 250 -20.37 39.88 27.74
N TRP D 251 -20.02 39.87 29.03
CA TRP D 251 -21.02 40.10 30.07
C TRP D 251 -21.53 41.54 30.13
N ALA D 252 -20.61 42.49 29.93
CA ALA D 252 -20.97 43.93 29.81
C ALA D 252 -21.95 44.07 28.66
N GLU D 253 -21.65 43.44 27.52
CA GLU D 253 -22.58 43.47 26.36
C GLU D 253 -23.90 42.80 26.73
N GLY D 254 -23.84 41.70 27.47
CA GLY D 254 -25.07 41.03 27.89
C GLY D 254 -25.93 41.92 28.75
N ASP D 255 -25.30 42.63 29.69
CA ASP D 255 -25.96 43.63 30.54
C ASP D 255 -26.70 44.65 29.67
N GLU D 256 -26.02 45.14 28.64
CA GLU D 256 -26.58 46.14 27.77
C GLU D 256 -27.73 45.65 26.89
N MET D 257 -27.70 44.36 26.58
CA MET D 257 -28.78 43.67 25.86
C MET D 257 -30.02 43.65 26.76
N LYS D 258 -29.81 43.30 28.02
CA LYS D 258 -30.88 43.32 29.01
C LYS D 258 -31.43 44.73 29.20
N LYS D 259 -30.57 45.74 29.09
CA LYS D 259 -31.01 47.11 29.24
C LYS D 259 -31.87 47.50 28.05
N LEU D 260 -31.68 46.82 26.92
CA LEU D 260 -32.57 46.99 25.76
C LEU D 260 -33.84 46.11 25.82
N GLY D 261 -34.08 45.41 26.93
CA GLY D 261 -35.24 44.50 27.02
C GLY D 261 -35.04 43.16 26.31
N ILE D 262 -33.83 42.89 25.84
CA ILE D 262 -33.49 41.63 25.18
C ILE D 262 -32.69 40.65 26.08
N GLN D 263 -33.15 39.41 26.16
CA GLN D 263 -32.44 38.35 26.89
C GLN D 263 -31.21 38.03 26.04
N PRO D 264 -30.00 38.24 26.59
CA PRO D 264 -28.81 37.95 25.78
C PRO D 264 -28.67 36.44 25.59
N ILE D 265 -27.84 36.01 24.63
CA ILE D 265 -27.46 34.58 24.50
C ILE D 265 -26.63 34.18 25.73
N PRO D 266 -26.68 32.88 26.14
CA PRO D 266 -26.02 32.41 27.36
C PRO D 266 -24.57 32.81 27.50
N MET D 267 -23.86 32.86 26.38
CA MET D 267 -22.44 33.22 26.40
C MET D 267 -22.22 34.62 27.04
N MET D 268 -23.15 35.54 26.80
CA MET D 268 -23.05 36.92 27.31
C MET D 268 -23.79 37.16 28.63
N ASP D 269 -24.45 36.12 29.15
CA ASP D 269 -25.19 36.25 30.40
C ASP D 269 -24.34 35.96 31.65
N ARG D 270 -24.00 36.97 32.43
CA ARG D 270 -23.18 36.77 33.64
C ARG D 270 -23.85 35.90 34.70
N ASP D 271 -25.17 35.74 34.61
CA ASP D 271 -25.91 34.84 35.51
C ASP D 271 -25.58 33.38 35.21
N LYS D 272 -24.98 33.13 34.05
CA LYS D 272 -24.58 31.78 33.64
C LYS D 272 -23.07 31.59 33.79
N LYS D 273 -22.45 32.54 34.51
CA LYS D 273 -21.03 32.52 34.93
C LYS D 273 -20.38 31.13 35.10
N ASP D 274 -21.02 30.27 35.87
CA ASP D 274 -20.46 28.98 36.21
C ASP D 274 -20.53 27.95 35.07
N GLU D 275 -21.21 28.29 33.98
CA GLU D 275 -21.18 27.44 32.80
C GLU D 275 -19.96 27.75 31.92
N VAL D 276 -19.07 28.61 32.40
CA VAL D 276 -17.88 28.99 31.60
C VAL D 276 -17.06 27.79 31.10
N PRO D 277 -16.64 26.87 32.01
CA PRO D 277 -15.85 25.71 31.53
C PRO D 277 -16.58 24.97 30.39
N GLN D 278 -17.87 24.70 30.56
CA GLN D 278 -18.69 24.08 29.51
C GLN D 278 -18.72 24.88 28.19
N GLY D 279 -18.85 26.20 28.29
CA GLY D 279 -18.92 27.05 27.09
C GLY D 279 -17.62 27.08 26.34
N GLN D 280 -16.49 27.08 27.06
CA GLN D 280 -15.16 27.00 26.47
C GLN D 280 -14.92 25.68 25.71
N LEU D 281 -15.36 24.58 26.33
CA LEU D 281 -15.28 23.27 25.71
C LEU D 281 -16.03 23.29 24.38
N GLY D 282 -17.23 23.84 24.40
CA GLY D 282 -18.05 23.99 23.23
C GLY D 282 -17.38 24.85 22.16
N PHE D 283 -16.77 25.97 22.59
CA PHE D 283 -16.02 26.88 21.67
C PHE D 283 -14.81 26.17 21.01
N TYR D 284 -14.02 25.44 21.81
CA TYR D 284 -12.87 24.71 21.29
C TYR D 284 -13.29 23.62 20.26
N ASN D 285 -14.32 22.85 20.58
CA ASN D 285 -14.84 21.85 19.63
C ASN D 285 -15.45 22.44 18.37
N ALA D 286 -16.28 23.47 18.51
CA ALA D 286 -16.97 24.03 17.35
C ALA D 286 -16.15 25.09 16.56
N VAL D 287 -15.14 25.71 17.17
CA VAL D 287 -14.50 26.87 16.51
C VAL D 287 -12.98 26.77 16.43
N ALA D 288 -12.34 26.74 17.60
CA ALA D 288 -10.90 26.81 17.68
C ALA D 288 -10.20 25.55 17.11
N ILE D 289 -10.56 24.35 17.58
CA ILE D 289 -9.92 23.12 17.02
C ILE D 289 -10.11 23.04 15.50
N PRO D 290 -11.35 23.18 14.99
CA PRO D 290 -11.41 23.08 13.54
C PRO D 290 -10.50 24.12 12.86
N CYS D 291 -10.48 25.36 13.37
CA CYS D 291 -9.65 26.41 12.79
C CYS D 291 -8.16 25.98 12.66
N TYR D 292 -7.56 25.59 13.76
CA TYR D 292 -6.12 25.25 13.78
C TYR D 292 -5.81 23.94 13.05
N THR D 293 -6.82 23.06 12.97
CA THR D 293 -6.67 21.79 12.25
C THR D 293 -6.55 22.05 10.75
N THR D 294 -7.51 22.80 10.20
CA THR D 294 -7.44 23.14 8.79
C THR D 294 -6.16 23.88 8.46
N LEU D 295 -5.75 24.80 9.34
CA LEU D 295 -4.61 25.65 9.05
C LEU D 295 -3.32 24.86 9.09
N THR D 296 -3.28 23.90 10.01
CA THR D 296 -2.13 23.02 10.14
C THR D 296 -2.02 22.16 8.87
N GLN D 297 -3.16 21.74 8.33
CA GLN D 297 -3.18 20.99 7.06
C GLN D 297 -2.56 21.80 5.92
N ILE D 298 -2.95 23.07 5.78
CA ILE D 298 -2.54 23.90 4.65
C ILE D 298 -1.10 24.41 4.83
N LEU D 299 -0.74 24.75 6.07
CA LEU D 299 0.58 25.22 6.42
C LEU D 299 1.08 24.41 7.63
N PRO D 300 1.73 23.27 7.36
CA PRO D 300 2.12 22.38 8.42
C PRO D 300 3.01 22.97 9.50
N PRO D 301 3.92 23.92 9.17
CA PRO D 301 4.74 24.47 10.28
C PRO D 301 3.95 25.28 11.40
N THR D 302 2.65 25.52 11.18
CA THR D 302 1.84 26.19 12.19
C THR D 302 1.30 25.20 13.24
N GLU D 303 1.66 23.92 13.08
CA GLU D 303 1.16 22.84 13.94
C GLU D 303 1.20 23.13 15.49
N PRO D 304 2.26 23.79 15.98
CA PRO D 304 2.29 24.15 17.41
C PRO D 304 1.06 24.95 17.87
N LEU D 305 0.48 25.80 17.03
CA LEU D 305 -0.80 26.42 17.40
C LEU D 305 -1.85 25.32 17.77
N LEU D 306 -1.96 24.29 16.92
CA LEU D 306 -2.94 23.21 17.11
C LEU D 306 -2.71 22.41 18.38
N LYS D 307 -1.45 22.03 18.61
CA LYS D 307 -1.06 21.25 19.79
C LYS D 307 -1.41 22.00 21.08
N ALA D 308 -1.03 23.28 21.14
CA ALA D 308 -1.33 24.16 22.28
C ALA D 308 -2.85 24.31 22.49
N CYS D 309 -3.60 24.48 21.41
CA CYS D 309 -5.04 24.55 21.51
C CYS D 309 -5.69 23.27 22.09
N ARG D 310 -5.19 22.11 21.63
CA ARG D 310 -5.63 20.79 22.14
C ARG D 310 -5.27 20.64 23.61
N ASP D 311 -4.09 21.12 24.00
CA ASP D 311 -3.74 21.12 25.41
C ASP D 311 -4.69 21.94 26.24
N ASN D 312 -5.03 23.14 25.76
CA ASN D 312 -5.98 24.01 26.48
C ASN D 312 -7.39 23.40 26.57
N LEU D 313 -7.85 22.73 25.51
CA LEU D 313 -9.12 21.98 25.57
C LEU D 313 -9.09 21.02 26.75
N SER D 314 -8.01 20.27 26.85
CA SER D 314 -7.90 19.27 27.90
C SER D 314 -7.81 19.95 29.29
N GLN D 315 -7.20 21.13 29.36
CA GLN D 315 -7.23 21.89 30.60
C GLN D 315 -8.66 22.30 30.99
N TRP D 316 -9.45 22.81 30.05
CA TRP D 316 -10.84 23.13 30.34
C TRP D 316 -11.63 21.87 30.82
N GLU D 317 -11.39 20.74 30.16
CA GLU D 317 -11.99 19.46 30.55
C GLU D 317 -11.67 19.08 31.98
N LYS D 318 -10.41 19.25 32.36
CA LYS D 318 -10.00 19.11 33.76
C LYS D 318 -10.72 20.05 34.74
N VAL D 319 -10.92 21.32 34.36
CA VAL D 319 -11.69 22.26 35.17
C VAL D 319 -13.14 21.79 35.34
N ILE D 320 -13.75 21.21 34.30
CA ILE D 320 -15.11 20.69 34.37
C ILE D 320 -15.21 19.50 35.35
N ARG D 321 -14.06 19.00 35.82
CA ARG D 321 -13.98 17.90 36.81
C ARG D 321 -13.23 18.36 38.07
N GLY D 322 -11.89 18.26 38.06
CA GLY D 322 -11.05 18.84 39.12
C GLY D 322 -9.60 19.13 38.73
ZN ZN E . 0.03 -32.51 -13.50
MG MG F . 3.18 -32.45 -15.73
C01 K7O G . -5.54 -30.32 -18.93
C02 K7O G . -6.89 -30.03 -18.57
C04 K7O G . -4.98 -29.73 -20.08
C05 K7O G . -5.82 -28.79 -20.88
N09 K7O G . -5.55 -28.09 -21.97
C11 K7O G . -7.77 -24.42 -26.93
C13 K7O G . -7.61 -26.17 -25.64
C15 K7O G . -8.01 -23.14 -27.51
C16 K7O G . -7.72 -22.95 -28.86
C17 K7O G . -6.96 -25.25 -29.07
C18 K7O G . -7.18 -24.00 -29.62
C19 K7O G . -7.67 -27.05 -24.45
C20 K7O G . -6.72 -26.42 -23.48
C21 K7O G . -8.58 -22.05 -26.66
C22 K7O G . -7.94 -21.60 -29.48
C23 K7O G . -9.14 -28.75 -18.98
C03 K7O G . -7.71 -29.10 -19.33
N06 K7O G . -7.11 -28.48 -20.52
N07 K7O G . -7.62 -27.58 -21.41
C08 K7O G . -6.63 -27.34 -22.32
N10 K7O G . -7.18 -26.55 -26.88
N12 K7O G . -7.97 -24.87 -25.67
C14 K7O G . -7.27 -25.43 -27.69
CL24 K7O G . -7.46 -30.82 -17.17
CL25 K7O G . -3.35 -30.13 -20.52
ZN ZN H . -11.26 -6.35 10.76
MG MG I . -12.75 -9.64 11.60
C01 K7O J . -16.99 -3.54 5.67
C02 K7O J . -16.81 -2.37 4.89
C04 K7O J . -17.84 -4.57 5.18
C05 K7O J . -18.49 -4.38 3.85
N09 K7O J . -19.30 -5.18 3.17
C11 K7O J . -23.47 -5.79 -1.89
C13 K7O J . -22.66 -5.01 0.01
C15 K7O J . -23.76 -6.19 -3.22
C16 K7O J . -24.96 -6.88 -3.48
C17 K7O J . -25.59 -6.76 -1.15
C18 K7O J . -25.87 -7.14 -2.45
C19 K7O J . -21.81 -4.37 1.04
C20 K7O J . -20.52 -5.12 0.97
C21 K7O J . -22.75 -5.90 -4.27
C22 K7O J . -25.36 -7.35 -4.86
C23 K7O J . -17.30 -0.91 2.75
C03 K7O J . -17.47 -2.14 3.58
N06 K7O J . -18.32 -3.23 3.09
N07 K7O J . -19.03 -3.35 1.95
C08 K7O J . -19.64 -4.57 2.00
N10 K7O J . -23.87 -5.56 0.29
N12 K7O J . -22.39 -5.13 -1.32
C14 K7O J . -24.36 -6.07 -0.89
CL24 K7O J . -15.81 -1.22 5.65
CL25 K7O J . -18.05 -6.00 6.14
ZN ZN K . 16.14 1.03 -13.56
MG MG L . 16.06 3.61 -10.91
C01 K7O M . 11.06 4.07 -18.97
C02 K7O M . 10.61 3.28 -20.06
C04 K7O M . 10.20 5.10 -18.47
C05 K7O M . 8.83 5.29 -19.11
N09 K7O M . 7.82 6.15 -18.85
C11 K7O M . 2.05 8.68 -20.64
C13 K7O M . 4.19 8.21 -20.83
C15 K7O M . 0.63 8.72 -20.57
C16 K7O M . -0.02 9.94 -20.43
C17 K7O M . 2.09 11.10 -20.49
C18 K7O M . 0.71 11.13 -20.40
C19 K7O M . 5.45 7.45 -20.95
C20 K7O M . 5.47 6.52 -19.79
C21 K7O M . -0.13 7.44 -20.60
C22 K7O M . -1.52 10.04 -20.31
C23 K7O M . 8.81 2.59 -21.84
C03 K7O M . 9.30 3.44 -20.71
N06 K7O M . 8.42 4.48 -20.17
N07 K7O M . 7.17 4.82 -20.54
C08 K7O M . 6.79 5.87 -19.73
N10 K7O M . 4.10 9.56 -20.73
N12 K7O M . 2.95 7.65 -20.76
C14 K7O M . 2.77 9.86 -20.62
CL24 K7O M . 11.72 2.14 -20.60
CL25 K7O M . 10.79 6.07 -17.15
ZN ZN N . -9.45 40.78 17.22
MG MG O . -12.62 41.98 15.73
C01 K7O P . -12.39 34.17 20.85
C02 K7O P . -11.63 33.49 21.84
C04 K7O P . -13.82 34.17 21.00
C05 K7O P . -14.47 33.50 22.17
N09 K7O P . -15.76 33.37 22.53
C11 K7O P . -19.99 30.18 26.49
C13 K7O P . -18.49 30.46 24.91
C15 K7O P . -20.70 30.08 27.72
C16 K7O P . -22.03 29.64 27.69
C17 K7O P . -21.93 29.35 25.24
C18 K7O P . -22.63 29.28 26.46
C19 K7O P . -17.21 30.82 24.24
C20 K7O P . -17.01 32.28 24.47
C21 K7O P . -20.06 30.48 29.00
C22 K7O P . -22.82 29.55 28.96
C23 K7O P . -11.49 32.10 24.05
C03 K7O P . -12.26 32.81 22.99
N06 K7O P . -13.71 32.84 23.12
N07 K7O P . -14.53 32.33 24.08
C08 K7O P . -15.81 32.66 23.71
N10 K7O P . -19.62 30.00 24.30
N12 K7O P . -18.71 30.56 26.23
C14 K7O P . -20.56 29.82 25.30
CL24 K7O P . -9.94 33.44 21.65
CL25 K7O P . -14.80 34.96 19.84
#